data_2SAM
# 
_entry.id   2SAM 
# 
_audit_conform.dict_name       mmcif_pdbx.dic 
_audit_conform.dict_version    5.399 
_audit_conform.dict_location   http://mmcif.pdb.org/dictionaries/ascii/mmcif_pdbx.dic 
# 
loop_
_database_2.database_id 
_database_2.database_code 
_database_2.pdbx_database_accession 
_database_2.pdbx_DOI 
PDB   2SAM         pdb_00002sam 10.2210/pdb2sam/pdb 
WWPDB D_1000178610 ?            ?                   
# 
loop_
_pdbx_audit_revision_history.ordinal 
_pdbx_audit_revision_history.data_content_type 
_pdbx_audit_revision_history.major_revision 
_pdbx_audit_revision_history.minor_revision 
_pdbx_audit_revision_history.revision_date 
1 'Structure model' 1 0 1994-10-15 
2 'Structure model' 1 1 2008-03-25 
3 'Structure model' 1 2 2011-07-13 
4 'Structure model' 1 3 2017-11-29 
5 'Structure model' 1 4 2024-11-20 
# 
_pdbx_audit_revision_details.ordinal             1 
_pdbx_audit_revision_details.revision_ordinal    1 
_pdbx_audit_revision_details.data_content_type   'Structure model' 
_pdbx_audit_revision_details.provider            repository 
_pdbx_audit_revision_details.type                'Initial release' 
_pdbx_audit_revision_details.description         ? 
_pdbx_audit_revision_details.details             ? 
# 
loop_
_pdbx_audit_revision_group.ordinal 
_pdbx_audit_revision_group.revision_ordinal 
_pdbx_audit_revision_group.data_content_type 
_pdbx_audit_revision_group.group 
1 2 'Structure model' 'Version format compliance' 
2 3 'Structure model' 'Derived calculations'      
3 3 'Structure model' 'Version format compliance' 
4 4 'Structure model' 'Derived calculations'      
5 4 'Structure model' Other                       
6 5 'Structure model' 'Data collection'           
7 5 'Structure model' 'Database references'       
8 5 'Structure model' 'Derived calculations'      
9 5 'Structure model' 'Structure summary'         
# 
loop_
_pdbx_audit_revision_category.ordinal 
_pdbx_audit_revision_category.revision_ordinal 
_pdbx_audit_revision_category.data_content_type 
_pdbx_audit_revision_category.category 
1  4 'Structure model' pdbx_database_status      
2  4 'Structure model' struct_conf               
3  4 'Structure model' struct_conf_type          
4  5 'Structure model' chem_comp_atom            
5  5 'Structure model' chem_comp_bond            
6  5 'Structure model' database_2                
7  5 'Structure model' pdbx_entry_details        
8  5 'Structure model' pdbx_modification_feature 
9  5 'Structure model' struct_conn               
10 5 'Structure model' struct_ref_seq_dif        
11 5 'Structure model' struct_site               
# 
loop_
_pdbx_audit_revision_item.ordinal 
_pdbx_audit_revision_item.revision_ordinal 
_pdbx_audit_revision_item.data_content_type 
_pdbx_audit_revision_item.item 
1 4 'Structure model' '_pdbx_database_status.process_site'           
2 5 'Structure model' '_database_2.pdbx_DOI'                         
3 5 'Structure model' '_database_2.pdbx_database_accession'          
4 5 'Structure model' '_pdbx_entry_details.has_protein_modification' 
5 5 'Structure model' '_struct_conn.pdbx_leaving_atom_flag'          
6 5 'Structure model' '_struct_ref_seq_dif.details'                  
7 5 'Structure model' '_struct_site.pdbx_auth_asym_id'               
8 5 'Structure model' '_struct_site.pdbx_auth_comp_id'               
9 5 'Structure model' '_struct_site.pdbx_auth_seq_id'                
# 
_pdbx_database_status.status_code                     REL 
_pdbx_database_status.entry_id                        2SAM 
_pdbx_database_status.recvd_initial_deposition_date   1994-07-08 
_pdbx_database_status.deposit_site                    ? 
_pdbx_database_status.process_site                    BNL 
_pdbx_database_status.SG_entry                        . 
_pdbx_database_status.pdb_format_compatible           Y 
_pdbx_database_status.status_code_mr                  ? 
_pdbx_database_status.status_code_sf                  ? 
_pdbx_database_status.status_code_cs                  ? 
_pdbx_database_status.methods_development_category    ? 
_pdbx_database_status.status_code_nmr_data            ? 
# 
loop_
_audit_author.name 
_audit_author.pdbx_ordinal 
'Rose, R.B.'   1 
'Rose, J.R.'   2 
'Salto, R.'    3 
'Craik, C.S.'  4 
'Stroud, R.M.' 5 
# 
_citation.id                        primary 
_citation.title                     
'Structure of the protease from simian immunodeficiency virus: complex with an irreversible nonpeptide inhibitor.' 
_citation.journal_abbrev            Biochemistry 
_citation.journal_volume            32 
_citation.page_first                12498 
_citation.page_last                 12507 
_citation.year                      1993 
_citation.journal_id_ASTM           BICHAW 
_citation.country                   US 
_citation.journal_id_ISSN           0006-2960 
_citation.journal_id_CSD            0033 
_citation.book_publisher            ? 
_citation.pdbx_database_id_PubMed   8241141 
_citation.pdbx_database_id_DOI      10.1021/bi00097a030 
# 
loop_
_citation_author.citation_id 
_citation_author.name 
_citation_author.ordinal 
_citation_author.identifier_ORCID 
primary 'Rose, R.B.'   1 ? 
primary 'Rose, J.R.'   2 ? 
primary 'Salto, R.'    3 ? 
primary 'Craik, C.S.'  4 ? 
primary 'Stroud, R.M.' 5 ? 
# 
loop_
_entity.id 
_entity.type 
_entity.src_method 
_entity.pdbx_description 
_entity.formula_weight 
_entity.pdbx_number_of_molecules 
_entity.pdbx_ec 
_entity.pdbx_mutation 
_entity.pdbx_fragment 
_entity.details 
1 polymer     man 'SIV PROTEASE'                    10782.454 1  ? ? ? ? 
2 non-polymer syn '3-(4-NITRO-PHENOXY)-PROPAN-1-OL' 197.188   1  ? ? ? ? 
3 water       nat water                             18.015    24 ? ? ? ? 
# 
_entity_poly.entity_id                      1 
_entity_poly.type                           'polypeptide(L)' 
_entity_poly.nstd_linkage                   no 
_entity_poly.nstd_monomer                   no 
_entity_poly.pdbx_seq_one_letter_code       
;PQFHLWKRPVVTAHIEGQPVEVLLDTGADDSIVTGIELGPHYTPKIVGGIGGFINTKEYKNVEIEVLGKRIKGTIMTGDT
PINIFGRNLLTALGMSLNF
;
_entity_poly.pdbx_seq_one_letter_code_can   
;PQFHLWKRPVVTAHIEGQPVEVLLDTGADDSIVTGIELGPHYTPKIVGGIGGFINTKEYKNVEIEVLGKRIKGTIMTGDT
PINIFGRNLLTALGMSLNF
;
_entity_poly.pdbx_strand_id                 A 
_entity_poly.pdbx_target_identifier         ? 
# 
loop_
_pdbx_entity_nonpoly.entity_id 
_pdbx_entity_nonpoly.name 
_pdbx_entity_nonpoly.comp_id 
2 '3-(4-NITRO-PHENOXY)-PROPAN-1-OL' EPN 
3 water                             HOH 
# 
loop_
_entity_poly_seq.entity_id 
_entity_poly_seq.num 
_entity_poly_seq.mon_id 
_entity_poly_seq.hetero 
1 1  PRO n 
1 2  GLN n 
1 3  PHE n 
1 4  HIS n 
1 5  LEU n 
1 6  TRP n 
1 7  LYS n 
1 8  ARG n 
1 9  PRO n 
1 10 VAL n 
1 11 VAL n 
1 12 THR n 
1 13 ALA n 
1 14 HIS n 
1 15 ILE n 
1 16 GLU n 
1 17 GLY n 
1 18 GLN n 
1 19 PRO n 
1 20 VAL n 
1 21 GLU n 
1 22 VAL n 
1 23 LEU n 
1 24 LEU n 
1 25 ASP n 
1 26 THR n 
1 27 GLY n 
1 28 ALA n 
1 29 ASP n 
1 30 ASP n 
1 31 SER n 
1 32 ILE n 
1 33 VAL n 
1 34 THR n 
1 35 GLY n 
1 36 ILE n 
1 37 GLU n 
1 38 LEU n 
1 39 GLY n 
1 40 PRO n 
1 41 HIS n 
1 42 TYR n 
1 43 THR n 
1 44 PRO n 
1 45 LYS n 
1 46 ILE n 
1 47 VAL n 
1 48 GLY n 
1 49 GLY n 
1 50 ILE n 
1 51 GLY n 
1 52 GLY n 
1 53 PHE n 
1 54 ILE n 
1 55 ASN n 
1 56 THR n 
1 57 LYS n 
1 58 GLU n 
1 59 TYR n 
1 60 LYS n 
1 61 ASN n 
1 62 VAL n 
1 63 GLU n 
1 64 ILE n 
1 65 GLU n 
1 66 VAL n 
1 67 LEU n 
1 68 GLY n 
1 69 LYS n 
1 70 ARG n 
1 71 ILE n 
1 72 LYS n 
1 73 GLY n 
1 74 THR n 
1 75 ILE n 
1 76 MET n 
1 77 THR n 
1 78 GLY n 
1 79 ASP n 
1 80 THR n 
1 81 PRO n 
1 82 ILE n 
1 83 ASN n 
1 84 ILE n 
1 85 PHE n 
1 86 GLY n 
1 87 ARG n 
1 88 ASN n 
1 89 LEU n 
1 90 LEU n 
1 91 THR n 
1 92 ALA n 
1 93 LEU n 
1 94 GLY n 
1 95 MET n 
1 96 SER n 
1 97 LEU n 
1 98 ASN n 
1 99 PHE n 
# 
_entity_src_gen.entity_id                          1 
_entity_src_gen.pdbx_src_id                        1 
_entity_src_gen.pdbx_alt_source_flag               sample 
_entity_src_gen.pdbx_seq_type                      ? 
_entity_src_gen.pdbx_beg_seq_num                   ? 
_entity_src_gen.pdbx_end_seq_num                   ? 
_entity_src_gen.gene_src_common_name               ? 
_entity_src_gen.gene_src_genus                     Lentivirus 
_entity_src_gen.pdbx_gene_src_gene                 ? 
_entity_src_gen.gene_src_species                   ? 
_entity_src_gen.gene_src_strain                    ? 
_entity_src_gen.gene_src_tissue                    ? 
_entity_src_gen.gene_src_tissue_fraction           ? 
_entity_src_gen.gene_src_details                   ? 
_entity_src_gen.pdbx_gene_src_fragment             ? 
_entity_src_gen.pdbx_gene_src_scientific_name      'Simian immunodeficiency virus' 
_entity_src_gen.pdbx_gene_src_ncbi_taxonomy_id     11723 
_entity_src_gen.pdbx_gene_src_variant              ? 
_entity_src_gen.pdbx_gene_src_cell_line            ? 
_entity_src_gen.pdbx_gene_src_atcc                 ? 
_entity_src_gen.pdbx_gene_src_organ                ? 
_entity_src_gen.pdbx_gene_src_organelle            ? 
_entity_src_gen.pdbx_gene_src_cell                 ? 
_entity_src_gen.pdbx_gene_src_cellular_location    ? 
_entity_src_gen.host_org_common_name               ? 
_entity_src_gen.pdbx_host_org_scientific_name      ? 
_entity_src_gen.pdbx_host_org_ncbi_taxonomy_id     ? 
_entity_src_gen.host_org_genus                     ? 
_entity_src_gen.pdbx_host_org_gene                 ? 
_entity_src_gen.pdbx_host_org_organ                ? 
_entity_src_gen.host_org_species                   ? 
_entity_src_gen.pdbx_host_org_tissue               ? 
_entity_src_gen.pdbx_host_org_tissue_fraction      ? 
_entity_src_gen.pdbx_host_org_strain               ? 
_entity_src_gen.pdbx_host_org_variant              ? 
_entity_src_gen.pdbx_host_org_cell_line            ? 
_entity_src_gen.pdbx_host_org_atcc                 ? 
_entity_src_gen.pdbx_host_org_culture_collection   ? 
_entity_src_gen.pdbx_host_org_cell                 ? 
_entity_src_gen.pdbx_host_org_organelle            ? 
_entity_src_gen.pdbx_host_org_cellular_location    ? 
_entity_src_gen.pdbx_host_org_vector_type          PLASMID 
_entity_src_gen.pdbx_host_org_vector               ? 
_entity_src_gen.host_org_details                   ? 
_entity_src_gen.expression_system_id               ? 
_entity_src_gen.plasmid_name                       ? 
_entity_src_gen.plasmid_details                    ? 
_entity_src_gen.pdbx_description                   ? 
# 
loop_
_chem_comp.id 
_chem_comp.type 
_chem_comp.mon_nstd_flag 
_chem_comp.name 
_chem_comp.pdbx_synonyms 
_chem_comp.formula 
_chem_comp.formula_weight 
ALA 'L-peptide linking' y ALANINE                           ? 'C3 H7 N O2'     89.093  
ARG 'L-peptide linking' y ARGININE                          ? 'C6 H15 N4 O2 1' 175.209 
ASN 'L-peptide linking' y ASPARAGINE                        ? 'C4 H8 N2 O3'    132.118 
ASP 'L-peptide linking' y 'ASPARTIC ACID'                   ? 'C4 H7 N O4'     133.103 
EPN non-polymer         . '3-(4-NITRO-PHENOXY)-PROPAN-1-OL' ? 'C9 H11 N O4'    197.188 
GLN 'L-peptide linking' y GLUTAMINE                         ? 'C5 H10 N2 O3'   146.144 
GLU 'L-peptide linking' y 'GLUTAMIC ACID'                   ? 'C5 H9 N O4'     147.129 
GLY 'peptide linking'   y GLYCINE                           ? 'C2 H5 N O2'     75.067  
HIS 'L-peptide linking' y HISTIDINE                         ? 'C6 H10 N3 O2 1' 156.162 
HOH non-polymer         . WATER                             ? 'H2 O'           18.015  
ILE 'L-peptide linking' y ISOLEUCINE                        ? 'C6 H13 N O2'    131.173 
LEU 'L-peptide linking' y LEUCINE                           ? 'C6 H13 N O2'    131.173 
LYS 'L-peptide linking' y LYSINE                            ? 'C6 H15 N2 O2 1' 147.195 
MET 'L-peptide linking' y METHIONINE                        ? 'C5 H11 N O2 S'  149.211 
PHE 'L-peptide linking' y PHENYLALANINE                     ? 'C9 H11 N O2'    165.189 
PRO 'L-peptide linking' y PROLINE                           ? 'C5 H9 N O2'     115.130 
SER 'L-peptide linking' y SERINE                            ? 'C3 H7 N O3'     105.093 
THR 'L-peptide linking' y THREONINE                         ? 'C4 H9 N O3'     119.119 
TRP 'L-peptide linking' y TRYPTOPHAN                        ? 'C11 H12 N2 O2'  204.225 
TYR 'L-peptide linking' y TYROSINE                          ? 'C9 H11 N O3'    181.189 
VAL 'L-peptide linking' y VALINE                            ? 'C5 H11 N O2'    117.146 
# 
loop_
_pdbx_poly_seq_scheme.asym_id 
_pdbx_poly_seq_scheme.entity_id 
_pdbx_poly_seq_scheme.seq_id 
_pdbx_poly_seq_scheme.mon_id 
_pdbx_poly_seq_scheme.ndb_seq_num 
_pdbx_poly_seq_scheme.pdb_seq_num 
_pdbx_poly_seq_scheme.auth_seq_num 
_pdbx_poly_seq_scheme.pdb_mon_id 
_pdbx_poly_seq_scheme.auth_mon_id 
_pdbx_poly_seq_scheme.pdb_strand_id 
_pdbx_poly_seq_scheme.pdb_ins_code 
_pdbx_poly_seq_scheme.hetero 
A 1 1  PRO 1  1  1  PRO PRO A . n 
A 1 2  GLN 2  2  2  GLN GLN A . n 
A 1 3  PHE 3  3  3  PHE PHE A . n 
A 1 4  HIS 4  4  4  HIS HIS A . n 
A 1 5  LEU 5  5  5  LEU LEU A . n 
A 1 6  TRP 6  6  6  TRP TRP A . n 
A 1 7  LYS 7  7  7  LYS LYS A . n 
A 1 8  ARG 8  8  8  ARG ARG A . n 
A 1 9  PRO 9  9  9  PRO PRO A . n 
A 1 10 VAL 10 10 10 VAL VAL A . n 
A 1 11 VAL 11 11 11 VAL VAL A . n 
A 1 12 THR 12 12 12 THR THR A . n 
A 1 13 ALA 13 13 13 ALA ALA A . n 
A 1 14 HIS 14 14 14 HIS HIS A . n 
A 1 15 ILE 15 15 15 ILE ILE A . n 
A 1 16 GLU 16 16 16 GLU GLU A . n 
A 1 17 GLY 17 17 17 GLY GLY A . n 
A 1 18 GLN 18 18 18 GLN GLN A . n 
A 1 19 PRO 19 19 19 PRO PRO A . n 
A 1 20 VAL 20 20 20 VAL VAL A . n 
A 1 21 GLU 21 21 21 GLU GLU A . n 
A 1 22 VAL 22 22 22 VAL VAL A . n 
A 1 23 LEU 23 23 23 LEU LEU A . n 
A 1 24 LEU 24 24 24 LEU LEU A . n 
A 1 25 ASP 25 25 25 ASP ASP A . n 
A 1 26 THR 26 26 26 THR THR A . n 
A 1 27 GLY 27 27 27 GLY GLY A . n 
A 1 28 ALA 28 28 28 ALA ALA A . n 
A 1 29 ASP 29 29 29 ASP ASP A . n 
A 1 30 ASP 30 30 30 ASP ASP A . n 
A 1 31 SER 31 31 31 SER SER A . n 
A 1 32 ILE 32 32 32 ILE ILE A . n 
A 1 33 VAL 33 33 33 VAL VAL A . n 
A 1 34 THR 34 34 34 THR THR A . n 
A 1 35 GLY 35 35 35 GLY GLY A . n 
A 1 36 ILE 36 36 36 ILE ILE A . n 
A 1 37 GLU 37 37 37 GLU GLU A . n 
A 1 38 LEU 38 38 38 LEU LEU A . n 
A 1 39 GLY 39 39 39 GLY GLY A . n 
A 1 40 PRO 40 40 40 PRO PRO A . n 
A 1 41 HIS 41 41 41 HIS HIS A . n 
A 1 42 TYR 42 42 42 TYR TYR A . n 
A 1 43 THR 43 43 43 THR THR A . n 
A 1 44 PRO 44 44 44 PRO PRO A . n 
A 1 45 LYS 45 45 45 LYS LYS A . n 
A 1 46 ILE 46 46 46 ILE ILE A . n 
A 1 47 VAL 47 47 47 VAL VAL A . n 
A 1 48 GLY 48 48 48 GLY GLY A . n 
A 1 49 GLY 49 49 49 GLY GLY A . n 
A 1 50 ILE 50 50 50 ILE ILE A . n 
A 1 51 GLY 51 51 51 GLY GLY A . n 
A 1 52 GLY 52 52 52 GLY GLY A . n 
A 1 53 PHE 53 53 53 PHE PHE A . n 
A 1 54 ILE 54 54 54 ILE ILE A . n 
A 1 55 ASN 55 55 55 ASN ASN A . n 
A 1 56 THR 56 56 56 THR THR A . n 
A 1 57 LYS 57 57 57 LYS LYS A . n 
A 1 58 GLU 58 58 58 GLU GLU A . n 
A 1 59 TYR 59 59 59 TYR TYR A . n 
A 1 60 LYS 60 60 60 LYS LYS A . n 
A 1 61 ASN 61 61 61 ASN ASN A . n 
A 1 62 VAL 62 62 62 VAL VAL A . n 
A 1 63 GLU 63 63 63 GLU GLU A . n 
A 1 64 ILE 64 64 64 ILE ILE A . n 
A 1 65 GLU 65 65 65 GLU GLU A . n 
A 1 66 VAL 66 66 66 VAL VAL A . n 
A 1 67 LEU 67 67 67 LEU LEU A . n 
A 1 68 GLY 68 68 68 GLY GLY A . n 
A 1 69 LYS 69 69 69 LYS LYS A . n 
A 1 70 ARG 70 70 70 ARG ARG A . n 
A 1 71 ILE 71 71 71 ILE ILE A . n 
A 1 72 LYS 72 72 72 LYS LYS A . n 
A 1 73 GLY 73 73 73 GLY GLY A . n 
A 1 74 THR 74 74 74 THR THR A . n 
A 1 75 ILE 75 75 75 ILE ILE A . n 
A 1 76 MET 76 76 76 MET MET A . n 
A 1 77 THR 77 77 77 THR THR A . n 
A 1 78 GLY 78 78 78 GLY GLY A . n 
A 1 79 ASP 79 79 79 ASP ASP A . n 
A 1 80 THR 80 80 80 THR THR A . n 
A 1 81 PRO 81 81 81 PRO PRO A . n 
A 1 82 ILE 82 82 82 ILE ILE A . n 
A 1 83 ASN 83 83 83 ASN ASN A . n 
A 1 84 ILE 84 84 84 ILE ILE A . n 
A 1 85 PHE 85 85 85 PHE PHE A . n 
A 1 86 GLY 86 86 86 GLY GLY A . n 
A 1 87 ARG 87 87 87 ARG ARG A . n 
A 1 88 ASN 88 88 88 ASN ASN A . n 
A 1 89 LEU 89 89 89 LEU LEU A . n 
A 1 90 LEU 90 90 90 LEU LEU A . n 
A 1 91 THR 91 91 91 THR THR A . n 
A 1 92 ALA 92 92 92 ALA ALA A . n 
A 1 93 LEU 93 93 93 LEU LEU A . n 
A 1 94 GLY 94 94 94 GLY GLY A . n 
A 1 95 MET 95 95 95 MET MET A . n 
A 1 96 SER 96 96 96 SER SER A . n 
A 1 97 LEU 97 97 97 LEU LEU A . n 
A 1 98 ASN 98 98 98 ASN ASN A . n 
A 1 99 PHE 99 99 99 PHE PHE A . n 
# 
loop_
_pdbx_nonpoly_scheme.asym_id 
_pdbx_nonpoly_scheme.entity_id 
_pdbx_nonpoly_scheme.mon_id 
_pdbx_nonpoly_scheme.ndb_seq_num 
_pdbx_nonpoly_scheme.pdb_seq_num 
_pdbx_nonpoly_scheme.auth_seq_num 
_pdbx_nonpoly_scheme.pdb_mon_id 
_pdbx_nonpoly_scheme.auth_mon_id 
_pdbx_nonpoly_scheme.pdb_strand_id 
_pdbx_nonpoly_scheme.pdb_ins_code 
B 2 EPN 1  101 101 EPN EPN A . 
C 3 HOH 1  301 301 HOH HOH A . 
C 3 HOH 2  302 302 HOH HOH A . 
C 3 HOH 3  303 303 HOH HOH A . 
C 3 HOH 4  304 304 HOH HOH A . 
C 3 HOH 5  305 305 HOH HOH A . 
C 3 HOH 6  306 306 HOH HOH A . 
C 3 HOH 7  308 308 HOH HOH A . 
C 3 HOH 8  309 309 HOH HOH A . 
C 3 HOH 9  310 310 HOH HOH A . 
C 3 HOH 10 311 311 HOH HOH A . 
C 3 HOH 11 312 312 HOH HOH A . 
C 3 HOH 12 313 313 HOH HOH A . 
C 3 HOH 13 314 314 HOH HOH A . 
C 3 HOH 14 315 315 HOH HOH A . 
C 3 HOH 15 316 316 HOH HOH A . 
C 3 HOH 16 317 317 HOH HOH A . 
C 3 HOH 17 318 318 HOH HOH A . 
C 3 HOH 18 319 319 HOH HOH A . 
C 3 HOH 19 320 320 HOH HOH A . 
C 3 HOH 20 321 321 HOH HOH A . 
C 3 HOH 21 322 322 HOH HOH A . 
C 3 HOH 22 323 323 HOH HOH A . 
C 3 HOH 23 324 324 HOH HOH A . 
C 3 HOH 24 325 325 HOH HOH A . 
# 
loop_
_pdbx_unobs_or_zero_occ_atoms.id 
_pdbx_unobs_or_zero_occ_atoms.PDB_model_num 
_pdbx_unobs_or_zero_occ_atoms.polymer_flag 
_pdbx_unobs_or_zero_occ_atoms.occupancy_flag 
_pdbx_unobs_or_zero_occ_atoms.auth_asym_id 
_pdbx_unobs_or_zero_occ_atoms.auth_comp_id 
_pdbx_unobs_or_zero_occ_atoms.auth_seq_id 
_pdbx_unobs_or_zero_occ_atoms.PDB_ins_code 
_pdbx_unobs_or_zero_occ_atoms.auth_atom_id 
_pdbx_unobs_or_zero_occ_atoms.label_alt_id 
_pdbx_unobs_or_zero_occ_atoms.label_asym_id 
_pdbx_unobs_or_zero_occ_atoms.label_comp_id 
_pdbx_unobs_or_zero_occ_atoms.label_seq_id 
_pdbx_unobs_or_zero_occ_atoms.label_atom_id 
1  1 Y 1 A LYS 7  ? CG  ? A LYS 7  CG  
2  1 Y 1 A LYS 7  ? CD  ? A LYS 7  CD  
3  1 Y 1 A LYS 7  ? CE  ? A LYS 7  CE  
4  1 Y 1 A LYS 7  ? NZ  ? A LYS 7  NZ  
5  1 Y 1 A GLU 37 ? CG  ? A GLU 37 CG  
6  1 Y 1 A GLU 37 ? CD  ? A GLU 37 CD  
7  1 Y 1 A GLU 37 ? OE1 ? A GLU 37 OE1 
8  1 Y 1 A GLU 37 ? OE2 ? A GLU 37 OE2 
9  1 Y 1 A ARG 70 ? CG  ? A ARG 70 CG  
10 1 Y 1 A ARG 70 ? CD  ? A ARG 70 CD  
11 1 Y 1 A ARG 70 ? NE  ? A ARG 70 NE  
12 1 Y 1 A ARG 70 ? CZ  ? A ARG 70 CZ  
13 1 Y 1 A ARG 70 ? NH1 ? A ARG 70 NH1 
14 1 Y 1 A ARG 70 ? NH2 ? A ARG 70 NH2 
15 1 Y 1 A LYS 72 ? CG  ? A LYS 72 CG  
16 1 Y 1 A LYS 72 ? CD  ? A LYS 72 CD  
17 1 Y 1 A LYS 72 ? CE  ? A LYS 72 CE  
18 1 Y 1 A LYS 72 ? NZ  ? A LYS 72 NZ  
# 
loop_
_software.name 
_software.classification 
_software.version 
_software.citation_id 
_software.pdbx_ordinal 
X-PLOR 'model building' . ? 1 
X-PLOR refinement       . ? 2 
X-PLOR phasing          . ? 3 
# 
_cell.entry_id           2SAM 
_cell.length_a           62.700 
_cell.length_b           32.200 
_cell.length_c           96.100 
_cell.angle_alpha        90.00 
_cell.angle_beta         90.00 
_cell.angle_gamma        90.00 
_cell.Z_PDB              8 
_cell.pdbx_unique_axis   ? 
# 
_symmetry.entry_id                         2SAM 
_symmetry.space_group_name_H-M             'C 2 2 21' 
_symmetry.pdbx_full_space_group_name_H-M   ? 
_symmetry.cell_setting                     ? 
_symmetry.Int_Tables_number                20 
# 
_exptl.entry_id          2SAM 
_exptl.method            'X-RAY DIFFRACTION' 
_exptl.crystals_number   ? 
# 
_exptl_crystal.id                    1 
_exptl_crystal.density_meas          ? 
_exptl_crystal.density_Matthews      2.25 
_exptl_crystal.density_percent_sol   45.28 
_exptl_crystal.description           ? 
# 
_diffrn.id                     1 
_diffrn.crystal_id             1 
_diffrn.ambient_temp           ? 
_diffrn.ambient_temp_details   ? 
# 
_refine.entry_id                                 2SAM 
_refine.ls_number_reflns_obs                     21880 
_refine.ls_number_reflns_all                     ? 
_refine.pdbx_ls_sigma_I                          ? 
_refine.pdbx_ls_sigma_F                          1.0 
_refine.pdbx_data_cutoff_high_absF               ? 
_refine.pdbx_data_cutoff_low_absF                ? 
_refine.pdbx_data_cutoff_high_rms_absF           ? 
_refine.ls_d_res_low                             40. 
_refine.ls_d_res_high                            2.4 
_refine.ls_percent_reflns_obs                    ? 
_refine.ls_R_factor_obs                          0.1900000 
_refine.ls_R_factor_all                          ? 
_refine.ls_R_factor_R_work                       0.1900000 
_refine.ls_R_factor_R_free                       ? 
_refine.ls_R_factor_R_free_error                 ? 
_refine.ls_R_factor_R_free_error_details         ? 
_refine.ls_percent_reflns_R_free                 ? 
_refine.ls_number_reflns_R_free                  ? 
_refine.ls_number_parameters                     ? 
_refine.ls_number_restraints                     ? 
_refine.occupancy_min                            ? 
_refine.occupancy_max                            ? 
_refine.B_iso_mean                               ? 
_refine.aniso_B[1][1]                            ? 
_refine.aniso_B[2][2]                            ? 
_refine.aniso_B[3][3]                            ? 
_refine.aniso_B[1][2]                            ? 
_refine.aniso_B[1][3]                            ? 
_refine.aniso_B[2][3]                            ? 
_refine.solvent_model_details                    ? 
_refine.solvent_model_param_ksol                 ? 
_refine.solvent_model_param_bsol                 ? 
_refine.pdbx_ls_cross_valid_method               ? 
_refine.details                                  ? 
_refine.pdbx_starting_model                      ? 
_refine.pdbx_method_to_determine_struct          ? 
_refine.pdbx_isotropic_thermal_model             ? 
_refine.pdbx_stereochemistry_target_values       ? 
_refine.pdbx_stereochem_target_val_spec_case     ? 
_refine.pdbx_R_Free_selection_details            ? 
_refine.pdbx_overall_ESU_R                       ? 
_refine.pdbx_overall_ESU_R_Free                  ? 
_refine.overall_SU_ML                            ? 
_refine.overall_SU_B                             ? 
_refine.pdbx_refine_id                           'X-RAY DIFFRACTION' 
_refine.pdbx_diffrn_id                           1 
_refine.pdbx_TLS_residual_ADP_flag               ? 
_refine.correlation_coeff_Fo_to_Fc               ? 
_refine.correlation_coeff_Fo_to_Fc_free          ? 
_refine.pdbx_solvent_vdw_probe_radii             ? 
_refine.pdbx_solvent_ion_probe_radii             ? 
_refine.pdbx_solvent_shrinkage_radii             ? 
_refine.pdbx_overall_phase_error                 ? 
_refine.overall_SU_R_Cruickshank_DPI             ? 
_refine.pdbx_overall_SU_R_free_Cruickshank_DPI   ? 
_refine.pdbx_overall_SU_R_Blow_DPI               ? 
_refine.pdbx_overall_SU_R_free_Blow_DPI          ? 
# 
_refine_hist.pdbx_refine_id                   'X-RAY DIFFRACTION' 
_refine_hist.cycle_id                         LAST 
_refine_hist.pdbx_number_atoms_protein        742 
_refine_hist.pdbx_number_atoms_nucleic_acid   0 
_refine_hist.pdbx_number_atoms_ligand         14 
_refine_hist.number_atoms_solvent             24 
_refine_hist.number_atoms_total               780 
_refine_hist.d_res_high                       2.4 
_refine_hist.d_res_low                        40. 
# 
loop_
_refine_ls_restr.type 
_refine_ls_restr.dev_ideal 
_refine_ls_restr.dev_ideal_target 
_refine_ls_restr.weight 
_refine_ls_restr.number 
_refine_ls_restr.pdbx_refine_id 
_refine_ls_restr.pdbx_restraint_function 
x_bond_d                0.014 ? ? ? 'X-RAY DIFFRACTION' ? 
x_bond_d_na             ?     ? ? ? 'X-RAY DIFFRACTION' ? 
x_bond_d_prot           ?     ? ? ? 'X-RAY DIFFRACTION' ? 
x_angle_d               ?     ? ? ? 'X-RAY DIFFRACTION' ? 
x_angle_d_na            ?     ? ? ? 'X-RAY DIFFRACTION' ? 
x_angle_d_prot          ?     ? ? ? 'X-RAY DIFFRACTION' ? 
x_angle_deg             3.2   ? ? ? 'X-RAY DIFFRACTION' ? 
x_angle_deg_na          ?     ? ? ? 'X-RAY DIFFRACTION' ? 
x_angle_deg_prot        ?     ? ? ? 'X-RAY DIFFRACTION' ? 
x_dihedral_angle_d      ?     ? ? ? 'X-RAY DIFFRACTION' ? 
x_dihedral_angle_d_na   ?     ? ? ? 'X-RAY DIFFRACTION' ? 
x_dihedral_angle_d_prot ?     ? ? ? 'X-RAY DIFFRACTION' ? 
x_improper_angle_d      ?     ? ? ? 'X-RAY DIFFRACTION' ? 
x_improper_angle_d_na   ?     ? ? ? 'X-RAY DIFFRACTION' ? 
x_improper_angle_d_prot ?     ? ? ? 'X-RAY DIFFRACTION' ? 
x_mcbond_it             ?     ? ? ? 'X-RAY DIFFRACTION' ? 
x_mcangle_it            ?     ? ? ? 'X-RAY DIFFRACTION' ? 
x_scbond_it             ?     ? ? ? 'X-RAY DIFFRACTION' ? 
x_scangle_it            ?     ? ? ? 'X-RAY DIFFRACTION' ? 
# 
_struct.entry_id                  2SAM 
_struct.title                     
'STRUCTURE OF THE PROTEASE FROM SIMIAN IMMUNODEFICIENCY VIRUS: COMPLEX WITH AN IRREVERSIBLE NON-PEPTIDE INHIBITOR' 
_struct.pdbx_model_details        ? 
_struct.pdbx_CASP_flag            ? 
_struct.pdbx_model_type_details   ? 
# 
_struct_keywords.entry_id        2SAM 
_struct_keywords.pdbx_keywords   'HYDROLASE(ACID PROTEASE)' 
_struct_keywords.text            'HYDROLASE(ACID PROTEASE)' 
# 
loop_
_struct_asym.id 
_struct_asym.pdbx_blank_PDB_chainid_flag 
_struct_asym.pdbx_modified 
_struct_asym.entity_id 
_struct_asym.details 
A N N 1 ? 
B N N 2 ? 
C N N 3 ? 
# 
_struct_ref.id                         1 
_struct_ref.db_name                    UNP 
_struct_ref.db_code                    Q88016_SIVCZ 
_struct_ref.entity_id                  1 
_struct_ref.pdbx_db_accession          Q88016 
_struct_ref.pdbx_align_begin           1 
_struct_ref.pdbx_seq_one_letter_code   
;VLELWEGRTLCKAMQSPKKTGMLEMWKNGPCYGQMPKQTGGFFRPWPLGKEAPQFPHGSSASGADANCSPRRTSCGSAKE
LHALGQAAERKQREALQGGDRGFAAPQFSLWRRPVVTAHIEGQPVEVLLDTGADDSIVTGIELGPHYTPKIVGGIGGFIN
TKEYKNVEIEVLGKRIKGTIMTGDTPINIFGRNLLTALGMSLNLPIAKVEPVKSPLKPGKDGPKLKQWPLSKEKIVALRE
ICEKMEKDGQLEEAPPTNPYNTPTFAIKKKDKNKWRMLIDFRELNRVTQDFTEVQLGIPHPAGLAKRKRITVLDIGDAYF
SIPLDEEFRQYTAFTLPSVNNAEPGKRYIYKVLPQGWKGSPAIFQYTMRHVLEPFRKANPDVTLVQYMDDILIASDRTDL
EHDRVVLQLKELLNSIGFSSPEEKFQKDPPFQWMGYELWPTKWKLQKIELPQRETWTVNDIQKLVGVLNWAAQIYPGIKT
KHLCRLIRGKMTLTEEVQWTEMAEAEYEENKIILSQEQEGCYYQESKPLEATVIKSQDNQWSYKIHQEDKILKVGKFAKI
KNTHTNGVRLLAHVIQKIGKEAIVIWGQVPKFHLPVEKDVWEQWWTDYWQVTWIPEWDFISTPPLVRLVFNLVKDPIEGE
ETYYVDGSCSKQSKEGKAGYITDRGKDKVKVLEQTTNQQAELEAFLMALTDSGPKANIIVDSQYVMGIITGCPTESESRL
VNQIIEEMIKKTEIYVAWVPAHKGIGGNQEIDHLVSQGIRQVLFLEKIEPAQEEHSKYHSNIKELVFKFGLPRLVAKQIV
DTCDKCHQKGEAIHGQVNSDLGTWQMDCTHLEGKIVIVAVHVASGFIEAEVIPQETGRQTALFLLKLASRWPITHLHTDN
GANFASQEVKMVAWWAGIEHTFGVPYNPQSQGVVEAMNHHLKNQIDRIREQANSVETIVLMAVHCMNFKRRGGIGDMTPA
ERLINMITTEQEIQFQQSKNSKFKNFRVYYREGRDQLWKGPGELLWKGEGAVILKVGTDIKVVPRRKAKIIKDYGGGKEM
DSSSHMEDTGEAREVA
;
_struct_ref.pdbx_db_isoform            ? 
# 
_struct_ref_seq.align_id                      1 
_struct_ref_seq.ref_id                        1 
_struct_ref_seq.pdbx_PDB_id_code              2SAM 
_struct_ref_seq.pdbx_strand_id                A 
_struct_ref_seq.seq_align_beg                 1 
_struct_ref_seq.pdbx_seq_align_beg_ins_code   ? 
_struct_ref_seq.seq_align_end                 98 
_struct_ref_seq.pdbx_seq_align_end_ins_code   ? 
_struct_ref_seq.pdbx_db_accession             Q88016 
_struct_ref_seq.db_align_beg                  106 
_struct_ref_seq.pdbx_db_align_beg_ins_code    ? 
_struct_ref_seq.db_align_end                  203 
_struct_ref_seq.pdbx_db_align_end_ins_code    ? 
_struct_ref_seq.pdbx_auth_seq_align_beg       1 
_struct_ref_seq.pdbx_auth_seq_align_end       98 
# 
loop_
_struct_ref_seq_dif.align_id 
_struct_ref_seq_dif.pdbx_pdb_id_code 
_struct_ref_seq_dif.mon_id 
_struct_ref_seq_dif.pdbx_pdb_strand_id 
_struct_ref_seq_dif.seq_num 
_struct_ref_seq_dif.pdbx_pdb_ins_code 
_struct_ref_seq_dif.pdbx_seq_db_name 
_struct_ref_seq_dif.pdbx_seq_db_accession_code 
_struct_ref_seq_dif.db_mon_id 
_struct_ref_seq_dif.pdbx_seq_db_seq_num 
_struct_ref_seq_dif.details 
_struct_ref_seq_dif.pdbx_auth_seq_num 
_struct_ref_seq_dif.pdbx_ordinal 
1 2SAM HIS A 4 ? UNP Q88016 SER 109 conflict 4 1 
1 2SAM LYS A 7 ? UNP Q88016 ARG 112 conflict 7 2 
# 
_pdbx_struct_assembly.id                   1 
_pdbx_struct_assembly.details              author_and_software_defined_assembly 
_pdbx_struct_assembly.method_details       PISA,PQS 
_pdbx_struct_assembly.oligomeric_details   dimeric 
_pdbx_struct_assembly.oligomeric_count     2 
# 
loop_
_pdbx_struct_assembly_prop.biol_id 
_pdbx_struct_assembly_prop.type 
_pdbx_struct_assembly_prop.value 
_pdbx_struct_assembly_prop.details 
1 'ABSA (A^2)' 4700 ? 
1 MORE         -12  ? 
1 'SSA (A^2)'  9190 ? 
# 
_pdbx_struct_assembly_gen.assembly_id       1 
_pdbx_struct_assembly_gen.oper_expression   1,2 
_pdbx_struct_assembly_gen.asym_id_list      A,B,C 
# 
loop_
_pdbx_struct_oper_list.id 
_pdbx_struct_oper_list.type 
_pdbx_struct_oper_list.name 
_pdbx_struct_oper_list.symmetry_operation 
_pdbx_struct_oper_list.matrix[1][1] 
_pdbx_struct_oper_list.matrix[1][2] 
_pdbx_struct_oper_list.matrix[1][3] 
_pdbx_struct_oper_list.vector[1] 
_pdbx_struct_oper_list.matrix[2][1] 
_pdbx_struct_oper_list.matrix[2][2] 
_pdbx_struct_oper_list.matrix[2][3] 
_pdbx_struct_oper_list.vector[2] 
_pdbx_struct_oper_list.matrix[3][1] 
_pdbx_struct_oper_list.matrix[3][2] 
_pdbx_struct_oper_list.matrix[3][3] 
_pdbx_struct_oper_list.vector[3] 
1 'identity operation'         1_555 x,y,z   1.0000000000  0.0000000000  0.0000000000 0.0000000000   0.0000000000  1.0000000000  0.0000000000  0.0000000000 0.0000000000 0.0000000000  1.0000000000 0.0000000000  
2 'crystal symmetry operation' 4_555 x,-y,-z -0.3551649534 -0.2688572780 0.8953064391 -17.1937023635 -0.2688572780 -0.8879027492 -0.3732887247 3.5672774761 0.8953064391 -0.3732887247 0.2430677027 13.4548237896 
# 
_struct_biol.id                    1 
_struct_biol.details               
;THE HIV-1 PROTEASE IS A DIMER.  IN THE CRYSTAL THE TWO
MONOMERS ARE RELATED BY A CRYSTALLOGRAPHIC TWO-FOLD AXIS.
TO GENERATE THE SYMMETRY RELATED MONOMER, THE FOLLOWING
TRANSFORMATION MUST BE APPLIED TO THE COORDINATES
PRESENTED IN THIS ENTRY

MTRIX1   1  1.000000  0.000000  0.000000       0.000000
MTRIX2   1  0.000000 -1.000000  0.000000       0.000000
MTRIX3   1  0.000000  0.000000 -1.000000       0.000000
;
_struct_biol.pdbx_parent_biol_id   ? 
# 
_struct_conf.conf_type_id            HELX_P 
_struct_conf.id                      HELX_P1 
_struct_conf.pdbx_PDB_helix_id       A 
_struct_conf.beg_label_comp_id       ARG 
_struct_conf.beg_label_asym_id       A 
_struct_conf.beg_label_seq_id        87 
_struct_conf.pdbx_beg_PDB_ins_code   ? 
_struct_conf.end_label_comp_id       GLY 
_struct_conf.end_label_asym_id       A 
_struct_conf.end_label_seq_id        94 
_struct_conf.pdbx_end_PDB_ins_code   ? 
_struct_conf.beg_auth_comp_id        ARG 
_struct_conf.beg_auth_asym_id        A 
_struct_conf.beg_auth_seq_id         87 
_struct_conf.end_auth_comp_id        GLY 
_struct_conf.end_auth_asym_id        A 
_struct_conf.end_auth_seq_id         94 
_struct_conf.pdbx_PDB_helix_class    1 
_struct_conf.details                 ? 
_struct_conf.pdbx_PDB_helix_length   8 
# 
_struct_conf_type.id          HELX_P 
_struct_conf_type.criteria    ? 
_struct_conf_type.reference   ? 
# 
_struct_conn.id                            covale1 
_struct_conn.conn_type_id                  covale 
_struct_conn.pdbx_leaving_atom_flag        none 
_struct_conn.pdbx_PDB_id                   ? 
_struct_conn.ptnr1_label_asym_id           A 
_struct_conn.ptnr1_label_comp_id           ASP 
_struct_conn.ptnr1_label_seq_id            25 
_struct_conn.ptnr1_label_atom_id           OD2 
_struct_conn.pdbx_ptnr1_label_alt_id       ? 
_struct_conn.pdbx_ptnr1_PDB_ins_code       ? 
_struct_conn.pdbx_ptnr1_standard_comp_id   ? 
_struct_conn.ptnr1_symmetry                1_555 
_struct_conn.ptnr2_label_asym_id           B 
_struct_conn.ptnr2_label_comp_id           EPN 
_struct_conn.ptnr2_label_seq_id            . 
_struct_conn.ptnr2_label_atom_id           C2 
_struct_conn.pdbx_ptnr2_label_alt_id       ? 
_struct_conn.pdbx_ptnr2_PDB_ins_code       ? 
_struct_conn.ptnr1_auth_asym_id            A 
_struct_conn.ptnr1_auth_comp_id            ASP 
_struct_conn.ptnr1_auth_seq_id             25 
_struct_conn.ptnr2_auth_asym_id            A 
_struct_conn.ptnr2_auth_comp_id            EPN 
_struct_conn.ptnr2_auth_seq_id             101 
_struct_conn.ptnr2_symmetry                1_555 
_struct_conn.pdbx_ptnr3_label_atom_id      ? 
_struct_conn.pdbx_ptnr3_label_seq_id       ? 
_struct_conn.pdbx_ptnr3_label_comp_id      ? 
_struct_conn.pdbx_ptnr3_label_asym_id      ? 
_struct_conn.pdbx_ptnr3_label_alt_id       ? 
_struct_conn.pdbx_ptnr3_PDB_ins_code       ? 
_struct_conn.details                       ? 
_struct_conn.pdbx_dist_value               1.381 
_struct_conn.pdbx_value_order              ? 
_struct_conn.pdbx_role                     ? 
# 
_struct_conn_type.id          covale 
_struct_conn_type.criteria    ? 
_struct_conn_type.reference   ? 
# 
_pdbx_modification_feature.ordinal                            1 
_pdbx_modification_feature.label_comp_id                      EPN 
_pdbx_modification_feature.label_asym_id                      B 
_pdbx_modification_feature.label_seq_id                       . 
_pdbx_modification_feature.label_alt_id                       ? 
_pdbx_modification_feature.modified_residue_label_comp_id     ASP 
_pdbx_modification_feature.modified_residue_label_asym_id     A 
_pdbx_modification_feature.modified_residue_label_seq_id      25 
_pdbx_modification_feature.modified_residue_label_alt_id      ? 
_pdbx_modification_feature.auth_comp_id                       EPN 
_pdbx_modification_feature.auth_asym_id                       A 
_pdbx_modification_feature.auth_seq_id                        101 
_pdbx_modification_feature.PDB_ins_code                       ? 
_pdbx_modification_feature.symmetry                           1_555 
_pdbx_modification_feature.modified_residue_auth_comp_id      ASP 
_pdbx_modification_feature.modified_residue_auth_asym_id      A 
_pdbx_modification_feature.modified_residue_auth_seq_id       25 
_pdbx_modification_feature.modified_residue_PDB_ins_code      ? 
_pdbx_modification_feature.modified_residue_symmetry          1_555 
_pdbx_modification_feature.comp_id_linking_atom               C2 
_pdbx_modification_feature.modified_residue_id_linking_atom   OD2 
_pdbx_modification_feature.modified_residue_id                ASP 
_pdbx_modification_feature.ref_pcm_id                         1 
_pdbx_modification_feature.ref_comp_id                        EPN 
_pdbx_modification_feature.type                               None 
_pdbx_modification_feature.category                           'Covalent chemical modification' 
# 
loop_
_struct_sheet.id 
_struct_sheet.type 
_struct_sheet.number_strands 
_struct_sheet.details 
II  ? 4 ? 
III ? 7 ? 
# 
loop_
_struct_sheet_order.sheet_id 
_struct_sheet_order.range_id_1 
_struct_sheet_order.range_id_2 
_struct_sheet_order.offset 
_struct_sheet_order.sense 
II  1 2 ? anti-parallel 
II  2 3 ? anti-parallel 
II  3 4 ? anti-parallel 
III 1 2 ? anti-parallel 
III 2 3 ? parallel      
III 3 4 ? anti-parallel 
III 4 5 ? parallel      
III 5 6 ? anti-parallel 
III 6 7 ? anti-parallel 
# 
loop_
_struct_sheet_range.sheet_id 
_struct_sheet_range.id 
_struct_sheet_range.beg_label_comp_id 
_struct_sheet_range.beg_label_asym_id 
_struct_sheet_range.beg_label_seq_id 
_struct_sheet_range.pdbx_beg_PDB_ins_code 
_struct_sheet_range.end_label_comp_id 
_struct_sheet_range.end_label_asym_id 
_struct_sheet_range.end_label_seq_id 
_struct_sheet_range.pdbx_end_PDB_ins_code 
_struct_sheet_range.beg_auth_comp_id 
_struct_sheet_range.beg_auth_asym_id 
_struct_sheet_range.beg_auth_seq_id 
_struct_sheet_range.end_auth_comp_id 
_struct_sheet_range.end_auth_asym_id 
_struct_sheet_range.end_auth_seq_id 
II  1 GLN A 18 ? GLU A 21 ? GLN A 18 GLU A 21 
II  2 THR A 12 ? ILE A 15 ? THR A 12 ILE A 15 
II  3 ASN A 61 ? VAL A 66 ? ASN A 61 VAL A 66 
II  4 LYS A 69 ? GLY A 73 ? LYS A 69 GLY A 73 
III 1 PRO A 9  ? VAL A 11 ? PRO A 9  VAL A 11 
III 2 VAL A 22 ? LEU A 24 ? VAL A 22 LEU A 24 
III 3 ASN A 83 ? GLY A 86 ? ASN A 83 GLY A 86 
III 4 ASP A 30 ? THR A 34 ? ASP A 30 THR A 34 
III 5 THR A 74 ? ASP A 79 ? THR A 74 ASP A 79 
III 6 GLY A 52 ? LYS A 60 ? GLY A 52 LYS A 60 
III 7 THR A 43 ? GLY A 49 ? THR A 43 GLY A 49 
# 
loop_
_pdbx_struct_sheet_hbond.sheet_id 
_pdbx_struct_sheet_hbond.range_id_1 
_pdbx_struct_sheet_hbond.range_id_2 
_pdbx_struct_sheet_hbond.range_1_label_atom_id 
_pdbx_struct_sheet_hbond.range_1_label_comp_id 
_pdbx_struct_sheet_hbond.range_1_label_asym_id 
_pdbx_struct_sheet_hbond.range_1_label_seq_id 
_pdbx_struct_sheet_hbond.range_1_PDB_ins_code 
_pdbx_struct_sheet_hbond.range_1_auth_atom_id 
_pdbx_struct_sheet_hbond.range_1_auth_comp_id 
_pdbx_struct_sheet_hbond.range_1_auth_asym_id 
_pdbx_struct_sheet_hbond.range_1_auth_seq_id 
_pdbx_struct_sheet_hbond.range_2_label_atom_id 
_pdbx_struct_sheet_hbond.range_2_label_comp_id 
_pdbx_struct_sheet_hbond.range_2_label_asym_id 
_pdbx_struct_sheet_hbond.range_2_label_seq_id 
_pdbx_struct_sheet_hbond.range_2_PDB_ins_code 
_pdbx_struct_sheet_hbond.range_2_auth_atom_id 
_pdbx_struct_sheet_hbond.range_2_auth_comp_id 
_pdbx_struct_sheet_hbond.range_2_auth_asym_id 
_pdbx_struct_sheet_hbond.range_2_auth_seq_id 
II  1 2 O VAL A 20 ? O VAL A 20 N ALA A 13 ? N ALA A 13 
II  2 3 N HIS A 14 ? N HIS A 14 O GLU A 65 ? O GLU A 65 
II  3 4 N VAL A 66 ? N VAL A 66 O LYS A 69 ? O LYS A 69 
III 1 2 O PRO A 9  ? O PRO A 9  N LEU A 24 ? N LEU A 24 
III 2 3 O LEU A 23 ? O LEU A 23 N PHE A 85 ? N PHE A 85 
III 3 4 N GLY A 86 ? N GLY A 86 O ASP A 30 ? O ASP A 30 
III 4 5 O SER A 31 ? O SER A 31 N MET A 76 ? N MET A 76 
III 5 6 N ILE A 75 ? N ILE A 75 O TYR A 59 ? O TYR A 59 
III 6 7 O GLU A 58 ? O GLU A 58 N THR A 43 ? N THR A 43 
# 
_struct_site.id                   AC1 
_struct_site.pdbx_evidence_code   Software 
_struct_site.pdbx_auth_asym_id    A 
_struct_site.pdbx_auth_comp_id    EPN 
_struct_site.pdbx_auth_seq_id     101 
_struct_site.pdbx_auth_ins_code   ? 
_struct_site.pdbx_num_residues    7 
_struct_site.details              'BINDING SITE FOR RESIDUE EPN A 101' 
# 
loop_
_struct_site_gen.id 
_struct_site_gen.site_id 
_struct_site_gen.pdbx_num_res 
_struct_site_gen.label_comp_id 
_struct_site_gen.label_asym_id 
_struct_site_gen.label_seq_id 
_struct_site_gen.pdbx_auth_ins_code 
_struct_site_gen.auth_comp_id 
_struct_site_gen.auth_asym_id 
_struct_site_gen.auth_seq_id 
_struct_site_gen.label_atom_id 
_struct_site_gen.label_alt_id 
_struct_site_gen.symmetry 
_struct_site_gen.details 
1 AC1 7 ARG A 8  ? ARG A 8  . ? 1_555 ? 
2 AC1 7 ASP A 25 ? ASP A 25 . ? 1_555 ? 
3 AC1 7 ASP A 25 ? ASP A 25 . ? 4_555 ? 
4 AC1 7 GLY A 27 ? GLY A 27 . ? 1_555 ? 
5 AC1 7 GLY A 27 ? GLY A 27 . ? 4_555 ? 
6 AC1 7 PRO A 81 ? PRO A 81 . ? 1_555 ? 
7 AC1 7 ILE A 82 ? ILE A 82 . ? 1_555 ? 
# 
_pdbx_entry_details.entry_id                   2SAM 
_pdbx_entry_details.compound_details           ? 
_pdbx_entry_details.source_details             ? 
_pdbx_entry_details.nonpolymer_details         
;THE OCCUPANCY OF THE LIGAND, EPNP, WAS REFINED TO 0.5. THE
STOICHIOMETRY OF BINDING OF EPNP TO SIV PROTEASE IS ONE
MOLECULE PER PROTEASE DIMER; ONLY ONE OF THE ACTIVE-SITE
ASPARTIC ACIDS PER DIMER BECOMES LABELLED BY EPNP.  UPON
EPNP BINDING TO THE DIMER, EACH INDIVIDUAL DIMER MOLECULE
IS NO LONGER TWO-FOLD SYMMETRICAL AROUND THE
CRYSTALLOGRAPHIC TWO-FOLD AXIS.  THE DIMER TWO-FOLD IS
STILL A CRYSTALLOGRAPHIC TWO-FOLD BECAUSE STATISTICALLY
THROUGHOUT THE CRYSTAL THE EPNP IS LOCATED ON EITHER OF THE
TWO ACTIVE-SITE ASPARTIC ACIDS WITH EQUAL PROBABILITY.
;
_pdbx_entry_details.sequence_details           
;SEQUENCE ADVISORY NOTICE
     DIFFERENCE BETWEEN SWISS-PROT AND PDB SEQUENCE.

     SWISS-PROT ENTRY NAME: POL_SIVM1

     SWISS-PROT RESIDUE      PDB SEQRES

       NAME   NUMBER         NAME   CHAIN  SEQ/INSERT CODE
       SER      109          HIS              4
       ARG      112          LYS              7
       LEU      204          PHE             99

THE SEQUENCE IN THIS ENTRY IS FROM SIVMM239 (AS NAMED IN
THE "HUMAN RETROVIRUS AND AIDS" LISTING OF SEQUENCES OF HIV
GENOMES, PUBLISHED BY LOS ALAMOS NATIONAL LABORATORY.  THIS
SEQUENCE IS DIFFERENT THAN THE POL_SIVM1 SEQUENCE ABOVE IN
TWO POSITIONS, AT RESIDUE 7 WHICH IS LYS IN THIS STRUCTURE
AND ARG IN POL_SIVM1 AND AT RESIDUE 99 WHICH IS PHE IN THIS
STRUCTURE AND LEU IN POL_SIMV1.  THE HIS AT POSITION 4 IN
THIS STRUCTURE IS A POINT MUTANT AND IS A SER IN THE
WILD-TYPE SIVMM239 SEQUENCE.  THIS POINT MUTATION AT
RESIDUE 4 WAS ENGINEERED TO DECREASE THE PROTEASE'S
SUSCEPTIBILITY TO AUTOPROTEOLYSIS.
;
_pdbx_entry_details.has_ligand_of_interest     ? 
_pdbx_entry_details.has_protein_modification   Y 
# 
_pdbx_validate_symm_contact.id                1 
_pdbx_validate_symm_contact.PDB_model_num     1 
_pdbx_validate_symm_contact.auth_atom_id_1    CD2 
_pdbx_validate_symm_contact.auth_asym_id_1    A 
_pdbx_validate_symm_contact.auth_comp_id_1    HIS 
_pdbx_validate_symm_contact.auth_seq_id_1     41 
_pdbx_validate_symm_contact.PDB_ins_code_1    ? 
_pdbx_validate_symm_contact.label_alt_id_1    ? 
_pdbx_validate_symm_contact.site_symmetry_1   1_555 
_pdbx_validate_symm_contact.auth_atom_id_2    OE1 
_pdbx_validate_symm_contact.auth_asym_id_2    A 
_pdbx_validate_symm_contact.auth_comp_id_2    GLU 
_pdbx_validate_symm_contact.auth_seq_id_2     65 
_pdbx_validate_symm_contact.PDB_ins_code_2    ? 
_pdbx_validate_symm_contact.label_alt_id_2    ? 
_pdbx_validate_symm_contact.site_symmetry_2   7_444 
_pdbx_validate_symm_contact.dist              2.07 
# 
loop_
_pdbx_validate_rmsd_bond.id 
_pdbx_validate_rmsd_bond.PDB_model_num 
_pdbx_validate_rmsd_bond.auth_atom_id_1 
_pdbx_validate_rmsd_bond.auth_asym_id_1 
_pdbx_validate_rmsd_bond.auth_comp_id_1 
_pdbx_validate_rmsd_bond.auth_seq_id_1 
_pdbx_validate_rmsd_bond.PDB_ins_code_1 
_pdbx_validate_rmsd_bond.label_alt_id_1 
_pdbx_validate_rmsd_bond.auth_atom_id_2 
_pdbx_validate_rmsd_bond.auth_asym_id_2 
_pdbx_validate_rmsd_bond.auth_comp_id_2 
_pdbx_validate_rmsd_bond.auth_seq_id_2 
_pdbx_validate_rmsd_bond.PDB_ins_code_2 
_pdbx_validate_rmsd_bond.label_alt_id_2 
_pdbx_validate_rmsd_bond.bond_value 
_pdbx_validate_rmsd_bond.bond_target_value 
_pdbx_validate_rmsd_bond.bond_deviation 
_pdbx_validate_rmsd_bond.bond_standard_deviation 
_pdbx_validate_rmsd_bond.linker_flag 
1 1 NE2 A HIS 14 ? ? CD2 A HIS 14 ? ? 1.304 1.373 -0.069 0.011 N 
2 1 CG  A ASP 25 ? ? OD2 A ASP 25 ? ? 1.401 1.249 0.152  0.023 N 
3 1 NE2 A HIS 41 ? ? CD2 A HIS 41 ? ? 1.300 1.373 -0.073 0.011 N 
# 
loop_
_pdbx_validate_rmsd_angle.id 
_pdbx_validate_rmsd_angle.PDB_model_num 
_pdbx_validate_rmsd_angle.auth_atom_id_1 
_pdbx_validate_rmsd_angle.auth_asym_id_1 
_pdbx_validate_rmsd_angle.auth_comp_id_1 
_pdbx_validate_rmsd_angle.auth_seq_id_1 
_pdbx_validate_rmsd_angle.PDB_ins_code_1 
_pdbx_validate_rmsd_angle.label_alt_id_1 
_pdbx_validate_rmsd_angle.auth_atom_id_2 
_pdbx_validate_rmsd_angle.auth_asym_id_2 
_pdbx_validate_rmsd_angle.auth_comp_id_2 
_pdbx_validate_rmsd_angle.auth_seq_id_2 
_pdbx_validate_rmsd_angle.PDB_ins_code_2 
_pdbx_validate_rmsd_angle.label_alt_id_2 
_pdbx_validate_rmsd_angle.auth_atom_id_3 
_pdbx_validate_rmsd_angle.auth_asym_id_3 
_pdbx_validate_rmsd_angle.auth_comp_id_3 
_pdbx_validate_rmsd_angle.auth_seq_id_3 
_pdbx_validate_rmsd_angle.PDB_ins_code_3 
_pdbx_validate_rmsd_angle.label_alt_id_3 
_pdbx_validate_rmsd_angle.angle_value 
_pdbx_validate_rmsd_angle.angle_target_value 
_pdbx_validate_rmsd_angle.angle_deviation 
_pdbx_validate_rmsd_angle.angle_standard_deviation 
_pdbx_validate_rmsd_angle.linker_flag 
1 1 CD1 A TRP 6 ? ? CG  A TRP 6 ? ? CD2 A TRP 6 ? ? 112.83 106.30 6.53  0.80 N 
2 1 CE2 A TRP 6 ? ? CD2 A TRP 6 ? ? CG  A TRP 6 ? ? 101.57 107.30 -5.73 0.80 N 
# 
_pdbx_struct_special_symmetry.id              1 
_pdbx_struct_special_symmetry.PDB_model_num   1 
_pdbx_struct_special_symmetry.auth_asym_id    A 
_pdbx_struct_special_symmetry.auth_comp_id    HOH 
_pdbx_struct_special_symmetry.auth_seq_id     301 
_pdbx_struct_special_symmetry.PDB_ins_code    ? 
_pdbx_struct_special_symmetry.label_asym_id   C 
_pdbx_struct_special_symmetry.label_comp_id   HOH 
_pdbx_struct_special_symmetry.label_seq_id    . 
# 
_pdbx_database_remark.id     700 
_pdbx_database_remark.text   
;SHEET
THE DIMER INTERFACE IS COMPOSED OF INTERDIGITATED N- AND
C-TERMINI FROM BOTH SUBUNITS FORMING A FOUR-STRANDED
ANTIPARALLEL BETA-SHEET.  BECAUSE OF LIMITATIONS IMPOSED
BY THE PROTEIN DATA BANK FORMAT IT IS NOT POSSIBLE TO
PRESENT THIS SHEET ON SHEET RECORDS.  INSTEAD THIS SHEET
IS SPECIFIED IN THIS REMARK.  STRANDS 1 AND 3 ARE FROM THE
MOLECULE IN THIS ENTRY AND STRANDS 2 AND 4 ARE FROM THE
SYMMETRY RELATED MOLECULE.
I   4 PRO     1  THR     4  0
I   4 THR    96  PHE    99 -1
I   4 THR    96  PHE    99 -1
I   4 PRO     1  THR     4 -1
;
# 
loop_
_chem_comp_atom.comp_id 
_chem_comp_atom.atom_id 
_chem_comp_atom.type_symbol 
_chem_comp_atom.pdbx_aromatic_flag 
_chem_comp_atom.pdbx_stereo_config 
_chem_comp_atom.pdbx_ordinal 
ALA N    N N N 1   
ALA CA   C N S 2   
ALA C    C N N 3   
ALA O    O N N 4   
ALA CB   C N N 5   
ALA OXT  O N N 6   
ALA H    H N N 7   
ALA H2   H N N 8   
ALA HA   H N N 9   
ALA HB1  H N N 10  
ALA HB2  H N N 11  
ALA HB3  H N N 12  
ALA HXT  H N N 13  
ARG N    N N N 14  
ARG CA   C N S 15  
ARG C    C N N 16  
ARG O    O N N 17  
ARG CB   C N N 18  
ARG CG   C N N 19  
ARG CD   C N N 20  
ARG NE   N N N 21  
ARG CZ   C N N 22  
ARG NH1  N N N 23  
ARG NH2  N N N 24  
ARG OXT  O N N 25  
ARG H    H N N 26  
ARG H2   H N N 27  
ARG HA   H N N 28  
ARG HB2  H N N 29  
ARG HB3  H N N 30  
ARG HG2  H N N 31  
ARG HG3  H N N 32  
ARG HD2  H N N 33  
ARG HD3  H N N 34  
ARG HE   H N N 35  
ARG HH11 H N N 36  
ARG HH12 H N N 37  
ARG HH21 H N N 38  
ARG HH22 H N N 39  
ARG HXT  H N N 40  
ASN N    N N N 41  
ASN CA   C N S 42  
ASN C    C N N 43  
ASN O    O N N 44  
ASN CB   C N N 45  
ASN CG   C N N 46  
ASN OD1  O N N 47  
ASN ND2  N N N 48  
ASN OXT  O N N 49  
ASN H    H N N 50  
ASN H2   H N N 51  
ASN HA   H N N 52  
ASN HB2  H N N 53  
ASN HB3  H N N 54  
ASN HD21 H N N 55  
ASN HD22 H N N 56  
ASN HXT  H N N 57  
ASP N    N N N 58  
ASP CA   C N S 59  
ASP C    C N N 60  
ASP O    O N N 61  
ASP CB   C N N 62  
ASP CG   C N N 63  
ASP OD1  O N N 64  
ASP OD2  O N N 65  
ASP OXT  O N N 66  
ASP H    H N N 67  
ASP H2   H N N 68  
ASP HA   H N N 69  
ASP HB2  H N N 70  
ASP HB3  H N N 71  
ASP HD2  H N N 72  
ASP HXT  H N N 73  
EPN C1   C N N 74  
EPN O17  O N N 75  
EPN C2   C N N 76  
EPN C3   C N N 77  
EPN O18  O N N 78  
EPN C4   C Y N 79  
EPN C5   C Y N 80  
EPN N11  N N N 81  
EPN O14  O N N 82  
EPN O16  O N N 83  
EPN C6   C Y N 84  
EPN C7   C Y N 85  
EPN C8   C Y N 86  
EPN C9   C Y N 87  
EPN H11  H N N 88  
EPN H12  H N N 89  
EPN H17  H N N 90  
EPN H21  H N N 91  
EPN H22  H N N 92  
EPN H31  H N N 93  
EPN H32  H N N 94  
EPN H4   H N N 95  
EPN H6   H N N 96  
EPN H7   H N N 97  
EPN H9   H N N 98  
GLN N    N N N 99  
GLN CA   C N S 100 
GLN C    C N N 101 
GLN O    O N N 102 
GLN CB   C N N 103 
GLN CG   C N N 104 
GLN CD   C N N 105 
GLN OE1  O N N 106 
GLN NE2  N N N 107 
GLN OXT  O N N 108 
GLN H    H N N 109 
GLN H2   H N N 110 
GLN HA   H N N 111 
GLN HB2  H N N 112 
GLN HB3  H N N 113 
GLN HG2  H N N 114 
GLN HG3  H N N 115 
GLN HE21 H N N 116 
GLN HE22 H N N 117 
GLN HXT  H N N 118 
GLU N    N N N 119 
GLU CA   C N S 120 
GLU C    C N N 121 
GLU O    O N N 122 
GLU CB   C N N 123 
GLU CG   C N N 124 
GLU CD   C N N 125 
GLU OE1  O N N 126 
GLU OE2  O N N 127 
GLU OXT  O N N 128 
GLU H    H N N 129 
GLU H2   H N N 130 
GLU HA   H N N 131 
GLU HB2  H N N 132 
GLU HB3  H N N 133 
GLU HG2  H N N 134 
GLU HG3  H N N 135 
GLU HE2  H N N 136 
GLU HXT  H N N 137 
GLY N    N N N 138 
GLY CA   C N N 139 
GLY C    C N N 140 
GLY O    O N N 141 
GLY OXT  O N N 142 
GLY H    H N N 143 
GLY H2   H N N 144 
GLY HA2  H N N 145 
GLY HA3  H N N 146 
GLY HXT  H N N 147 
HIS N    N N N 148 
HIS CA   C N S 149 
HIS C    C N N 150 
HIS O    O N N 151 
HIS CB   C N N 152 
HIS CG   C Y N 153 
HIS ND1  N Y N 154 
HIS CD2  C Y N 155 
HIS CE1  C Y N 156 
HIS NE2  N Y N 157 
HIS OXT  O N N 158 
HIS H    H N N 159 
HIS H2   H N N 160 
HIS HA   H N N 161 
HIS HB2  H N N 162 
HIS HB3  H N N 163 
HIS HD1  H N N 164 
HIS HD2  H N N 165 
HIS HE1  H N N 166 
HIS HE2  H N N 167 
HIS HXT  H N N 168 
HOH O    O N N 169 
HOH H1   H N N 170 
HOH H2   H N N 171 
ILE N    N N N 172 
ILE CA   C N S 173 
ILE C    C N N 174 
ILE O    O N N 175 
ILE CB   C N S 176 
ILE CG1  C N N 177 
ILE CG2  C N N 178 
ILE CD1  C N N 179 
ILE OXT  O N N 180 
ILE H    H N N 181 
ILE H2   H N N 182 
ILE HA   H N N 183 
ILE HB   H N N 184 
ILE HG12 H N N 185 
ILE HG13 H N N 186 
ILE HG21 H N N 187 
ILE HG22 H N N 188 
ILE HG23 H N N 189 
ILE HD11 H N N 190 
ILE HD12 H N N 191 
ILE HD13 H N N 192 
ILE HXT  H N N 193 
LEU N    N N N 194 
LEU CA   C N S 195 
LEU C    C N N 196 
LEU O    O N N 197 
LEU CB   C N N 198 
LEU CG   C N N 199 
LEU CD1  C N N 200 
LEU CD2  C N N 201 
LEU OXT  O N N 202 
LEU H    H N N 203 
LEU H2   H N N 204 
LEU HA   H N N 205 
LEU HB2  H N N 206 
LEU HB3  H N N 207 
LEU HG   H N N 208 
LEU HD11 H N N 209 
LEU HD12 H N N 210 
LEU HD13 H N N 211 
LEU HD21 H N N 212 
LEU HD22 H N N 213 
LEU HD23 H N N 214 
LEU HXT  H N N 215 
LYS N    N N N 216 
LYS CA   C N S 217 
LYS C    C N N 218 
LYS O    O N N 219 
LYS CB   C N N 220 
LYS CG   C N N 221 
LYS CD   C N N 222 
LYS CE   C N N 223 
LYS NZ   N N N 224 
LYS OXT  O N N 225 
LYS H    H N N 226 
LYS H2   H N N 227 
LYS HA   H N N 228 
LYS HB2  H N N 229 
LYS HB3  H N N 230 
LYS HG2  H N N 231 
LYS HG3  H N N 232 
LYS HD2  H N N 233 
LYS HD3  H N N 234 
LYS HE2  H N N 235 
LYS HE3  H N N 236 
LYS HZ1  H N N 237 
LYS HZ2  H N N 238 
LYS HZ3  H N N 239 
LYS HXT  H N N 240 
MET N    N N N 241 
MET CA   C N S 242 
MET C    C N N 243 
MET O    O N N 244 
MET CB   C N N 245 
MET CG   C N N 246 
MET SD   S N N 247 
MET CE   C N N 248 
MET OXT  O N N 249 
MET H    H N N 250 
MET H2   H N N 251 
MET HA   H N N 252 
MET HB2  H N N 253 
MET HB3  H N N 254 
MET HG2  H N N 255 
MET HG3  H N N 256 
MET HE1  H N N 257 
MET HE2  H N N 258 
MET HE3  H N N 259 
MET HXT  H N N 260 
PHE N    N N N 261 
PHE CA   C N S 262 
PHE C    C N N 263 
PHE O    O N N 264 
PHE CB   C N N 265 
PHE CG   C Y N 266 
PHE CD1  C Y N 267 
PHE CD2  C Y N 268 
PHE CE1  C Y N 269 
PHE CE2  C Y N 270 
PHE CZ   C Y N 271 
PHE OXT  O N N 272 
PHE H    H N N 273 
PHE H2   H N N 274 
PHE HA   H N N 275 
PHE HB2  H N N 276 
PHE HB3  H N N 277 
PHE HD1  H N N 278 
PHE HD2  H N N 279 
PHE HE1  H N N 280 
PHE HE2  H N N 281 
PHE HZ   H N N 282 
PHE HXT  H N N 283 
PRO N    N N N 284 
PRO CA   C N S 285 
PRO C    C N N 286 
PRO O    O N N 287 
PRO CB   C N N 288 
PRO CG   C N N 289 
PRO CD   C N N 290 
PRO OXT  O N N 291 
PRO H    H N N 292 
PRO HA   H N N 293 
PRO HB2  H N N 294 
PRO HB3  H N N 295 
PRO HG2  H N N 296 
PRO HG3  H N N 297 
PRO HD2  H N N 298 
PRO HD3  H N N 299 
PRO HXT  H N N 300 
SER N    N N N 301 
SER CA   C N S 302 
SER C    C N N 303 
SER O    O N N 304 
SER CB   C N N 305 
SER OG   O N N 306 
SER OXT  O N N 307 
SER H    H N N 308 
SER H2   H N N 309 
SER HA   H N N 310 
SER HB2  H N N 311 
SER HB3  H N N 312 
SER HG   H N N 313 
SER HXT  H N N 314 
THR N    N N N 315 
THR CA   C N S 316 
THR C    C N N 317 
THR O    O N N 318 
THR CB   C N R 319 
THR OG1  O N N 320 
THR CG2  C N N 321 
THR OXT  O N N 322 
THR H    H N N 323 
THR H2   H N N 324 
THR HA   H N N 325 
THR HB   H N N 326 
THR HG1  H N N 327 
THR HG21 H N N 328 
THR HG22 H N N 329 
THR HG23 H N N 330 
THR HXT  H N N 331 
TRP N    N N N 332 
TRP CA   C N S 333 
TRP C    C N N 334 
TRP O    O N N 335 
TRP CB   C N N 336 
TRP CG   C Y N 337 
TRP CD1  C Y N 338 
TRP CD2  C Y N 339 
TRP NE1  N Y N 340 
TRP CE2  C Y N 341 
TRP CE3  C Y N 342 
TRP CZ2  C Y N 343 
TRP CZ3  C Y N 344 
TRP CH2  C Y N 345 
TRP OXT  O N N 346 
TRP H    H N N 347 
TRP H2   H N N 348 
TRP HA   H N N 349 
TRP HB2  H N N 350 
TRP HB3  H N N 351 
TRP HD1  H N N 352 
TRP HE1  H N N 353 
TRP HE3  H N N 354 
TRP HZ2  H N N 355 
TRP HZ3  H N N 356 
TRP HH2  H N N 357 
TRP HXT  H N N 358 
TYR N    N N N 359 
TYR CA   C N S 360 
TYR C    C N N 361 
TYR O    O N N 362 
TYR CB   C N N 363 
TYR CG   C Y N 364 
TYR CD1  C Y N 365 
TYR CD2  C Y N 366 
TYR CE1  C Y N 367 
TYR CE2  C Y N 368 
TYR CZ   C Y N 369 
TYR OH   O N N 370 
TYR OXT  O N N 371 
TYR H    H N N 372 
TYR H2   H N N 373 
TYR HA   H N N 374 
TYR HB2  H N N 375 
TYR HB3  H N N 376 
TYR HD1  H N N 377 
TYR HD2  H N N 378 
TYR HE1  H N N 379 
TYR HE2  H N N 380 
TYR HH   H N N 381 
TYR HXT  H N N 382 
VAL N    N N N 383 
VAL CA   C N S 384 
VAL C    C N N 385 
VAL O    O N N 386 
VAL CB   C N N 387 
VAL CG1  C N N 388 
VAL CG2  C N N 389 
VAL OXT  O N N 390 
VAL H    H N N 391 
VAL H2   H N N 392 
VAL HA   H N N 393 
VAL HB   H N N 394 
VAL HG11 H N N 395 
VAL HG12 H N N 396 
VAL HG13 H N N 397 
VAL HG21 H N N 398 
VAL HG22 H N N 399 
VAL HG23 H N N 400 
VAL HXT  H N N 401 
# 
loop_
_chem_comp_bond.comp_id 
_chem_comp_bond.atom_id_1 
_chem_comp_bond.atom_id_2 
_chem_comp_bond.value_order 
_chem_comp_bond.pdbx_aromatic_flag 
_chem_comp_bond.pdbx_stereo_config 
_chem_comp_bond.pdbx_ordinal 
ALA N   CA   sing N N 1   
ALA N   H    sing N N 2   
ALA N   H2   sing N N 3   
ALA CA  C    sing N N 4   
ALA CA  CB   sing N N 5   
ALA CA  HA   sing N N 6   
ALA C   O    doub N N 7   
ALA C   OXT  sing N N 8   
ALA CB  HB1  sing N N 9   
ALA CB  HB2  sing N N 10  
ALA CB  HB3  sing N N 11  
ALA OXT HXT  sing N N 12  
ARG N   CA   sing N N 13  
ARG N   H    sing N N 14  
ARG N   H2   sing N N 15  
ARG CA  C    sing N N 16  
ARG CA  CB   sing N N 17  
ARG CA  HA   sing N N 18  
ARG C   O    doub N N 19  
ARG C   OXT  sing N N 20  
ARG CB  CG   sing N N 21  
ARG CB  HB2  sing N N 22  
ARG CB  HB3  sing N N 23  
ARG CG  CD   sing N N 24  
ARG CG  HG2  sing N N 25  
ARG CG  HG3  sing N N 26  
ARG CD  NE   sing N N 27  
ARG CD  HD2  sing N N 28  
ARG CD  HD3  sing N N 29  
ARG NE  CZ   sing N N 30  
ARG NE  HE   sing N N 31  
ARG CZ  NH1  sing N N 32  
ARG CZ  NH2  doub N N 33  
ARG NH1 HH11 sing N N 34  
ARG NH1 HH12 sing N N 35  
ARG NH2 HH21 sing N N 36  
ARG NH2 HH22 sing N N 37  
ARG OXT HXT  sing N N 38  
ASN N   CA   sing N N 39  
ASN N   H    sing N N 40  
ASN N   H2   sing N N 41  
ASN CA  C    sing N N 42  
ASN CA  CB   sing N N 43  
ASN CA  HA   sing N N 44  
ASN C   O    doub N N 45  
ASN C   OXT  sing N N 46  
ASN CB  CG   sing N N 47  
ASN CB  HB2  sing N N 48  
ASN CB  HB3  sing N N 49  
ASN CG  OD1  doub N N 50  
ASN CG  ND2  sing N N 51  
ASN ND2 HD21 sing N N 52  
ASN ND2 HD22 sing N N 53  
ASN OXT HXT  sing N N 54  
ASP N   CA   sing N N 55  
ASP N   H    sing N N 56  
ASP N   H2   sing N N 57  
ASP CA  C    sing N N 58  
ASP CA  CB   sing N N 59  
ASP CA  HA   sing N N 60  
ASP C   O    doub N N 61  
ASP C   OXT  sing N N 62  
ASP CB  CG   sing N N 63  
ASP CB  HB2  sing N N 64  
ASP CB  HB3  sing N N 65  
ASP CG  OD1  doub N N 66  
ASP CG  OD2  sing N N 67  
ASP OD2 HD2  sing N N 68  
ASP OXT HXT  sing N N 69  
EPN C1  O17  sing N N 70  
EPN C1  C2   sing N N 71  
EPN C1  H11  sing N N 72  
EPN C1  H12  sing N N 73  
EPN O17 H17  sing N N 74  
EPN C2  C3   sing N N 75  
EPN C2  H21  sing N N 76  
EPN C2  H22  sing N N 77  
EPN C3  O18  sing N N 78  
EPN C3  H31  sing N N 79  
EPN C3  H32  sing N N 80  
EPN O18 C8   sing N N 81  
EPN C4  C5   doub Y N 82  
EPN C4  C9   sing Y N 83  
EPN C4  H4   sing N N 84  
EPN C5  N11  sing N N 85  
EPN C5  C6   sing Y N 86  
EPN N11 O14  sing N N 87  
EPN N11 O16  doub N N 88  
EPN C6  C7   doub Y N 89  
EPN C6  H6   sing N N 90  
EPN C7  C8   sing Y N 91  
EPN C7  H7   sing N N 92  
EPN C8  C9   doub Y N 93  
EPN C9  H9   sing N N 94  
GLN N   CA   sing N N 95  
GLN N   H    sing N N 96  
GLN N   H2   sing N N 97  
GLN CA  C    sing N N 98  
GLN CA  CB   sing N N 99  
GLN CA  HA   sing N N 100 
GLN C   O    doub N N 101 
GLN C   OXT  sing N N 102 
GLN CB  CG   sing N N 103 
GLN CB  HB2  sing N N 104 
GLN CB  HB3  sing N N 105 
GLN CG  CD   sing N N 106 
GLN CG  HG2  sing N N 107 
GLN CG  HG3  sing N N 108 
GLN CD  OE1  doub N N 109 
GLN CD  NE2  sing N N 110 
GLN NE2 HE21 sing N N 111 
GLN NE2 HE22 sing N N 112 
GLN OXT HXT  sing N N 113 
GLU N   CA   sing N N 114 
GLU N   H    sing N N 115 
GLU N   H2   sing N N 116 
GLU CA  C    sing N N 117 
GLU CA  CB   sing N N 118 
GLU CA  HA   sing N N 119 
GLU C   O    doub N N 120 
GLU C   OXT  sing N N 121 
GLU CB  CG   sing N N 122 
GLU CB  HB2  sing N N 123 
GLU CB  HB3  sing N N 124 
GLU CG  CD   sing N N 125 
GLU CG  HG2  sing N N 126 
GLU CG  HG3  sing N N 127 
GLU CD  OE1  doub N N 128 
GLU CD  OE2  sing N N 129 
GLU OE2 HE2  sing N N 130 
GLU OXT HXT  sing N N 131 
GLY N   CA   sing N N 132 
GLY N   H    sing N N 133 
GLY N   H2   sing N N 134 
GLY CA  C    sing N N 135 
GLY CA  HA2  sing N N 136 
GLY CA  HA3  sing N N 137 
GLY C   O    doub N N 138 
GLY C   OXT  sing N N 139 
GLY OXT HXT  sing N N 140 
HIS N   CA   sing N N 141 
HIS N   H    sing N N 142 
HIS N   H2   sing N N 143 
HIS CA  C    sing N N 144 
HIS CA  CB   sing N N 145 
HIS CA  HA   sing N N 146 
HIS C   O    doub N N 147 
HIS C   OXT  sing N N 148 
HIS CB  CG   sing N N 149 
HIS CB  HB2  sing N N 150 
HIS CB  HB3  sing N N 151 
HIS CG  ND1  sing Y N 152 
HIS CG  CD2  doub Y N 153 
HIS ND1 CE1  doub Y N 154 
HIS ND1 HD1  sing N N 155 
HIS CD2 NE2  sing Y N 156 
HIS CD2 HD2  sing N N 157 
HIS CE1 NE2  sing Y N 158 
HIS CE1 HE1  sing N N 159 
HIS NE2 HE2  sing N N 160 
HIS OXT HXT  sing N N 161 
HOH O   H1   sing N N 162 
HOH O   H2   sing N N 163 
ILE N   CA   sing N N 164 
ILE N   H    sing N N 165 
ILE N   H2   sing N N 166 
ILE CA  C    sing N N 167 
ILE CA  CB   sing N N 168 
ILE CA  HA   sing N N 169 
ILE C   O    doub N N 170 
ILE C   OXT  sing N N 171 
ILE CB  CG1  sing N N 172 
ILE CB  CG2  sing N N 173 
ILE CB  HB   sing N N 174 
ILE CG1 CD1  sing N N 175 
ILE CG1 HG12 sing N N 176 
ILE CG1 HG13 sing N N 177 
ILE CG2 HG21 sing N N 178 
ILE CG2 HG22 sing N N 179 
ILE CG2 HG23 sing N N 180 
ILE CD1 HD11 sing N N 181 
ILE CD1 HD12 sing N N 182 
ILE CD1 HD13 sing N N 183 
ILE OXT HXT  sing N N 184 
LEU N   CA   sing N N 185 
LEU N   H    sing N N 186 
LEU N   H2   sing N N 187 
LEU CA  C    sing N N 188 
LEU CA  CB   sing N N 189 
LEU CA  HA   sing N N 190 
LEU C   O    doub N N 191 
LEU C   OXT  sing N N 192 
LEU CB  CG   sing N N 193 
LEU CB  HB2  sing N N 194 
LEU CB  HB3  sing N N 195 
LEU CG  CD1  sing N N 196 
LEU CG  CD2  sing N N 197 
LEU CG  HG   sing N N 198 
LEU CD1 HD11 sing N N 199 
LEU CD1 HD12 sing N N 200 
LEU CD1 HD13 sing N N 201 
LEU CD2 HD21 sing N N 202 
LEU CD2 HD22 sing N N 203 
LEU CD2 HD23 sing N N 204 
LEU OXT HXT  sing N N 205 
LYS N   CA   sing N N 206 
LYS N   H    sing N N 207 
LYS N   H2   sing N N 208 
LYS CA  C    sing N N 209 
LYS CA  CB   sing N N 210 
LYS CA  HA   sing N N 211 
LYS C   O    doub N N 212 
LYS C   OXT  sing N N 213 
LYS CB  CG   sing N N 214 
LYS CB  HB2  sing N N 215 
LYS CB  HB3  sing N N 216 
LYS CG  CD   sing N N 217 
LYS CG  HG2  sing N N 218 
LYS CG  HG3  sing N N 219 
LYS CD  CE   sing N N 220 
LYS CD  HD2  sing N N 221 
LYS CD  HD3  sing N N 222 
LYS CE  NZ   sing N N 223 
LYS CE  HE2  sing N N 224 
LYS CE  HE3  sing N N 225 
LYS NZ  HZ1  sing N N 226 
LYS NZ  HZ2  sing N N 227 
LYS NZ  HZ3  sing N N 228 
LYS OXT HXT  sing N N 229 
MET N   CA   sing N N 230 
MET N   H    sing N N 231 
MET N   H2   sing N N 232 
MET CA  C    sing N N 233 
MET CA  CB   sing N N 234 
MET CA  HA   sing N N 235 
MET C   O    doub N N 236 
MET C   OXT  sing N N 237 
MET CB  CG   sing N N 238 
MET CB  HB2  sing N N 239 
MET CB  HB3  sing N N 240 
MET CG  SD   sing N N 241 
MET CG  HG2  sing N N 242 
MET CG  HG3  sing N N 243 
MET SD  CE   sing N N 244 
MET CE  HE1  sing N N 245 
MET CE  HE2  sing N N 246 
MET CE  HE3  sing N N 247 
MET OXT HXT  sing N N 248 
PHE N   CA   sing N N 249 
PHE N   H    sing N N 250 
PHE N   H2   sing N N 251 
PHE CA  C    sing N N 252 
PHE CA  CB   sing N N 253 
PHE CA  HA   sing N N 254 
PHE C   O    doub N N 255 
PHE C   OXT  sing N N 256 
PHE CB  CG   sing N N 257 
PHE CB  HB2  sing N N 258 
PHE CB  HB3  sing N N 259 
PHE CG  CD1  doub Y N 260 
PHE CG  CD2  sing Y N 261 
PHE CD1 CE1  sing Y N 262 
PHE CD1 HD1  sing N N 263 
PHE CD2 CE2  doub Y N 264 
PHE CD2 HD2  sing N N 265 
PHE CE1 CZ   doub Y N 266 
PHE CE1 HE1  sing N N 267 
PHE CE2 CZ   sing Y N 268 
PHE CE2 HE2  sing N N 269 
PHE CZ  HZ   sing N N 270 
PHE OXT HXT  sing N N 271 
PRO N   CA   sing N N 272 
PRO N   CD   sing N N 273 
PRO N   H    sing N N 274 
PRO CA  C    sing N N 275 
PRO CA  CB   sing N N 276 
PRO CA  HA   sing N N 277 
PRO C   O    doub N N 278 
PRO C   OXT  sing N N 279 
PRO CB  CG   sing N N 280 
PRO CB  HB2  sing N N 281 
PRO CB  HB3  sing N N 282 
PRO CG  CD   sing N N 283 
PRO CG  HG2  sing N N 284 
PRO CG  HG3  sing N N 285 
PRO CD  HD2  sing N N 286 
PRO CD  HD3  sing N N 287 
PRO OXT HXT  sing N N 288 
SER N   CA   sing N N 289 
SER N   H    sing N N 290 
SER N   H2   sing N N 291 
SER CA  C    sing N N 292 
SER CA  CB   sing N N 293 
SER CA  HA   sing N N 294 
SER C   O    doub N N 295 
SER C   OXT  sing N N 296 
SER CB  OG   sing N N 297 
SER CB  HB2  sing N N 298 
SER CB  HB3  sing N N 299 
SER OG  HG   sing N N 300 
SER OXT HXT  sing N N 301 
THR N   CA   sing N N 302 
THR N   H    sing N N 303 
THR N   H2   sing N N 304 
THR CA  C    sing N N 305 
THR CA  CB   sing N N 306 
THR CA  HA   sing N N 307 
THR C   O    doub N N 308 
THR C   OXT  sing N N 309 
THR CB  OG1  sing N N 310 
THR CB  CG2  sing N N 311 
THR CB  HB   sing N N 312 
THR OG1 HG1  sing N N 313 
THR CG2 HG21 sing N N 314 
THR CG2 HG22 sing N N 315 
THR CG2 HG23 sing N N 316 
THR OXT HXT  sing N N 317 
TRP N   CA   sing N N 318 
TRP N   H    sing N N 319 
TRP N   H2   sing N N 320 
TRP CA  C    sing N N 321 
TRP CA  CB   sing N N 322 
TRP CA  HA   sing N N 323 
TRP C   O    doub N N 324 
TRP C   OXT  sing N N 325 
TRP CB  CG   sing N N 326 
TRP CB  HB2  sing N N 327 
TRP CB  HB3  sing N N 328 
TRP CG  CD1  doub Y N 329 
TRP CG  CD2  sing Y N 330 
TRP CD1 NE1  sing Y N 331 
TRP CD1 HD1  sing N N 332 
TRP CD2 CE2  doub Y N 333 
TRP CD2 CE3  sing Y N 334 
TRP NE1 CE2  sing Y N 335 
TRP NE1 HE1  sing N N 336 
TRP CE2 CZ2  sing Y N 337 
TRP CE3 CZ3  doub Y N 338 
TRP CE3 HE3  sing N N 339 
TRP CZ2 CH2  doub Y N 340 
TRP CZ2 HZ2  sing N N 341 
TRP CZ3 CH2  sing Y N 342 
TRP CZ3 HZ3  sing N N 343 
TRP CH2 HH2  sing N N 344 
TRP OXT HXT  sing N N 345 
TYR N   CA   sing N N 346 
TYR N   H    sing N N 347 
TYR N   H2   sing N N 348 
TYR CA  C    sing N N 349 
TYR CA  CB   sing N N 350 
TYR CA  HA   sing N N 351 
TYR C   O    doub N N 352 
TYR C   OXT  sing N N 353 
TYR CB  CG   sing N N 354 
TYR CB  HB2  sing N N 355 
TYR CB  HB3  sing N N 356 
TYR CG  CD1  doub Y N 357 
TYR CG  CD2  sing Y N 358 
TYR CD1 CE1  sing Y N 359 
TYR CD1 HD1  sing N N 360 
TYR CD2 CE2  doub Y N 361 
TYR CD2 HD2  sing N N 362 
TYR CE1 CZ   doub Y N 363 
TYR CE1 HE1  sing N N 364 
TYR CE2 CZ   sing Y N 365 
TYR CE2 HE2  sing N N 366 
TYR CZ  OH   sing N N 367 
TYR OH  HH   sing N N 368 
TYR OXT HXT  sing N N 369 
VAL N   CA   sing N N 370 
VAL N   H    sing N N 371 
VAL N   H2   sing N N 372 
VAL CA  C    sing N N 373 
VAL CA  CB   sing N N 374 
VAL CA  HA   sing N N 375 
VAL C   O    doub N N 376 
VAL C   OXT  sing N N 377 
VAL CB  CG1  sing N N 378 
VAL CB  CG2  sing N N 379 
VAL CB  HB   sing N N 380 
VAL CG1 HG11 sing N N 381 
VAL CG1 HG12 sing N N 382 
VAL CG1 HG13 sing N N 383 
VAL CG2 HG21 sing N N 384 
VAL CG2 HG22 sing N N 385 
VAL CG2 HG23 sing N N 386 
VAL OXT HXT  sing N N 387 
# 
_atom_sites.entry_id                    2SAM 
_atom_sites.fract_transf_matrix[1][1]   0.00905613 
_atom_sites.fract_transf_matrix[1][2]   -0.00377586 
_atom_sites.fract_transf_matrix[1][3]   0.01257378 
_atom_sites.fract_transf_matrix[2][1]   0.01492333 
_atom_sites.fract_transf_matrix[2][2]   0.02711036 
_atom_sites.fract_transf_matrix[2][3]   -0.00260723 
_atom_sites.fract_transf_matrix[3][1]   -0.00695471 
_atom_sites.fract_transf_matrix[3][2]   0.00443823 
_atom_sites.fract_transf_matrix[3][3]   0.00634184 
_atom_sites.fract_transf_vector[1]      -0.245432 
_atom_sites.fract_transf_vector[2]      0.097479 
_atom_sites.fract_transf_vector[3]      -0.110369 
# 
_atom_sites_footnote.id     1 
_atom_sites_footnote.text   'THE EPN INHIBITOR IS COVALENTLY BOUND TO OD2 OF ASP 25.' 
# 
loop_
_atom_type.symbol 
C 
N 
O 
S 
# 
loop_
_atom_site.group_PDB 
_atom_site.id 
_atom_site.type_symbol 
_atom_site.label_atom_id 
_atom_site.label_alt_id 
_atom_site.label_comp_id 
_atom_site.label_asym_id 
_atom_site.label_entity_id 
_atom_site.label_seq_id 
_atom_site.pdbx_PDB_ins_code 
_atom_site.Cartn_x 
_atom_site.Cartn_y 
_atom_site.Cartn_z 
_atom_site.occupancy 
_atom_site.B_iso_or_equiv 
_atom_site.pdbx_formal_charge 
_atom_site.auth_seq_id 
_atom_site.auth_comp_id 
_atom_site.auth_asym_id 
_atom_site.auth_atom_id 
_atom_site.pdbx_PDB_model_num 
ATOM   1   N N   . PRO A 1 1  ? 7.956   0.456   18.388  1.00 23.85 ? 1   PRO A N   1 
ATOM   2   C CA  . PRO A 1 1  ? 7.632   1.867   18.248  1.00 22.41 ? 1   PRO A CA  1 
ATOM   3   C C   . PRO A 1 1  ? 6.181   1.835   17.818  1.00 22.08 ? 1   PRO A C   1 
ATOM   4   O O   . PRO A 1 1  ? 5.739   0.734   17.524  1.00 22.60 ? 1   PRO A O   1 
ATOM   5   C CB  . PRO A 1 1  ? 8.536   2.454   17.161  1.00 27.17 ? 1   PRO A CB  1 
ATOM   6   C CG  . PRO A 1 1  ? 9.769   1.582   17.224  1.00 24.94 ? 1   PRO A CG  1 
ATOM   7   C CD  . PRO A 1 1  ? 9.120   0.218   17.530  1.00 27.39 ? 1   PRO A CD  1 
ATOM   8   N N   . GLN A 1 2  ? 5.391   2.898   17.740  1.00 26.25 ? 2   GLN A N   1 
ATOM   9   C CA  . GLN A 1 2  ? 4.008   2.769   17.350  1.00 28.40 ? 2   GLN A CA  1 
ATOM   10  C C   . GLN A 1 2  ? 3.587   4.143   16.910  1.00 28.13 ? 2   GLN A C   1 
ATOM   11  O O   . GLN A 1 2  ? 4.292   5.135   17.105  1.00 24.35 ? 2   GLN A O   1 
ATOM   12  C CB  . GLN A 1 2  ? 3.120   2.297   18.521  1.00 32.42 ? 2   GLN A CB  1 
ATOM   13  C CG  . GLN A 1 2  ? 2.631   3.296   19.551  1.00 45.21 ? 2   GLN A CG  1 
ATOM   14  C CD  . GLN A 1 2  ? 3.269   3.263   20.936  1.00 52.00 ? 2   GLN A CD  1 
ATOM   15  O OE1 . GLN A 1 2  ? 3.546   4.331   21.492  1.00 54.20 ? 2   GLN A OE1 1 
ATOM   16  N NE2 . GLN A 1 2  ? 3.473   2.130   21.609  1.00 54.60 ? 2   GLN A NE2 1 
ATOM   17  N N   . PHE A 1 3  ? 2.448   4.141   16.256  1.00 25.53 ? 3   PHE A N   1 
ATOM   18  C CA  . PHE A 1 3  ? 1.838   5.347   15.789  1.00 25.96 ? 3   PHE A CA  1 
ATOM   19  C C   . PHE A 1 3  ? 0.714   5.473   16.804  1.00 31.88 ? 3   PHE A C   1 
ATOM   20  O O   . PHE A 1 3  ? 0.165   4.462   17.252  1.00 28.51 ? 3   PHE A O   1 
ATOM   21  C CB  . PHE A 1 3  ? 1.237   5.160   14.420  1.00 26.38 ? 3   PHE A CB  1 
ATOM   22  C CG  . PHE A 1 3  ? 2.253   4.922   13.338  1.00 29.33 ? 3   PHE A CG  1 
ATOM   23  C CD1 . PHE A 1 3  ? 2.835   3.671   13.196  1.00 30.17 ? 3   PHE A CD1 1 
ATOM   24  C CD2 . PHE A 1 3  ? 2.577   5.959   12.482  1.00 29.97 ? 3   PHE A CD2 1 
ATOM   25  C CE1 . PHE A 1 3  ? 3.747   3.460   12.180  1.00 32.04 ? 3   PHE A CE1 1 
ATOM   26  C CE2 . PHE A 1 3  ? 3.489   5.732   11.471  1.00 32.27 ? 3   PHE A CE2 1 
ATOM   27  C CZ  . PHE A 1 3  ? 4.074   4.487   11.319  1.00 32.42 ? 3   PHE A CZ  1 
ATOM   28  N N   . HIS A 1 4  ? 0.420   6.698   17.238  1.00 35.51 ? 4   HIS A N   1 
ATOM   29  C CA  . HIS A 1 4  ? -0.684  6.996   18.139  1.00 35.62 ? 4   HIS A CA  1 
ATOM   30  C C   . HIS A 1 4  ? -1.594  7.638   17.131  1.00 34.32 ? 4   HIS A C   1 
ATOM   31  O O   . HIS A 1 4  ? -1.121  8.460   16.354  1.00 41.03 ? 4   HIS A O   1 
ATOM   32  C CB  . HIS A 1 4  ? -0.258  7.981   19.196  1.00 40.81 ? 4   HIS A CB  1 
ATOM   33  C CG  . HIS A 1 4  ? 0.547   7.302   20.295  1.00 48.25 ? 4   HIS A CG  1 
ATOM   34  N ND1 . HIS A 1 4  ? 0.083   6.594   21.323  1.00 49.93 ? 4   HIS A ND1 1 
ATOM   35  C CD2 . HIS A 1 4  ? 1.927   7.323   20.398  1.00 53.31 ? 4   HIS A CD2 1 
ATOM   36  C CE1 . HIS A 1 4  ? 1.121   6.194   22.036  1.00 53.72 ? 4   HIS A CE1 1 
ATOM   37  N NE2 . HIS A 1 4  ? 2.227   6.634   21.473  1.00 54.69 ? 4   HIS A NE2 1 
ATOM   38  N N   . LEU A 1 5  ? -2.883  7.395   17.112  1.00 28.64 ? 5   LEU A N   1 
ATOM   39  C CA  . LEU A 1 5  ? -3.671  7.786   15.965  1.00 20.22 ? 5   LEU A CA  1 
ATOM   40  C C   . LEU A 1 5  ? -4.295  9.175   15.951  1.00 23.60 ? 5   LEU A C   1 
ATOM   41  O O   . LEU A 1 5  ? -5.249  9.450   15.236  1.00 18.44 ? 5   LEU A O   1 
ATOM   42  C CB  . LEU A 1 5  ? -4.663  6.621   15.834  1.00 20.06 ? 5   LEU A CB  1 
ATOM   43  C CG  . LEU A 1 5  ? -4.058  5.186   15.541  1.00 15.45 ? 5   LEU A CG  1 
ATOM   44  C CD1 . LEU A 1 5  ? -5.054  4.120   15.943  1.00 18.19 ? 5   LEU A CD1 1 
ATOM   45  C CD2 . LEU A 1 5  ? -3.700  5.040   14.059  1.00 8.83  ? 5   LEU A CD2 1 
ATOM   46  N N   . TRP A 1 6  ? -3.662  10.131  16.646  1.00 28.03 ? 6   TRP A N   1 
ATOM   47  C CA  . TRP A 1 6  ? -4.137  11.519  16.713  1.00 25.98 ? 6   TRP A CA  1 
ATOM   48  C C   . TRP A 1 6  ? -3.935  12.136  15.371  1.00 27.34 ? 6   TRP A C   1 
ATOM   49  O O   . TRP A 1 6  ? -4.641  13.074  15.040  1.00 33.54 ? 6   TRP A O   1 
ATOM   50  C CB  . TRP A 1 6  ? -3.358  12.378  17.717  1.00 26.90 ? 6   TRP A CB  1 
ATOM   51  C CG  . TRP A 1 6  ? -3.391  11.731  19.103  1.00 38.66 ? 6   TRP A CG  1 
ATOM   52  C CD1 . TRP A 1 6  ? -2.289  11.073  19.630  1.00 40.33 ? 6   TRP A CD1 1 
ATOM   53  C CD2 . TRP A 1 6  ? -4.519  11.624  19.907  1.00 39.37 ? 6   TRP A CD2 1 
ATOM   54  N NE1 . TRP A 1 6  ? -2.727  10.531  20.754  1.00 42.90 ? 6   TRP A NE1 1 
ATOM   55  C CE2 . TRP A 1 6  ? -4.043  10.831  20.953  1.00 42.59 ? 6   TRP A CE2 1 
ATOM   56  C CE3 . TRP A 1 6  ? -5.832  12.078  19.878  1.00 38.58 ? 6   TRP A CE3 1 
ATOM   57  C CZ2 . TRP A 1 6  ? -4.903  10.483  21.983  1.00 40.22 ? 6   TRP A CZ2 1 
ATOM   58  C CZ3 . TRP A 1 6  ? -6.679  11.730  20.904  1.00 37.08 ? 6   TRP A CZ3 1 
ATOM   59  C CH2 . TRP A 1 6  ? -6.213  10.939  21.940  1.00 41.09 ? 6   TRP A CH2 1 
ATOM   60  N N   . LYS A 1 7  ? -2.932  11.676  14.615  1.00 28.53 ? 7   LYS A N   1 
ATOM   61  C CA  . LYS A 1 7  ? -2.647  12.163  13.273  1.00 22.35 ? 7   LYS A CA  1 
ATOM   62  C C   . LYS A 1 7  ? -2.777  10.921  12.375  1.00 23.61 ? 7   LYS A C   1 
ATOM   63  O O   . LYS A 1 7  ? -2.597  9.788   12.851  1.00 19.06 ? 7   LYS A O   1 
ATOM   64  C CB  . LYS A 1 7  ? -1.218  12.708  13.224  1.00 16.30 ? 7   LYS A CB  1 
ATOM   65  N N   . ARG A 1 8  ? -3.141  11.105  11.090  1.00 18.97 ? 8   ARG A N   1 
ATOM   66  C CA  . ARG A 1 8  ? -3.172  10.052  10.082  1.00 17.22 ? 8   ARG A CA  1 
ATOM   67  C C   . ARG A 1 8  ? -1.865  9.257   10.120  1.00 19.70 ? 8   ARG A C   1 
ATOM   68  O O   . ARG A 1 8  ? -0.866  9.978   10.130  1.00 15.25 ? 8   ARG A O   1 
ATOM   69  C CB  . ARG A 1 8  ? -3.307  10.673  8.712   1.00 17.21 ? 8   ARG A CB  1 
ATOM   70  C CG  . ARG A 1 8  ? -4.688  11.162  8.381   1.00 22.75 ? 8   ARG A CG  1 
ATOM   71  C CD  . ARG A 1 8  ? -4.851  11.649  6.956   1.00 21.03 ? 8   ARG A CD  1 
ATOM   72  N NE  . ARG A 1 8  ? -6.086  11.064  6.480   1.00 27.39 ? 8   ARG A NE  1 
ATOM   73  C CZ  . ARG A 1 8  ? -6.644  11.368  5.297   1.00 32.47 ? 8   ARG A CZ  1 
ATOM   74  N NH1 . ARG A 1 8  ? -6.117  12.312  4.505   1.00 26.06 ? 8   ARG A NH1 1 
ATOM   75  N NH2 . ARG A 1 8  ? -7.772  10.736  4.916   1.00 32.39 ? 8   ARG A NH2 1 
ATOM   76  N N   . PRO A 1 9  ? -1.727  7.903   10.166  1.00 20.85 ? 9   PRO A N   1 
ATOM   77  C CA  . PRO A 1 9  ? -0.424  7.181   10.183  1.00 18.82 ? 9   PRO A CA  1 
ATOM   78  C C   . PRO A 1 9  ? 0.124   7.062   8.754   1.00 18.93 ? 9   PRO A C   1 
ATOM   79  O O   . PRO A 1 9  ? -0.286  6.222   7.948   1.00 18.86 ? 9   PRO A O   1 
ATOM   80  C CB  . PRO A 1 9  ? -0.790  5.883   10.841  1.00 20.12 ? 9   PRO A CB  1 
ATOM   81  C CG  . PRO A 1 9  ? -2.183  5.571   10.293  1.00 19.79 ? 9   PRO A CG  1 
ATOM   82  C CD  . PRO A 1 9  ? -2.854  6.965   10.185  1.00 18.89 ? 9   PRO A CD  1 
ATOM   83  N N   . VAL A 1 10 ? 0.981   8.020   8.415   1.00 20.69 ? 10  VAL A N   1 
ATOM   84  C CA  . VAL A 1 10 ? 1.597   8.178   7.099   1.00 20.65 ? 10  VAL A CA  1 
ATOM   85  C C   . VAL A 1 10 ? 3.129   7.996   7.200   1.00 25.60 ? 10  VAL A C   1 
ATOM   86  O O   . VAL A 1 10 ? 3.825   8.409   8.139   1.00 26.41 ? 10  VAL A O   1 
ATOM   87  C CB  . VAL A 1 10 ? 1.228   9.590   6.558   1.00 19.71 ? 10  VAL A CB  1 
ATOM   88  C CG1 . VAL A 1 10 ? 1.956   9.927   5.267   1.00 17.06 ? 10  VAL A CG1 1 
ATOM   89  C CG2 . VAL A 1 10 ? -0.251  9.623   6.240   1.00 14.50 ? 10  VAL A CG2 1 
ATOM   90  N N   . VAL A 1 11 ? 3.646   7.240   6.253   1.00 27.13 ? 11  VAL A N   1 
ATOM   91  C CA  . VAL A 1 11 ? 5.062   7.076   6.099   1.00 21.73 ? 11  VAL A CA  1 
ATOM   92  C C   . VAL A 1 11 ? 5.395   7.324   4.610   1.00 25.08 ? 11  VAL A C   1 
ATOM   93  O O   . VAL A 1 11 ? 4.535   7.527   3.735   1.00 19.30 ? 11  VAL A O   1 
ATOM   94  C CB  . VAL A 1 11 ? 5.534   5.642   6.528   1.00 17.47 ? 11  VAL A CB  1 
ATOM   95  C CG1 . VAL A 1 11 ? 5.754   5.626   7.986   1.00 18.00 ? 11  VAL A CG1 1 
ATOM   96  C CG2 . VAL A 1 11 ? 4.534   4.591   6.242   1.00 17.42 ? 11  VAL A CG2 1 
ATOM   97  N N   . THR A 1 12 ? 6.706   7.403   4.369   1.00 28.89 ? 12  THR A N   1 
ATOM   98  C CA  . THR A 1 12 ? 7.318   7.387   3.047   1.00 26.20 ? 12  THR A CA  1 
ATOM   99  C C   . THR A 1 12 ? 7.802   5.965   2.794   1.00 17.18 ? 12  THR A C   1 
ATOM   100 O O   . THR A 1 12 ? 8.467   5.380   3.661   1.00 14.02 ? 12  THR A O   1 
ATOM   101 C CB  . THR A 1 12 ? 8.518   8.287   3.002   1.00 30.25 ? 12  THR A CB  1 
ATOM   102 O OG1 . THR A 1 12 ? 8.078   9.545   3.537   1.00 31.07 ? 12  THR A OG1 1 
ATOM   103 C CG2 . THR A 1 12 ? 9.128   8.336   1.581   1.00 29.00 ? 12  THR A CG2 1 
ATOM   104 N N   . ALA A 1 13 ? 7.478   5.438   1.631   1.00 11.33 ? 13  ALA A N   1 
ATOM   105 C CA  . ALA A 1 13 ? 7.884   4.107   1.214   1.00 18.83 ? 13  ALA A CA  1 
ATOM   106 C C   . ALA A 1 13 ? 8.648   4.222   -0.109  1.00 18.83 ? 13  ALA A C   1 
ATOM   107 O O   . ALA A 1 13 ? 8.431   5.168   -0.875  1.00 24.14 ? 13  ALA A O   1 
ATOM   108 C CB  . ALA A 1 13 ? 6.679   3.224   0.965   1.00 15.48 ? 13  ALA A CB  1 
ATOM   109 N N   . HIS A 1 14 ? 9.601   3.354   -0.421  1.00 22.13 ? 14  HIS A N   1 
ATOM   110 C CA  . HIS A 1 14 ? 10.271  3.352   -1.748  1.00 19.68 ? 14  HIS A CA  1 
ATOM   111 C C   . HIS A 1 14 ? 9.785   2.107   -2.450  1.00 12.76 ? 14  HIS A C   1 
ATOM   112 O O   . HIS A 1 14 ? 9.895   0.996   -1.921  1.00 17.84 ? 14  HIS A O   1 
ATOM   113 C CB  . HIS A 1 14 ? 11.777  3.272   -1.633  1.00 19.98 ? 14  HIS A CB  1 
ATOM   114 C CG  . HIS A 1 14 ? 12.265  4.594   -1.134  1.00 22.81 ? 14  HIS A CG  1 
ATOM   115 N ND1 . HIS A 1 14 ? 12.579  4.920   0.110   1.00 28.26 ? 14  HIS A ND1 1 
ATOM   116 C CD2 . HIS A 1 14 ? 12.336  5.713   -1.911  1.00 26.48 ? 14  HIS A CD2 1 
ATOM   117 C CE1 . HIS A 1 14 ? 12.822  6.203   0.128   1.00 26.94 ? 14  HIS A CE1 1 
ATOM   118 N NE2 . HIS A 1 14 ? 12.674  6.667   -1.089  1.00 27.92 ? 14  HIS A NE2 1 
ATOM   119 N N   . ILE A 1 15 ? 9.133   2.267   -3.571  1.00 12.10 ? 15  ILE A N   1 
ATOM   120 C CA  . ILE A 1 15 ? 8.577   1.129   -4.276  1.00 18.57 ? 15  ILE A CA  1 
ATOM   121 C C   . ILE A 1 15 ? 9.363   1.187   -5.585  1.00 24.99 ? 15  ILE A C   1 
ATOM   122 O O   . ILE A 1 15 ? 9.292   2.183   -6.354  1.00 20.95 ? 15  ILE A O   1 
ATOM   123 C CB  . ILE A 1 15 ? 7.038   1.348   -4.485  1.00 19.56 ? 15  ILE A CB  1 
ATOM   124 C CG1 . ILE A 1 15 ? 6.299   1.317   -3.141  1.00 12.86 ? 15  ILE A CG1 1 
ATOM   125 C CG2 . ILE A 1 15 ? 6.513   0.278   -5.442  1.00 11.64 ? 15  ILE A CG2 1 
ATOM   126 C CD1 . ILE A 1 15 ? 4.788   1.461   -3.312  1.00 16.52 ? 15  ILE A CD1 1 
ATOM   127 N N   . GLU A 1 16 ? 10.190  0.123   -5.774  1.00 23.46 ? 16  GLU A N   1 
ATOM   128 C CA  . GLU A 1 16 ? 11.058  0.008   -6.940  1.00 13.30 ? 16  GLU A CA  1 
ATOM   129 C C   . GLU A 1 16 ? 11.880  1.285   -7.094  1.00 11.81 ? 16  GLU A C   1 
ATOM   130 O O   . GLU A 1 16 ? 11.898  1.962   -8.128  1.00 10.11 ? 16  GLU A O   1 
ATOM   131 C CB  . GLU A 1 16 ? 10.192  -0.230  -8.163  1.00 12.03 ? 16  GLU A CB  1 
ATOM   132 C CG  . GLU A 1 16 ? 9.638   -1.636  -8.112  1.00 20.16 ? 16  GLU A CG  1 
ATOM   133 C CD  . GLU A 1 16 ? 10.670  -2.773  -8.131  1.00 27.94 ? 16  GLU A CD  1 
ATOM   134 O OE1 . GLU A 1 16 ? 11.791  -2.612  -8.641  1.00 32.13 ? 16  GLU A OE1 1 
ATOM   135 O OE2 . GLU A 1 16 ? 10.333  -3.849  -7.646  1.00 28.18 ? 16  GLU A OE2 1 
ATOM   136 N N   . GLY A 1 17 ? 12.404  1.691   -5.941  1.00 9.36  ? 17  GLY A N   1 
ATOM   137 C CA  . GLY A 1 17 ? 13.158  2.920   -5.824  1.00 19.41 ? 17  GLY A CA  1 
ATOM   138 C C   . GLY A 1 17 ? 12.341  4.211   -5.872  1.00 23.22 ? 17  GLY A C   1 
ATOM   139 O O   . GLY A 1 17 ? 12.881  5.225   -5.458  1.00 26.26 ? 17  GLY A O   1 
ATOM   140 N N   . GLN A 1 18 ? 11.092  4.279   -6.329  1.00 24.13 ? 18  GLN A N   1 
ATOM   141 C CA  . GLN A 1 18 ? 10.304  5.515   -6.320  1.00 29.45 ? 18  GLN A CA  1 
ATOM   142 C C   . GLN A 1 18 ? 9.790   5.878   -4.877  1.00 32.68 ? 18  GLN A C   1 
ATOM   143 O O   . GLN A 1 18 ? 9.243   5.006   -4.179  1.00 32.51 ? 18  GLN A O   1 
ATOM   144 C CB  . GLN A 1 18 ? 9.182   5.264   -7.332  1.00 29.39 ? 18  GLN A CB  1 
ATOM   145 C CG  . GLN A 1 18 ? 9.706   4.821   -8.716  1.00 32.71 ? 18  GLN A CG  1 
ATOM   146 C CD  . GLN A 1 18 ? 8.678   4.353   -9.751  1.00 38.86 ? 18  GLN A CD  1 
ATOM   147 O OE1 . GLN A 1 18 ? 8.123   5.101   -10.580 1.00 40.03 ? 18  GLN A OE1 1 
ATOM   148 N NE2 . GLN A 1 18 ? 8.410   3.050   -9.716  1.00 39.28 ? 18  GLN A NE2 1 
ATOM   149 N N   . PRO A 1 19 ? 10.000  7.079   -4.289  1.00 31.31 ? 19  PRO A N   1 
ATOM   150 C CA  . PRO A 1 19 ? 9.424   7.506   -2.996  1.00 26.93 ? 19  PRO A CA  1 
ATOM   151 C C   . PRO A 1 19 ? 7.945   7.857   -3.112  1.00 24.76 ? 19  PRO A C   1 
ATOM   152 O O   . PRO A 1 19 ? 7.545   8.561   -4.055  1.00 22.36 ? 19  PRO A O   1 
ATOM   153 C CB  . PRO A 1 19 ? 10.256  8.670   -2.596  1.00 27.11 ? 19  PRO A CB  1 
ATOM   154 C CG  . PRO A 1 19 ? 10.449  9.366   -3.938  1.00 32.47 ? 19  PRO A CG  1 
ATOM   155 C CD  . PRO A 1 19 ? 10.675  8.207   -4.936  1.00 33.21 ? 19  PRO A CD  1 
ATOM   156 N N   . VAL A 1 20 ? 7.136   7.353   -2.180  1.00 26.37 ? 20  VAL A N   1 
ATOM   157 C CA  . VAL A 1 20 ? 5.689   7.605   -2.156  1.00 25.91 ? 20  VAL A CA  1 
ATOM   158 C C   . VAL A 1 20 ? 5.255   7.734   -0.691  1.00 19.25 ? 20  VAL A C   1 
ATOM   159 O O   . VAL A 1 20 ? 5.831   7.118   0.214   1.00 18.58 ? 20  VAL A O   1 
ATOM   160 C CB  . VAL A 1 20 ? 5.042   6.423   -2.943  1.00 24.57 ? 20  VAL A CB  1 
ATOM   161 C CG1 . VAL A 1 20 ? 4.940   5.189   -2.103  1.00 31.16 ? 20  VAL A CG1 1 
ATOM   162 C CG2 . VAL A 1 20 ? 3.702   6.828   -3.436  1.00 30.80 ? 20  VAL A CG2 1 
ATOM   163 N N   . GLU A 1 21 ? 4.341   8.653   -0.421  1.00 21.73 ? 21  GLU A N   1 
ATOM   164 C CA  . GLU A 1 21 ? 3.790   8.919   0.909   1.00 20.00 ? 21  GLU A CA  1 
ATOM   165 C C   . GLU A 1 21 ? 2.604   7.992   1.037   1.00 18.38 ? 21  GLU A C   1 
ATOM   166 O O   . GLU A 1 21 ? 1.717   8.058   0.164   1.00 15.23 ? 21  GLU A O   1 
ATOM   167 C CB  . GLU A 1 21 ? 3.350   10.328  0.939   1.00 29.35 ? 21  GLU A CB  1 
ATOM   168 C CG  . GLU A 1 21 ? 4.473   11.243  1.361   1.00 43.58 ? 21  GLU A CG  1 
ATOM   169 C CD  . GLU A 1 21 ? 4.262   11.694  2.802   1.00 54.79 ? 21  GLU A CD  1 
ATOM   170 O OE1 . GLU A 1 21 ? 3.400   12.566  3.026   1.00 55.49 ? 21  GLU A OE1 1 
ATOM   171 O OE2 . GLU A 1 21 ? 4.940   11.151  3.685   1.00 57.50 ? 21  GLU A OE2 1 
ATOM   172 N N   . VAL A 1 22 ? 2.606   7.045   1.978   1.00 11.73 ? 22  VAL A N   1 
ATOM   173 C CA  . VAL A 1 22 ? 1.484   6.122   2.111   1.00 17.52 ? 22  VAL A CA  1 
ATOM   174 C C   . VAL A 1 22 ? 0.773   6.132   3.465   1.00 17.69 ? 22  VAL A C   1 
ATOM   175 O O   . VAL A 1 22 ? 1.410   6.325   4.521   1.00 18.66 ? 22  VAL A O   1 
ATOM   176 C CB  . VAL A 1 22 ? 1.934   4.646   1.820   1.00 13.40 ? 22  VAL A CB  1 
ATOM   177 C CG1 . VAL A 1 22 ? 2.274   4.575   0.334   1.00 14.96 ? 22  VAL A CG1 1 
ATOM   178 C CG2 . VAL A 1 22 ? 3.045   4.197   2.752   1.00 8.21  ? 22  VAL A CG2 1 
ATOM   179 N N   . LEU A 1 23 ? -0.541  5.866   3.436   1.00 15.05 ? 23  LEU A N   1 
ATOM   180 C CA  . LEU A 1 23 ? -1.345  5.764   4.657   1.00 13.58 ? 23  LEU A CA  1 
ATOM   181 C C   . LEU A 1 23 ? -1.424  4.289   5.048   1.00 14.28 ? 23  LEU A C   1 
ATOM   182 O O   . LEU A 1 23 ? -1.837  3.436   4.223   1.00 12.25 ? 23  LEU A O   1 
ATOM   183 C CB  . LEU A 1 23 ? -2.756  6.340   4.377   1.00 13.53 ? 23  LEU A CB  1 
ATOM   184 C CG  . LEU A 1 23 ? -3.861  6.263   5.447   1.00 13.29 ? 23  LEU A CG  1 
ATOM   185 C CD1 . LEU A 1 23 ? -3.380  6.967   6.673   1.00 7.37  ? 23  LEU A CD1 1 
ATOM   186 C CD2 . LEU A 1 23 ? -5.129  6.937   4.984   1.00 8.70  ? 23  LEU A CD2 1 
ATOM   187 N N   . LEU A 1 24 ? -1.006  3.959   6.262   1.00 8.05  ? 24  LEU A N   1 
ATOM   188 C CA  . LEU A 1 24 ? -1.102  2.601   6.760   1.00 11.69 ? 24  LEU A CA  1 
ATOM   189 C C   . LEU A 1 24 ? -2.535  2.298   7.235   1.00 13.73 ? 24  LEU A C   1 
ATOM   190 O O   . LEU A 1 24 ? -2.992  2.779   8.272   1.00 21.41 ? 24  LEU A O   1 
ATOM   191 C CB  . LEU A 1 24 ? -0.139  2.459   7.887   1.00 13.27 ? 24  LEU A CB  1 
ATOM   192 C CG  . LEU A 1 24 ? 1.270   2.905   7.669   1.00 12.06 ? 24  LEU A CG  1 
ATOM   193 C CD1 . LEU A 1 24 ? 1.992   2.840   8.996   1.00 15.15 ? 24  LEU A CD1 1 
ATOM   194 C CD2 . LEU A 1 24 ? 1.948   2.012   6.667   1.00 6.97  ? 24  LEU A CD2 1 
ATOM   195 N N   . ASP A 1 25 ? -3.283  1.411   6.603   1.00 13.81 ? 25  ASP A N   1 
ATOM   196 C CA  . ASP A 1 25 ? -4.701  1.314   6.811   1.00 10.25 ? 25  ASP A CA  1 
ATOM   197 C C   . ASP A 1 25 ? -5.162  -0.031  7.294   1.00 14.14 ? 25  ASP A C   1 
ATOM   198 O O   . ASP A 1 25 ? -5.375  -0.856  6.416   1.00 22.86 ? 25  ASP A O   1 
ATOM   199 C CB  . ASP A 1 25 ? -5.306  1.711   5.474   1.00 4.41  ? 25  ASP A CB  1 
ATOM   200 C CG  . ASP A 1 25 ? -6.799  1.684   5.305   1.00 3.91  ? 25  ASP A CG  1 
ATOM   201 O OD1 . ASP A 1 25 ? -7.467  0.886   5.946   1.00 8.85  ? 25  ASP A OD1 1 
ATOM   202 O OD2 . ASP A 1 25 ? -7.429  2.498   4.355   1.00 6.84  ? 25  ASP A OD2 1 
ATOM   203 N N   . THR A 1 26 ? -5.434  -0.334  8.573   1.00 9.58  ? 26  THR A N   1 
ATOM   204 C CA  . THR A 1 26 ? -5.893  -1.670  8.933   1.00 8.30  ? 26  THR A CA  1 
ATOM   205 C C   . THR A 1 26 ? -7.222  -2.110  8.317   1.00 9.55  ? 26  THR A C   1 
ATOM   206 O O   . THR A 1 26 ? -7.604  -3.274  8.415   1.00 18.43 ? 26  THR A O   1 
ATOM   207 C CB  . THR A 1 26 ? -5.949  -1.733  10.430  1.00 13.17 ? 26  THR A CB  1 
ATOM   208 O OG1 . THR A 1 26 ? -6.855  -0.691  10.787  1.00 18.13 ? 26  THR A OG1 1 
ATOM   209 C CG2 . THR A 1 26 ? -4.571  -1.544  11.107  1.00 6.52  ? 26  THR A CG2 1 
ATOM   210 N N   . GLY A 1 27 ? -7.912  -1.229  7.591   1.00 9.11  ? 27  GLY A N   1 
ATOM   211 C CA  . GLY A 1 27 ? -9.187  -1.563  7.041   1.00 7.20  ? 27  GLY A CA  1 
ATOM   212 C C   . GLY A 1 27 ? -9.077  -1.817  5.565   1.00 20.03 ? 27  GLY A C   1 
ATOM   213 O O   . GLY A 1 27 ? -10.073 -1.824  4.850   1.00 28.54 ? 27  GLY A O   1 
ATOM   214 N N   . ALA A 1 28 ? -7.890  -1.958  5.006   1.00 24.92 ? 28  ALA A N   1 
ATOM   215 C CA  . ALA A 1 28 ? -7.731  -2.294  3.601   1.00 13.21 ? 28  ALA A CA  1 
ATOM   216 C C   . ALA A 1 28 ? -7.137  -3.695  3.620   1.00 10.87 ? 28  ALA A C   1 
ATOM   217 O O   . ALA A 1 28 ? -6.269  -4.042  4.432   1.00 9.35  ? 28  ALA A O   1 
ATOM   218 C CB  . ALA A 1 28 ? -6.772  -1.293  2.965   1.00 11.41 ? 28  ALA A CB  1 
ATOM   219 N N   . ASP A 1 29 ? -7.654  -4.560  2.764   1.00 11.32 ? 29  ASP A N   1 
ATOM   220 C CA  . ASP A 1 29 ? -7.068  -5.889  2.598   1.00 20.53 ? 29  ASP A CA  1 
ATOM   221 C C   . ASP A 1 29 ? -5.880  -5.790  1.679   1.00 18.03 ? 29  ASP A C   1 
ATOM   222 O O   . ASP A 1 29 ? -4.878  -6.436  1.932   1.00 27.09 ? 29  ASP A O   1 
ATOM   223 C CB  . ASP A 1 29 ? -8.021  -6.917  1.959   1.00 25.59 ? 29  ASP A CB  1 
ATOM   224 C CG  . ASP A 1 29 ? -9.371  -7.137  2.660   1.00 23.43 ? 29  ASP A CG  1 
ATOM   225 O OD1 . ASP A 1 29 ? -9.412  -7.235  3.890   1.00 18.95 ? 29  ASP A OD1 1 
ATOM   226 O OD2 . ASP A 1 29 ? -10.376 -7.192  1.946   1.00 22.56 ? 29  ASP A OD2 1 
ATOM   227 N N   . ASP A 1 30 ? -5.954  -4.858  0.725   1.00 20.19 ? 30  ASP A N   1 
ATOM   228 C CA  . ASP A 1 30 ? -4.990  -4.595  -0.354  1.00 16.37 ? 30  ASP A CA  1 
ATOM   229 C C   . ASP A 1 30 ? -4.219  -3.288  -0.233  1.00 17.17 ? 30  ASP A C   1 
ATOM   230 O O   . ASP A 1 30 ? -4.619  -2.404  0.539   1.00 17.47 ? 30  ASP A O   1 
ATOM   231 C CB  . ASP A 1 30 ? -5.753  -4.569  -1.692  1.00 22.32 ? 30  ASP A CB  1 
ATOM   232 C CG  . ASP A 1 30 ? -6.546  -5.843  -1.960  1.00 21.97 ? 30  ASP A CG  1 
ATOM   233 O OD1 . ASP A 1 30 ? -6.047  -6.910  -1.622  1.00 25.93 ? 30  ASP A OD1 1 
ATOM   234 O OD2 . ASP A 1 30 ? -7.659  -5.774  -2.475  1.00 26.30 ? 30  ASP A OD2 1 
ATOM   235 N N   . SER A 1 31 ? -3.142  -3.103  -0.988  1.00 11.16 ? 31  SER A N   1 
ATOM   236 C CA  . SER A 1 31 ? -2.442  -1.824  -1.018  1.00 6.83  ? 31  SER A CA  1 
ATOM   237 C C   . SER A 1 31 ? -2.631  -1.247  -2.404  1.00 10.33 ? 31  SER A C   1 
ATOM   238 O O   . SER A 1 31 ? -2.670  -1.984  -3.398  1.00 15.43 ? 31  SER A O   1 
ATOM   239 C CB  . SER A 1 31 ? -0.981  -2.031  -0.739  1.00 7.66  ? 31  SER A CB  1 
ATOM   240 O OG  . SER A 1 31 ? -0.821  -2.749  0.491   1.00 8.51  ? 31  SER A OG  1 
ATOM   241 N N   . ILE A 1 32 ? -2.869  0.051   -2.556  1.00 10.15 ? 32  ILE A N   1 
ATOM   242 C CA  . ILE A 1 32 ? -3.024  0.641   -3.857  1.00 7.96  ? 32  ILE A CA  1 
ATOM   243 C C   . ILE A 1 32 ? -2.489  2.046   -3.754  1.00 16.71 ? 32  ILE A C   1 
ATOM   244 O O   . ILE A 1 32 ? -2.704  2.794   -2.781  1.00 21.05 ? 32  ILE A O   1 
ATOM   245 C CB  . ILE A 1 32 ? -4.514  0.553   -4.379  1.00 10.94 ? 32  ILE A CB  1 
ATOM   246 C CG1 . ILE A 1 32 ? -4.699  1.747   -5.256  1.00 8.24  ? 32  ILE A CG1 1 
ATOM   247 C CG2 . ILE A 1 32 ? -5.569  0.333   -3.290  1.00 18.13 ? 32  ILE A CG2 1 
ATOM   248 C CD1 . ILE A 1 32 ? -5.633  1.406   -6.366  1.00 12.57 ? 32  ILE A CD1 1 
ATOM   249 N N   . VAL A 1 33 ? -1.629  2.220   -4.777  1.00 12.41 ? 33  VAL A N   1 
ATOM   250 C CA  . VAL A 1 33 ? -0.784  3.377   -4.941  1.00 9.74  ? 33  VAL A CA  1 
ATOM   251 C C   . VAL A 1 33 ? -1.116  4.021   -6.276  1.00 11.28 ? 33  VAL A C   1 
ATOM   252 O O   . VAL A 1 33 ? -1.782  3.415   -7.115  1.00 17.31 ? 33  VAL A O   1 
ATOM   253 C CB  . VAL A 1 33 ? 0.623   2.772   -4.771  1.00 11.52 ? 33  VAL A CB  1 
ATOM   254 C CG1 . VAL A 1 33 ? 1.637   3.667   -5.374  1.00 17.36 ? 33  VAL A CG1 1 
ATOM   255 C CG2 . VAL A 1 33 ? 1.002   2.664   -3.258  1.00 3.10  ? 33  VAL A CG2 1 
ATOM   256 N N   . THR A 1 34 ? -0.800  5.271   -6.515  1.00 11.99 ? 34  THR A N   1 
ATOM   257 C CA  . THR A 1 34 ? -1.016  5.843   -7.817  1.00 19.27 ? 34  THR A CA  1 
ATOM   258 C C   . THR A 1 34 ? 0.263   6.630   -8.044  1.00 23.67 ? 34  THR A C   1 
ATOM   259 O O   . THR A 1 34 ? 1.128   6.784   -7.158  1.00 26.11 ? 34  THR A O   1 
ATOM   260 C CB  . THR A 1 34 ? -2.290  6.775   -7.839  1.00 27.04 ? 34  THR A CB  1 
ATOM   261 O OG1 . THR A 1 34 ? -2.448  7.133   -9.228  1.00 28.60 ? 34  THR A OG1 1 
ATOM   262 C CG2 . THR A 1 34 ? -2.230  8.037   -6.940  1.00 24.09 ? 34  THR A CG2 1 
ATOM   263 N N   . GLY A 1 35 ? 0.414   7.069   -9.286  1.00 26.07 ? 35  GLY A N   1 
ATOM   264 C CA  . GLY A 1 35 ? 1.568   7.870   -9.670  1.00 32.78 ? 35  GLY A CA  1 
ATOM   265 C C   . GLY A 1 35 ? 2.917   7.160   -9.663  1.00 34.08 ? 35  GLY A C   1 
ATOM   266 O O   . GLY A 1 35 ? 3.941   7.828   -9.753  1.00 41.55 ? 35  GLY A O   1 
ATOM   267 N N   . ILE A 1 36 ? 2.949   5.834   -9.563  1.00 35.63 ? 36  ILE A N   1 
ATOM   268 C CA  . ILE A 1 36 ? 4.168   5.034   -9.606  1.00 34.51 ? 36  ILE A CA  1 
ATOM   269 C C   . ILE A 1 36 ? 4.062   4.322   -10.966 1.00 34.20 ? 36  ILE A C   1 
ATOM   270 O O   . ILE A 1 36 ? 2.927   4.081   -11.416 1.00 31.32 ? 36  ILE A O   1 
ATOM   271 C CB  . ILE A 1 36 ? 4.067   4.123   -8.334  1.00 34.65 ? 36  ILE A CB  1 
ATOM   272 C CG1 . ILE A 1 36 ? 5.280   4.397   -7.510  1.00 37.52 ? 36  ILE A CG1 1 
ATOM   273 C CG2 . ILE A 1 36 ? 3.996   2.642   -8.611  1.00 30.36 ? 36  ILE A CG2 1 
ATOM   274 C CD1 . ILE A 1 36 ? 5.353   5.861   -7.047  1.00 42.33 ? 36  ILE A CD1 1 
ATOM   275 N N   . GLU A 1 37 ? 5.128   4.009   -11.711 1.00 38.30 ? 37  GLU A N   1 
ATOM   276 C CA  . GLU A 1 37 ? 4.976   3.161   -12.911 1.00 36.63 ? 37  GLU A CA  1 
ATOM   277 C C   . GLU A 1 37 ? 5.611   1.796   -12.596 1.00 35.35 ? 37  GLU A C   1 
ATOM   278 O O   . GLU A 1 37 ? 6.752   1.762   -12.081 1.00 33.30 ? 37  GLU A O   1 
ATOM   279 C CB  . GLU A 1 37 ? 5.680   3.794   -14.106 1.00 40.50 ? 37  GLU A CB  1 
ATOM   280 N N   . LEU A 1 38 ? 4.909   0.656   -12.777 1.00 28.57 ? 38  LEU A N   1 
ATOM   281 C CA  . LEU A 1 38 ? 5.529   -0.611  -12.385 1.00 32.08 ? 38  LEU A CA  1 
ATOM   282 C C   . LEU A 1 38 ? 5.704   -1.773  -13.378 1.00 36.27 ? 38  LEU A C   1 
ATOM   283 O O   . LEU A 1 38 ? 6.154   -2.872  -13.017 1.00 39.38 ? 38  LEU A O   1 
ATOM   284 C CB  . LEU A 1 38 ? 4.812   -1.150  -11.152 1.00 25.84 ? 38  LEU A CB  1 
ATOM   285 C CG  . LEU A 1 38 ? 5.099   -0.455  -9.851  1.00 26.70 ? 38  LEU A CG  1 
ATOM   286 C CD1 . LEU A 1 38 ? 4.457   -1.206  -8.720  1.00 19.78 ? 38  LEU A CD1 1 
ATOM   287 C CD2 . LEU A 1 38 ? 6.592   -0.398  -9.636  1.00 30.54 ? 38  LEU A CD2 1 
ATOM   288 N N   . GLY A 1 39 ? 5.406   -1.602  -14.660 1.00 35.59 ? 39  GLY A N   1 
ATOM   289 C CA  . GLY A 1 39 ? 5.635   -2.694  -15.586 1.00 41.14 ? 39  GLY A CA  1 
ATOM   290 C C   . GLY A 1 39 ? 4.386   -2.946  -16.402 1.00 43.05 ? 39  GLY A C   1 
ATOM   291 O O   . GLY A 1 39 ? 3.331   -2.368  -16.145 1.00 47.85 ? 39  GLY A O   1 
ATOM   292 N N   . PRO A 1 40 ? 4.450   -3.760  -17.442 1.00 40.61 ? 40  PRO A N   1 
ATOM   293 C CA  . PRO A 1 40 ? 3.271   -4.285  -18.096 1.00 34.00 ? 40  PRO A CA  1 
ATOM   294 C C   . PRO A 1 40 ? 2.976   -5.668  -17.604 1.00 26.62 ? 40  PRO A C   1 
ATOM   295 O O   . PRO A 1 40 ? 2.197   -6.381  -18.202 1.00 25.29 ? 40  PRO A O   1 
ATOM   296 C CB  . PRO A 1 40 ? 3.621   -4.239  -19.542 1.00 41.92 ? 40  PRO A CB  1 
ATOM   297 C CG  . PRO A 1 40 ? 5.077   -4.687  -19.491 1.00 43.25 ? 40  PRO A CG  1 
ATOM   298 C CD  . PRO A 1 40 ? 5.611   -3.846  -18.327 1.00 43.19 ? 40  PRO A CD  1 
ATOM   299 N N   . HIS A 1 41 ? 3.624   -6.129  -16.565 1.00 26.14 ? 41  HIS A N   1 
ATOM   300 C CA  . HIS A 1 41 ? 3.340   -7.458  -16.106 1.00 32.61 ? 41  HIS A CA  1 
ATOM   301 C C   . HIS A 1 41 ? 2.370   -7.371  -14.945 1.00 32.39 ? 41  HIS A C   1 
ATOM   302 O O   . HIS A 1 41 ? 2.777   -7.533  -13.788 1.00 30.10 ? 41  HIS A O   1 
ATOM   303 C CB  . HIS A 1 41 ? 4.650   -8.121  -15.701 1.00 40.13 ? 41  HIS A CB  1 
ATOM   304 C CG  . HIS A 1 41 ? 5.278   -8.732  -16.932 1.00 47.58 ? 41  HIS A CG  1 
ATOM   305 N ND1 . HIS A 1 41 ? 6.244   -8.239  -17.704 1.00 49.52 ? 41  HIS A ND1 1 
ATOM   306 C CD2 . HIS A 1 41 ? 4.859   -9.928  -17.471 1.00 49.20 ? 41  HIS A CD2 1 
ATOM   307 C CE1 . HIS A 1 41 ? 6.413   -9.083  -18.695 1.00 52.75 ? 41  HIS A CE1 1 
ATOM   308 N NE2 . HIS A 1 41 ? 5.579   -10.089 -18.542 1.00 51.68 ? 41  HIS A NE2 1 
ATOM   309 N N   . TYR A 1 42 ? 1.116   -7.057  -15.268 1.00 29.04 ? 42  TYR A N   1 
ATOM   310 C CA  . TYR A 1 42 ? 0.100   -6.967  -14.244 1.00 28.89 ? 42  TYR A CA  1 
ATOM   311 C C   . TYR A 1 42 ? -1.121  -7.780  -14.612 1.00 31.39 ? 42  TYR A C   1 
ATOM   312 O O   . TYR A 1 42 ? -1.359  -8.013  -15.800 1.00 30.47 ? 42  TYR A O   1 
ATOM   313 C CB  . TYR A 1 42 ? -0.338  -5.521  -14.049 1.00 23.45 ? 42  TYR A CB  1 
ATOM   314 C CG  . TYR A 1 42 ? -1.030  -4.977  -15.253 1.00 14.21 ? 42  TYR A CG  1 
ATOM   315 C CD1 . TYR A 1 42 ? -2.370  -5.136  -15.407 1.00 13.12 ? 42  TYR A CD1 1 
ATOM   316 C CD2 . TYR A 1 42 ? -0.277  -4.384  -16.193 1.00 17.10 ? 42  TYR A CD2 1 
ATOM   317 C CE1 . TYR A 1 42 ? -2.986  -4.693  -16.543 1.00 17.31 ? 42  TYR A CE1 1 
ATOM   318 C CE2 . TYR A 1 42 ? -0.887  -3.927  -17.335 1.00 21.91 ? 42  TYR A CE2 1 
ATOM   319 C CZ  . TYR A 1 42 ? -2.247  -4.073  -17.520 1.00 20.70 ? 42  TYR A CZ  1 
ATOM   320 O OH  . TYR A 1 42 ? -2.860  -3.608  -18.696 1.00 25.21 ? 42  TYR A OH  1 
ATOM   321 N N   . THR A 1 43 ? -1.961  -8.051  -13.618 1.00 33.36 ? 43  THR A N   1 
ATOM   322 C CA  . THR A 1 43 ? -3.267  -8.657  -13.835 1.00 33.33 ? 43  THR A CA  1 
ATOM   323 C C   . THR A 1 43 ? -4.327  -7.602  -13.496 1.00 36.14 ? 43  THR A C   1 
ATOM   324 O O   . THR A 1 43 ? -4.180  -6.904  -12.485 1.00 36.77 ? 43  THR A O   1 
ATOM   325 C CB  . THR A 1 43 ? -3.373  -9.890  -12.948 1.00 35.84 ? 43  THR A CB  1 
ATOM   326 O OG1 . THR A 1 43 ? -2.210  -10.056 -12.098 1.00 43.53 ? 43  THR A OG1 1 
ATOM   327 C CG2 . THR A 1 43 ? -3.500  -11.088 -13.867 1.00 39.89 ? 43  THR A CG2 1 
ATOM   328 N N   . PRO A 1 44 ? -5.378  -7.349  -14.278 1.00 38.56 ? 44  PRO A N   1 
ATOM   329 C CA  . PRO A 1 44 ? -6.406  -6.324  -13.986 1.00 36.16 ? 44  PRO A CA  1 
ATOM   330 C C   . PRO A 1 44 ? -7.239  -6.647  -12.746 1.00 37.62 ? 44  PRO A C   1 
ATOM   331 O O   . PRO A 1 44 ? -7.545  -7.832  -12.583 1.00 43.19 ? 44  PRO A O   1 
ATOM   332 C CB  . PRO A 1 44 ? -7.246  -6.287  -15.224 1.00 35.44 ? 44  PRO A CB  1 
ATOM   333 C CG  . PRO A 1 44 ? -6.469  -7.117  -16.247 1.00 39.21 ? 44  PRO A CG  1 
ATOM   334 C CD  . PRO A 1 44 ? -5.800  -8.182  -15.397 1.00 35.53 ? 44  PRO A CD  1 
ATOM   335 N N   . LYS A 1 45 ? -7.621  -5.752  -11.819 1.00 37.77 ? 45  LYS A N   1 
ATOM   336 C CA  . LYS A 1 45 ? -8.530  -6.095  -10.709 1.00 33.07 ? 45  LYS A CA  1 
ATOM   337 C C   . LYS A 1 45 ? -9.521  -4.933  -10.554 1.00 32.85 ? 45  LYS A C   1 
ATOM   338 O O   . LYS A 1 45 ? -9.398  -3.899  -11.202 1.00 35.75 ? 45  LYS A O   1 
ATOM   339 C CB  . LYS A 1 45 ? -7.861  -6.208  -9.357  1.00 34.56 ? 45  LYS A CB  1 
ATOM   340 C CG  . LYS A 1 45 ? -6.719  -7.136  -9.057  1.00 38.58 ? 45  LYS A CG  1 
ATOM   341 C CD  . LYS A 1 45 ? -7.054  -8.503  -8.507  1.00 41.22 ? 45  LYS A CD  1 
ATOM   342 C CE  . LYS A 1 45 ? -6.743  -9.494  -9.626  1.00 43.55 ? 45  LYS A CE  1 
ATOM   343 N NZ  . LYS A 1 45 ? -6.297  -10.772 -9.097  1.00 45.35 ? 45  LYS A NZ  1 
ATOM   344 N N   . ILE A 1 46 ? -10.562 -5.003  -9.752  1.00 31.79 ? 46  ILE A N   1 
ATOM   345 C CA  . ILE A 1 46 ? -11.400 -3.859  -9.442  1.00 31.00 ? 46  ILE A CA  1 
ATOM   346 C C   . ILE A 1 46 ? -11.525 -3.952  -7.926  1.00 32.08 ? 46  ILE A C   1 
ATOM   347 O O   . ILE A 1 46 ? -11.720 -5.046  -7.388  1.00 36.32 ? 46  ILE A O   1 
ATOM   348 C CB  . ILE A 1 46 ? -12.790 -3.922  -10.150 1.00 29.18 ? 46  ILE A CB  1 
ATOM   349 C CG1 . ILE A 1 46 ? -13.334 -5.318  -10.129 1.00 30.44 ? 46  ILE A CG1 1 
ATOM   350 C CG2 . ILE A 1 46 ? -12.637 -3.374  -11.579 1.00 23.57 ? 46  ILE A CG2 1 
ATOM   351 C CD1 . ILE A 1 46 ? -14.207 -5.703  -11.352 1.00 37.44 ? 46  ILE A CD1 1 
ATOM   352 N N   . VAL A 1 47 ? -11.218 -2.915  -7.159  1.00 32.21 ? 47  VAL A N   1 
ATOM   353 C CA  . VAL A 1 47 ? -11.466 -3.017  -5.728  1.00 34.33 ? 47  VAL A CA  1 
ATOM   354 C C   . VAL A 1 47 ? -12.426 -1.904  -5.390  1.00 30.20 ? 47  VAL A C   1 
ATOM   355 O O   . VAL A 1 47 ? -12.406 -0.804  -5.975  1.00 25.46 ? 47  VAL A O   1 
ATOM   356 C CB  . VAL A 1 47 ? -10.208 -2.864  -4.800  1.00 33.84 ? 47  VAL A CB  1 
ATOM   357 C CG1 . VAL A 1 47 ? -9.371  -4.122  -4.965  1.00 37.08 ? 47  VAL A CG1 1 
ATOM   358 C CG2 . VAL A 1 47 ? -9.393  -1.652  -5.111  1.00 34.48 ? 47  VAL A CG2 1 
ATOM   359 N N   . GLY A 1 48 ? -13.287 -2.332  -4.476  1.00 27.03 ? 48  GLY A N   1 
ATOM   360 C CA  . GLY A 1 48 ? -14.317 -1.482  -3.935  1.00 30.82 ? 48  GLY A CA  1 
ATOM   361 C C   . GLY A 1 48 ? -13.873 -0.882  -2.616  1.00 31.45 ? 48  GLY A C   1 
ATOM   362 O O   . GLY A 1 48 ? -13.087 -1.473  -1.859  1.00 28.53 ? 48  GLY A O   1 
ATOM   363 N N   . GLY A 1 49 ? -14.437 0.309   -2.399  1.00 39.75 ? 49  GLY A N   1 
ATOM   364 C CA  . GLY A 1 49 ? -14.304 1.135   -1.194  1.00 38.93 ? 49  GLY A CA  1 
ATOM   365 C C   . GLY A 1 49 ? -15.639 1.868   -0.969  1.00 39.69 ? 49  GLY A C   1 
ATOM   366 O O   . GLY A 1 49 ? -16.669 1.507   -1.544  1.00 33.78 ? 49  GLY A O   1 
ATOM   367 N N   . ILE A 1 50 ? -15.650 2.930   -0.159  1.00 41.82 ? 50  ILE A N   1 
ATOM   368 C CA  . ILE A 1 50 ? -16.844 3.728   0.159   1.00 39.35 ? 50  ILE A CA  1 
ATOM   369 C C   . ILE A 1 50 ? -17.678 4.232   -1.003  1.00 40.12 ? 50  ILE A C   1 
ATOM   370 O O   . ILE A 1 50 ? -18.861 3.899   -1.100  1.00 43.75 ? 50  ILE A O   1 
ATOM   371 C CB  . ILE A 1 50 ? -16.399 4.945   1.085   1.00 40.89 ? 50  ILE A CB  1 
ATOM   372 C CG1 . ILE A 1 50 ? -16.162 4.377   2.482   1.00 37.27 ? 50  ILE A CG1 1 
ATOM   373 C CG2 . ILE A 1 50 ? -17.418 6.105   1.137   1.00 40.15 ? 50  ILE A CG2 1 
ATOM   374 C CD1 . ILE A 1 50 ? -17.362 3.580   3.026   1.00 33.28 ? 50  ILE A CD1 1 
ATOM   375 N N   . GLY A 1 51 ? -17.122 5.042   -1.896  1.00 37.66 ? 51  GLY A N   1 
ATOM   376 C CA  . GLY A 1 51 ? -17.969 5.590   -2.942  1.00 38.30 ? 51  GLY A CA  1 
ATOM   377 C C   . GLY A 1 51 ? -18.263 4.637   -4.101  1.00 39.56 ? 51  GLY A C   1 
ATOM   378 O O   . GLY A 1 51 ? -18.908 5.058   -5.061  1.00 40.87 ? 51  GLY A O   1 
ATOM   379 N N   . GLY A 1 52 ? -17.830 3.371   -4.082  1.00 39.58 ? 52  GLY A N   1 
ATOM   380 C CA  . GLY A 1 52 ? -17.925 2.496   -5.233  1.00 34.32 ? 52  GLY A CA  1 
ATOM   381 C C   . GLY A 1 52 ? -16.591 1.758   -5.434  1.00 36.17 ? 52  GLY A C   1 
ATOM   382 O O   . GLY A 1 52 ? -15.763 1.591   -4.523  1.00 33.64 ? 52  GLY A O   1 
ATOM   383 N N   . PHE A 1 53 ? -16.353 1.332   -6.669  1.00 33.53 ? 53  PHE A N   1 
ATOM   384 C CA  . PHE A 1 53 ? -15.183 0.540   -7.009  1.00 30.85 ? 53  PHE A CA  1 
ATOM   385 C C   . PHE A 1 53 ? -14.312 1.260   -8.031  1.00 30.34 ? 53  PHE A C   1 
ATOM   386 O O   . PHE A 1 53 ? -14.789 2.159   -8.732  1.00 27.17 ? 53  PHE A O   1 
ATOM   387 C CB  . PHE A 1 53 ? -15.608 -0.842  -7.579  1.00 22.14 ? 53  PHE A CB  1 
ATOM   388 C CG  . PHE A 1 53 ? -16.539 -0.783  -8.777  1.00 16.01 ? 53  PHE A CG  1 
ATOM   389 C CD1 . PHE A 1 53 ? -16.073 -0.474  -10.026 1.00 21.50 ? 53  PHE A CD1 1 
ATOM   390 C CD2 . PHE A 1 53 ? -17.876 -1.001  -8.603  1.00 21.00 ? 53  PHE A CD2 1 
ATOM   391 C CE1 . PHE A 1 53 ? -16.935 -0.374  -11.092 1.00 22.84 ? 53  PHE A CE1 1 
ATOM   392 C CE2 . PHE A 1 53 ? -18.739 -0.900  -9.669  1.00 22.62 ? 53  PHE A CE2 1 
ATOM   393 C CZ  . PHE A 1 53 ? -18.275 -0.584  -10.919 1.00 21.96 ? 53  PHE A CZ  1 
ATOM   394 N N   . ILE A 1 54 ? -13.065 0.787   -8.125  1.00 30.55 ? 54  ILE A N   1 
ATOM   395 C CA  . ILE A 1 54 ? -12.075 1.237   -9.091  1.00 30.10 ? 54  ILE A CA  1 
ATOM   396 C C   . ILE A 1 54 ? -11.343 0.063   -9.741  1.00 30.45 ? 54  ILE A C   1 
ATOM   397 O O   . ILE A 1 54 ? -11.168 -0.996  -9.130  1.00 24.66 ? 54  ILE A O   1 
ATOM   398 C CB  . ILE A 1 54 ? -10.976 2.126   -8.462  1.00 27.12 ? 54  ILE A CB  1 
ATOM   399 C CG1 . ILE A 1 54 ? -10.461 1.528   -7.156  1.00 17.53 ? 54  ILE A CG1 1 
ATOM   400 C CG2 . ILE A 1 54 ? -11.547 3.566   -8.408  1.00 29.17 ? 54  ILE A CG2 1 
ATOM   401 C CD1 . ILE A 1 54 ? -9.194  2.336   -6.954  1.00 12.74 ? 54  ILE A CD1 1 
ATOM   402 N N   . ASN A 1 55 ? -10.878 0.319   -10.964 1.00 29.08 ? 55  ASN A N   1 
ATOM   403 C CA  . ASN A 1 55 ? -10.046 -0.586  -11.752 1.00 27.73 ? 55  ASN A CA  1 
ATOM   404 C C   . ASN A 1 55 ? -8.637  -0.572  -11.242 1.00 22.73 ? 55  ASN A C   1 
ATOM   405 O O   . ASN A 1 55 ? -8.145  0.536   -11.055 1.00 28.17 ? 55  ASN A O   1 
ATOM   406 C CB  . ASN A 1 55 ? -9.966  -0.150  -13.173 1.00 34.50 ? 55  ASN A CB  1 
ATOM   407 C CG  . ASN A 1 55 ? -11.350 -0.052  -13.733 1.00 41.57 ? 55  ASN A CG  1 
ATOM   408 O OD1 . ASN A 1 55 ? -12.216 -0.869  -13.427 1.00 46.58 ? 55  ASN A OD1 1 
ATOM   409 N ND2 . ASN A 1 55 ? -11.638 0.974   -14.525 1.00 48.00 ? 55  ASN A ND2 1 
ATOM   410 N N   . THR A 1 56 ? -7.930  -1.656  -10.989 1.00 23.04 ? 56  THR A N   1 
ATOM   411 C CA  . THR A 1 56 ? -6.522  -1.573  -10.611 1.00 27.82 ? 56  THR A CA  1 
ATOM   412 C C   . THR A 1 56 ? -5.655  -2.518  -11.446 1.00 23.06 ? 56  THR A C   1 
ATOM   413 O O   . THR A 1 56 ? -6.128  -3.364  -12.209 1.00 22.39 ? 56  THR A O   1 
ATOM   414 C CB  . THR A 1 56 ? -6.314  -1.903  -9.118  1.00 26.71 ? 56  THR A CB  1 
ATOM   415 O OG1 . THR A 1 56 ? -6.729  -3.241  -8.853  1.00 21.80 ? 56  THR A OG1 1 
ATOM   416 C CG2 . THR A 1 56 ? -7.050  -0.860  -8.279  1.00 29.29 ? 56  THR A CG2 1 
ATOM   417 N N   . LYS A 1 57 ? -4.358  -2.341  -11.322 1.00 22.22 ? 57  LYS A N   1 
ATOM   418 C CA  . LYS A 1 57 ? -3.375  -3.183  -11.962 1.00 16.28 ? 57  LYS A CA  1 
ATOM   419 C C   . LYS A 1 57 ? -2.670  -3.913  -10.855 1.00 10.82 ? 57  LYS A C   1 
ATOM   420 O O   . LYS A 1 57 ? -1.952  -3.257  -10.120 1.00 7.65  ? 57  LYS A O   1 
ATOM   421 C CB  . LYS A 1 57 ? -2.374  -2.343  -12.691 1.00 18.52 ? 57  LYS A CB  1 
ATOM   422 C CG  . LYS A 1 57 ? -2.942  -1.760  -13.966 1.00 22.06 ? 57  LYS A CG  1 
ATOM   423 C CD  . LYS A 1 57 ? -1.893  -0.844  -14.516 1.00 22.03 ? 57  LYS A CD  1 
ATOM   424 C CE  . LYS A 1 57 ? -2.546  -0.316  -15.748 1.00 31.70 ? 57  LYS A CE  1 
ATOM   425 N NZ  . LYS A 1 57 ? -1.688  0.689   -16.345 1.00 43.03 ? 57  LYS A NZ  1 
ATOM   426 N N   . GLU A 1 58 ? -2.835  -5.221  -10.690 1.00 13.48 ? 58  GLU A N   1 
ATOM   427 C CA  . GLU A 1 58 ? -2.138  -5.945  -9.659  1.00 15.37 ? 58  GLU A CA  1 
ATOM   428 C C   . GLU A 1 58 ? -0.754  -6.423  -10.134 1.00 19.46 ? 58  GLU A C   1 
ATOM   429 O O   . GLU A 1 58 ? -0.641  -7.123  -11.143 1.00 24.35 ? 58  GLU A O   1 
ATOM   430 C CB  . GLU A 1 58 ? -3.014  -7.085  -9.266  1.00 15.09 ? 58  GLU A CB  1 
ATOM   431 C CG  . GLU A 1 58 ? -2.361  -7.729  -8.052  1.00 19.15 ? 58  GLU A CG  1 
ATOM   432 C CD  . GLU A 1 58 ? -2.821  -9.160  -7.886  1.00 26.59 ? 58  GLU A CD  1 
ATOM   433 O OE1 . GLU A 1 58 ? -2.587  -10.004 -8.761  1.00 34.41 ? 58  GLU A OE1 1 
ATOM   434 O OE2 . GLU A 1 58 ? -3.442  -9.425  -6.870  1.00 35.19 ? 58  GLU A OE2 1 
ATOM   435 N N   . TYR A 1 59 ? 0.287   -6.110  -9.367  1.00 18.06 ? 59  TYR A N   1 
ATOM   436 C CA  . TYR A 1 59 ? 1.660   -6.349  -9.721  1.00 15.51 ? 59  TYR A CA  1 
ATOM   437 C C   . TYR A 1 59 ? 2.139   -7.270  -8.661  1.00 17.93 ? 59  TYR A C   1 
ATOM   438 O O   . TYR A 1 59 ? 1.887   -6.886  -7.522  1.00 20.67 ? 59  TYR A O   1 
ATOM   439 C CB  . TYR A 1 59 ? 2.477   -5.069  -9.647  1.00 17.99 ? 59  TYR A CB  1 
ATOM   440 C CG  . TYR A 1 59 ? 2.219   -4.155  -10.829 1.00 19.90 ? 59  TYR A CG  1 
ATOM   441 C CD1 . TYR A 1 59 ? 2.751   -4.501  -12.068 1.00 19.55 ? 59  TYR A CD1 1 
ATOM   442 C CD2 . TYR A 1 59 ? 1.416   -3.043  -10.690 1.00 13.57 ? 59  TYR A CD2 1 
ATOM   443 C CE1 . TYR A 1 59 ? 2.473   -3.740  -13.185 1.00 18.32 ? 59  TYR A CE1 1 
ATOM   444 C CE2 . TYR A 1 59 ? 1.133   -2.293  -11.807 1.00 15.57 ? 59  TYR A CE2 1 
ATOM   445 C CZ  . TYR A 1 59 ? 1.659   -2.647  -13.042 1.00 18.68 ? 59  TYR A CZ  1 
ATOM   446 O OH  . TYR A 1 59 ? 1.337   -1.913  -14.165 1.00 22.30 ? 59  TYR A OH  1 
ATOM   447 N N   . LYS A 1 60 ? 2.806   -8.427  -8.877  1.00 19.61 ? 60  LYS A N   1 
ATOM   448 C CA  . LYS A 1 60 ? 3.206   -9.234  -7.731  1.00 17.17 ? 60  LYS A CA  1 
ATOM   449 C C   . LYS A 1 60 ? 4.662   -9.088  -7.447  1.00 15.96 ? 60  LYS A C   1 
ATOM   450 O O   . LYS A 1 60 ? 5.402   -8.587  -8.280  1.00 22.78 ? 60  LYS A O   1 
ATOM   451 C CB  . LYS A 1 60 ? 2.947   -10.719 -7.902  1.00 20.49 ? 60  LYS A CB  1 
ATOM   452 C CG  . LYS A 1 60 ? 1.493   -11.135 -8.067  1.00 22.11 ? 60  LYS A CG  1 
ATOM   453 C CD  . LYS A 1 60 ? 1.318   -12.528 -7.473  1.00 28.52 ? 60  LYS A CD  1 
ATOM   454 C CE  . LYS A 1 60 ? -0.057  -13.118 -7.745  1.00 28.83 ? 60  LYS A CE  1 
ATOM   455 N NZ  . LYS A 1 60 ? -0.228  -13.293 -9.178  1.00 32.21 ? 60  LYS A NZ  1 
ATOM   456 N N   . ASN A 1 61 ? 5.046   -9.503  -6.254  1.00 20.57 ? 61  ASN A N   1 
ATOM   457 C CA  . ASN A 1 61 ? 6.417   -9.403  -5.762  1.00 26.32 ? 61  ASN A CA  1 
ATOM   458 C C   . ASN A 1 61 ? 7.210   -8.130  -6.079  1.00 26.84 ? 61  ASN A C   1 
ATOM   459 O O   . ASN A 1 61 ? 8.372   -8.160  -6.468  1.00 31.37 ? 61  ASN A O   1 
ATOM   460 C CB  . ASN A 1 61 ? 7.230   -10.647 -6.234  1.00 30.75 ? 61  ASN A CB  1 
ATOM   461 C CG  . ASN A 1 61 ? 6.837   -11.987 -5.580  1.00 33.32 ? 61  ASN A CG  1 
ATOM   462 O OD1 . ASN A 1 61 ? 6.068   -12.797 -6.125  1.00 30.30 ? 61  ASN A OD1 1 
ATOM   463 N ND2 . ASN A 1 61 ? 7.334   -12.278 -4.373  1.00 29.22 ? 61  ASN A ND2 1 
ATOM   464 N N   . VAL A 1 62 ? 6.613   -6.958  -5.828  1.00 29.31 ? 62  VAL A N   1 
ATOM   465 C CA  . VAL A 1 62 ? 7.248   -5.645  -5.997  1.00 17.59 ? 62  VAL A CA  1 
ATOM   466 C C   . VAL A 1 62 ? 8.183   -5.417  -4.832  1.00 17.66 ? 62  VAL A C   1 
ATOM   467 O O   . VAL A 1 62 ? 7.969   -5.971  -3.746  1.00 19.85 ? 62  VAL A O   1 
ATOM   468 C CB  . VAL A 1 62 ? 6.139   -4.625  -6.040  1.00 13.88 ? 62  VAL A CB  1 
ATOM   469 C CG1 . VAL A 1 62 ? 6.655   -3.201  -6.067  1.00 10.21 ? 62  VAL A CG1 1 
ATOM   470 C CG2 . VAL A 1 62 ? 5.372   -4.899  -7.318  1.00 11.76 ? 62  VAL A CG2 1 
ATOM   471 N N   . GLU A 1 63 ? 9.184   -4.574  -5.014  1.00 20.02 ? 63  GLU A N   1 
ATOM   472 C CA  . GLU A 1 63 ? 10.187  -4.345  -3.989  1.00 26.00 ? 63  GLU A CA  1 
ATOM   473 C C   . GLU A 1 63 ? 9.880   -3.042  -3.254  1.00 25.10 ? 63  GLU A C   1 
ATOM   474 O O   . GLU A 1 63 ? 9.743   -1.996  -3.916  1.00 16.97 ? 63  GLU A O   1 
ATOM   475 C CB  . GLU A 1 63 ? 11.540  -4.266  -4.650  1.00 32.86 ? 63  GLU A CB  1 
ATOM   476 C CG  . GLU A 1 63 ? 12.589  -4.451  -3.573  1.00 51.15 ? 63  GLU A CG  1 
ATOM   477 C CD  . GLU A 1 63 ? 14.044  -4.335  -4.006  1.00 59.74 ? 63  GLU A CD  1 
ATOM   478 O OE1 . GLU A 1 63 ? 14.332  -4.158  -5.196  1.00 65.84 ? 63  GLU A OE1 1 
ATOM   479 O OE2 . GLU A 1 63 ? 14.900  -4.420  -3.122  1.00 65.65 ? 63  GLU A OE2 1 
ATOM   480 N N   . ILE A 1 64 ? 9.844   -3.122  -1.910  1.00 20.93 ? 64  ILE A N   1 
ATOM   481 C CA  . ILE A 1 64 ? 9.342   -2.052  -1.064  1.00 17.25 ? 64  ILE A CA  1 
ATOM   482 C C   . ILE A 1 64 ? 10.276  -1.890  0.122   1.00 22.78 ? 64  ILE A C   1 
ATOM   483 O O   . ILE A 1 64 ? 10.626  -2.827  0.847   1.00 21.28 ? 64  ILE A O   1 
ATOM   484 C CB  . ILE A 1 64 ? 7.908   -2.384  -0.531  1.00 17.43 ? 64  ILE A CB  1 
ATOM   485 C CG1 . ILE A 1 64 ? 6.865   -2.532  -1.627  1.00 15.54 ? 64  ILE A CG1 1 
ATOM   486 C CG2 . ILE A 1 64 ? 7.475   -1.240  0.351   1.00 16.75 ? 64  ILE A CG2 1 
ATOM   487 C CD1 . ILE A 1 64 ? 5.817   -3.610  -1.327  1.00 10.60 ? 64  ILE A CD1 1 
ATOM   488 N N   . GLU A 1 65 ? 10.671  -0.645  0.333   1.00 22.05 ? 65  GLU A N   1 
ATOM   489 C CA  . GLU A 1 65 ? 11.525  -0.310  1.447   1.00 23.95 ? 65  GLU A CA  1 
ATOM   490 C C   . GLU A 1 65 ? 10.683  0.641   2.295   1.00 23.73 ? 65  GLU A C   1 
ATOM   491 O O   . GLU A 1 65 ? 10.207  1.669   1.774   1.00 23.86 ? 65  GLU A O   1 
ATOM   492 C CB  . GLU A 1 65 ? 12.740  0.363   0.890   1.00 24.65 ? 65  GLU A CB  1 
ATOM   493 C CG  . GLU A 1 65 ? 13.567  0.969   1.999   1.00 34.10 ? 65  GLU A CG  1 
ATOM   494 C CD  . GLU A 1 65 ? 14.651  1.917   1.530   1.00 40.48 ? 65  GLU A CD  1 
ATOM   495 O OE1 . GLU A 1 65 ? 14.447  2.694   0.579   1.00 40.94 ? 65  GLU A OE1 1 
ATOM   496 O OE2 . GLU A 1 65 ? 15.708  1.863   2.164   1.00 45.97 ? 65  GLU A OE2 1 
ATOM   497 N N   . VAL A 1 66 ? 10.495  0.354   3.570   1.00 23.59 ? 66  VAL A N   1 
ATOM   498 C CA  . VAL A 1 66 ? 9.620   1.128   4.455   1.00 23.83 ? 66  VAL A CA  1 
ATOM   499 C C   . VAL A 1 66 ? 10.011  0.758   5.874   1.00 22.77 ? 66  VAL A C   1 
ATOM   500 O O   . VAL A 1 66 ? 10.351  -0.381  6.145   1.00 26.16 ? 66  VAL A O   1 
ATOM   501 C CB  . VAL A 1 66 ? 8.117   0.762   4.154   1.00 22.89 ? 66  VAL A CB  1 
ATOM   502 C CG1 . VAL A 1 66 ? 7.835   -0.703  4.459   1.00 22.42 ? 66  VAL A CG1 1 
ATOM   503 C CG2 . VAL A 1 66 ? 7.214   1.651   4.947   1.00 17.62 ? 66  VAL A CG2 1 
ATOM   504 N N   . LEU A 1 67 ? 10.064  1.689   6.803   1.00 26.11 ? 67  LEU A N   1 
ATOM   505 C CA  . LEU A 1 67 ? 10.400  1.432   8.210   1.00 25.28 ? 67  LEU A CA  1 
ATOM   506 C C   . LEU A 1 67 ? 11.665  0.602   8.483   1.00 23.89 ? 67  LEU A C   1 
ATOM   507 O O   . LEU A 1 67 ? 11.770  -0.212  9.404   1.00 22.68 ? 67  LEU A O   1 
ATOM   508 C CB  . LEU A 1 67 ? 9.164   0.797   8.889   1.00 23.53 ? 67  LEU A CB  1 
ATOM   509 C CG  . LEU A 1 67 ? 7.860   1.624   8.918   1.00 24.50 ? 67  LEU A CG  1 
ATOM   510 C CD1 . LEU A 1 67 ? 6.744   0.673   9.252   1.00 23.21 ? 67  LEU A CD1 1 
ATOM   511 C CD2 . LEU A 1 67 ? 7.913   2.784   9.926   1.00 27.05 ? 67  LEU A CD2 1 
ATOM   512 N N   . GLY A 1 68 ? 12.679  0.919   7.670   1.00 24.85 ? 68  GLY A N   1 
ATOM   513 C CA  . GLY A 1 68 ? 13.963  0.235   7.709   1.00 29.39 ? 68  GLY A CA  1 
ATOM   514 C C   . GLY A 1 68 ? 13.863  -1.242  7.297   1.00 34.61 ? 68  GLY A C   1 
ATOM   515 O O   . GLY A 1 68 ? 14.547  -2.084  7.893   1.00 38.36 ? 68  GLY A O   1 
ATOM   516 N N   . LYS A 1 69 ? 12.979  -1.642  6.368   1.00 31.66 ? 69  LYS A N   1 
ATOM   517 C CA  . LYS A 1 69 ? 12.961  -3.011  5.921   1.00 31.36 ? 69  LYS A CA  1 
ATOM   518 C C   . LYS A 1 69 ? 12.566  -2.988  4.491   1.00 28.44 ? 69  LYS A C   1 
ATOM   519 O O   . LYS A 1 69 ? 12.007  -2.017  3.987   1.00 26.46 ? 69  LYS A O   1 
ATOM   520 C CB  . LYS A 1 69 ? 11.982  -3.883  6.682   1.00 38.90 ? 69  LYS A CB  1 
ATOM   521 C CG  . LYS A 1 69 ? 10.559  -3.394  6.964   1.00 46.86 ? 69  LYS A CG  1 
ATOM   522 C CD  . LYS A 1 69 ? 10.311  -3.238  8.471   1.00 48.74 ? 69  LYS A CD  1 
ATOM   523 C CE  . LYS A 1 69 ? 10.559  -4.544  9.214   1.00 49.86 ? 69  LYS A CE  1 
ATOM   524 N NZ  . LYS A 1 69 ? 10.331  -4.367  10.630  1.00 55.04 ? 69  LYS A NZ  1 
ATOM   525 N N   . ARG A 1 70 ? 13.053  -4.044  3.857   1.00 30.33 ? 70  ARG A N   1 
ATOM   526 C CA  . ARG A 1 70 ? 12.884  -4.266  2.434   1.00 26.09 ? 70  ARG A CA  1 
ATOM   527 C C   . ARG A 1 70 ? 12.151  -5.584  2.438   1.00 23.60 ? 70  ARG A C   1 
ATOM   528 O O   . ARG A 1 70 ? 12.593  -6.572  3.029   1.00 21.55 ? 70  ARG A O   1 
ATOM   529 C CB  . ARG A 1 70 ? 14.238  -4.416  1.732   1.00 24.45 ? 70  ARG A CB  1 
ATOM   530 N N   . ILE A 1 71 ? 10.951  -5.501  1.893   1.00 22.06 ? 71  ILE A N   1 
ATOM   531 C CA  . ILE A 1 71 ? 10.017  -6.591  1.805   1.00 23.06 ? 71  ILE A CA  1 
ATOM   532 C C   . ILE A 1 71 ? 9.646   -6.591  0.326   1.00 22.98 ? 71  ILE A C   1 
ATOM   533 O O   . ILE A 1 71 ? 9.979   -5.667  -0.436  1.00 23.12 ? 71  ILE A O   1 
ATOM   534 C CB  . ILE A 1 71 ? 8.680   -6.382  2.680   1.00 25.75 ? 71  ILE A CB  1 
ATOM   535 C CG1 . ILE A 1 71 ? 8.072   -5.031  2.387   1.00 23.46 ? 71  ILE A CG1 1 
ATOM   536 C CG2 . ILE A 1 71 ? 8.965   -6.456  4.190   1.00 25.62 ? 71  ILE A CG2 1 
ATOM   537 C CD1 . ILE A 1 71 ? 6.564   -5.056  2.577   1.00 22.55 ? 71  ILE A CD1 1 
ATOM   538 N N   . LYS A 1 72 ? 8.983   -7.668  -0.067  1.00 19.20 ? 72  LYS A N   1 
ATOM   539 C CA  . LYS A 1 72 ? 8.462   -7.807  -1.397  1.00 24.28 ? 72  LYS A CA  1 
ATOM   540 C C   . LYS A 1 72 ? 6.956   -8.070  -1.204  1.00 22.66 ? 72  LYS A C   1 
ATOM   541 O O   . LYS A 1 72 ? 6.610   -8.762  -0.228  1.00 22.32 ? 72  LYS A O   1 
ATOM   542 C CB  . LYS A 1 72 ? 9.156   -8.987  -2.083  1.00 24.00 ? 72  LYS A CB  1 
ATOM   543 N N   . GLY A 1 73 ? 6.011   -7.534  -1.997  1.00 14.42 ? 73  GLY A N   1 
ATOM   544 C CA  . GLY A 1 73 ? 4.618   -7.906  -1.784  1.00 6.81  ? 73  GLY A CA  1 
ATOM   545 C C   . GLY A 1 73 ? 3.807   -7.500  -2.996  1.00 10.35 ? 73  GLY A C   1 
ATOM   546 O O   . GLY A 1 73 ? 4.355   -7.028  -4.003  1.00 8.73  ? 73  GLY A O   1 
ATOM   547 N N   . THR A 1 74 ? 2.509   -7.755  -2.979  1.00 10.51 ? 74  THR A N   1 
ATOM   548 C CA  . THR A 1 74 ? 1.655   -7.338  -4.068  1.00 14.33 ? 74  THR A CA  1 
ATOM   549 C C   . THR A 1 74 ? 1.269   -5.863  -3.853  1.00 21.04 ? 74  THR A C   1 
ATOM   550 O O   . THR A 1 74 ? 0.929   -5.471  -2.725  1.00 19.74 ? 74  THR A O   1 
ATOM   551 C CB  . THR A 1 74 ? 0.468   -8.253  -4.022  1.00 15.93 ? 74  THR A CB  1 
ATOM   552 O OG1 . THR A 1 74 ? 0.970   -9.570  -3.914  1.00 18.28 ? 74  THR A OG1 1 
ATOM   553 C CG2 . THR A 1 74 ? -0.384  -8.171  -5.240  1.00 13.18 ? 74  THR A CG2 1 
ATOM   554 N N   . ILE A 1 75 ? 1.329   -5.036  -4.909  1.00 20.41 ? 75  ILE A N   1 
ATOM   555 C CA  . ILE A 1 75 ? 0.916   -3.646  -4.881  1.00 18.12 ? 75  ILE A CA  1 
ATOM   556 C C   . ILE A 1 75 ? -0.042  -3.537  -6.060  1.00 18.89 ? 75  ILE A C   1 
ATOM   557 O O   . ILE A 1 75 ? 0.116   -4.248  -7.055  1.00 21.09 ? 75  ILE A O   1 
ATOM   558 C CB  . ILE A 1 75 ? 2.115   -2.688  -5.104  1.00 19.72 ? 75  ILE A CB  1 
ATOM   559 C CG1 . ILE A 1 75 ? 3.070   -2.690  -3.924  1.00 24.19 ? 75  ILE A CG1 1 
ATOM   560 C CG2 . ILE A 1 75 ? 1.596   -1.273  -5.295  1.00 21.85 ? 75  ILE A CG2 1 
ATOM   561 C CD1 . ILE A 1 75 ? 2.693   -1.831  -2.706  1.00 26.14 ? 75  ILE A CD1 1 
ATOM   562 N N   . MET A 1 76 ? -1.075  -2.699  -5.988  1.00 18.72 ? 76  MET A N   1 
ATOM   563 C CA  . MET A 1 76 ? -1.933  -2.440  -7.142  1.00 11.50 ? 76  MET A CA  1 
ATOM   564 C C   . MET A 1 76 ? -1.710  -0.972  -7.411  1.00 15.21 ? 76  MET A C   1 
ATOM   565 O O   . MET A 1 76 ? -1.236  -0.229  -6.537  1.00 12.86 ? 76  MET A O   1 
ATOM   566 C CB  . MET A 1 76 ? -3.411  -2.591  -6.888  1.00 18.04 ? 76  MET A CB  1 
ATOM   567 C CG  . MET A 1 76 ? -3.709  -3.939  -6.318  1.00 24.99 ? 76  MET A CG  1 
ATOM   568 S SD  . MET A 1 76 ? -5.481  -4.157  -6.220  1.00 33.73 ? 76  MET A SD  1 
ATOM   569 C CE  . MET A 1 76 ? -5.563  -5.838  -5.672  1.00 22.12 ? 76  MET A CE  1 
ATOM   570 N N   . THR A 1 77 ? -1.893  -0.543  -8.639  1.00 11.54 ? 77  THR A N   1 
ATOM   571 C CA  . THR A 1 77 ? -1.857  0.864   -8.900  1.00 17.74 ? 77  THR A CA  1 
ATOM   572 C C   . THR A 1 77 ? -3.249  1.113   -9.528  1.00 22.22 ? 77  THR A C   1 
ATOM   573 O O   . THR A 1 77 ? -3.888  0.222   -10.143 1.00 18.04 ? 77  THR A O   1 
ATOM   574 C CB  . THR A 1 77 ? -0.703  1.278   -9.899  1.00 17.34 ? 77  THR A CB  1 
ATOM   575 O OG1 . THR A 1 77 ? -0.961  0.684   -11.167 1.00 20.05 ? 77  THR A OG1 1 
ATOM   576 C CG2 . THR A 1 77 ? 0.657   0.908   -9.366  1.00 10.40 ? 77  THR A CG2 1 
ATOM   577 N N   . GLY A 1 78 ? -3.742  2.321   -9.315  1.00 19.29 ? 78  GLY A N   1 
ATOM   578 C CA  . GLY A 1 78 ? -5.025  2.718   -9.836  1.00 27.73 ? 78  GLY A CA  1 
ATOM   579 C C   . GLY A 1 78 ? -5.313  4.072   -9.242  1.00 30.15 ? 78  GLY A C   1 
ATOM   580 O O   . GLY A 1 78 ? -4.592  4.563   -8.368  1.00 31.69 ? 78  GLY A O   1 
ATOM   581 N N   . ASP A 1 79 ? -6.409  4.656   -9.692  1.00 33.10 ? 79  ASP A N   1 
ATOM   582 C CA  . ASP A 1 79 ? -6.787  6.027   -9.386  1.00 35.35 ? 79  ASP A CA  1 
ATOM   583 C C   . ASP A 1 79 ? -7.377  6.228   -8.001  1.00 31.75 ? 79  ASP A C   1 
ATOM   584 O O   . ASP A 1 79 ? -8.544  6.538   -7.821  1.00 31.58 ? 79  ASP A O   1 
ATOM   585 C CB  . ASP A 1 79 ? -7.737  6.419   -10.511 1.00 46.93 ? 79  ASP A CB  1 
ATOM   586 C CG  . ASP A 1 79 ? -8.251  7.848   -10.574 1.00 57.29 ? 79  ASP A CG  1 
ATOM   587 O OD1 . ASP A 1 79 ? -7.499  8.783   -10.239 1.00 62.91 ? 79  ASP A OD1 1 
ATOM   588 O OD2 . ASP A 1 79 ? -9.416  7.995   -10.981 1.00 63.00 ? 79  ASP A OD2 1 
ATOM   589 N N   . THR A 1 80 ? -6.563  5.974   -7.008  1.00 24.07 ? 80  THR A N   1 
ATOM   590 C CA  . THR A 1 80 ? -6.958  6.105   -5.645  1.00 23.21 ? 80  THR A CA  1 
ATOM   591 C C   . THR A 1 80 ? -6.671  7.581   -5.418  1.00 32.07 ? 80  THR A C   1 
ATOM   592 O O   . THR A 1 80 ? -5.781  8.157   -6.056  1.00 33.85 ? 80  THR A O   1 
ATOM   593 C CB  . THR A 1 80 ? -6.087  5.160   -4.793  1.00 19.86 ? 80  THR A CB  1 
ATOM   594 O OG1 . THR A 1 80 ? -6.523  5.318   -3.476  1.00 18.75 ? 80  THR A OG1 1 
ATOM   595 C CG2 . THR A 1 80 ? -4.622  5.465   -4.820  1.00 18.49 ? 80  THR A CG2 1 
ATOM   596 N N   . PRO A 1 81 ? -7.473  8.260   -4.595  1.00 36.85 ? 81  PRO A N   1 
ATOM   597 C CA  . PRO A 1 81 ? -7.180  9.585   -4.087  1.00 31.37 ? 81  PRO A CA  1 
ATOM   598 C C   . PRO A 1 81 ? -6.140  9.536   -2.999  1.00 30.69 ? 81  PRO A C   1 
ATOM   599 O O   . PRO A 1 81 ? -5.509  10.574  -2.758  1.00 33.88 ? 81  PRO A O   1 
ATOM   600 C CB  . PRO A 1 81 ? -8.510  10.094  -3.625  1.00 36.43 ? 81  PRO A CB  1 
ATOM   601 C CG  . PRO A 1 81 ? -9.226  8.838   -3.185  1.00 39.60 ? 81  PRO A CG  1 
ATOM   602 C CD  . PRO A 1 81 ? -8.852  7.882   -4.294  1.00 38.63 ? 81  PRO A CD  1 
ATOM   603 N N   . ILE A 1 82 ? -5.972  8.396   -2.292  1.00 27.60 ? 82  ILE A N   1 
ATOM   604 C CA  . ILE A 1 82 ? -4.903  8.286   -1.299  1.00 26.17 ? 82  ILE A CA  1 
ATOM   605 C C   . ILE A 1 82 ? -4.186  6.935   -1.412  1.00 23.26 ? 82  ILE A C   1 
ATOM   606 O O   . ILE A 1 82 ? -4.763  5.872   -1.628  1.00 28.07 ? 82  ILE A O   1 
ATOM   607 C CB  . ILE A 1 82 ? -5.409  8.420   0.156   1.00 29.63 ? 82  ILE A CB  1 
ATOM   608 C CG1 . ILE A 1 82 ? -6.232  9.671   0.350   1.00 36.41 ? 82  ILE A CG1 1 
ATOM   609 C CG2 . ILE A 1 82 ? -4.204  8.613   1.075   1.00 31.37 ? 82  ILE A CG2 1 
ATOM   610 C CD1 . ILE A 1 82 ? -6.493  9.977   1.823   1.00 43.36 ? 82  ILE A CD1 1 
ATOM   611 N N   . ASN A 1 83 ? -2.887  6.952   -1.236  1.00 14.82 ? 83  ASN A N   1 
ATOM   612 C CA  . ASN A 1 83 ? -2.111  5.774   -1.346  1.00 12.14 ? 83  ASN A CA  1 
ATOM   613 C C   . ASN A 1 83 ? -2.230  5.042   -0.043  1.00 10.21 ? 83  ASN A C   1 
ATOM   614 O O   . ASN A 1 83 ? -1.905  5.619   1.007   1.00 7.97  ? 83  ASN A O   1 
ATOM   615 C CB  . ASN A 1 83 ? -0.641  6.090   -1.553  1.00 20.37 ? 83  ASN A CB  1 
ATOM   616 C CG  . ASN A 1 83 ? -0.295  6.936   -2.754  1.00 19.29 ? 83  ASN A CG  1 
ATOM   617 O OD1 . ASN A 1 83 ? -0.934  6.913   -3.802  1.00 18.46 ? 83  ASN A OD1 1 
ATOM   618 N ND2 . ASN A 1 83 ? 0.745   7.717   -2.605  1.00 19.64 ? 83  ASN A ND2 1 
ATOM   619 N N   . ILE A 1 84 ? -2.648  3.786   -0.044  1.00 13.40 ? 84  ILE A N   1 
ATOM   620 C CA  . ILE A 1 84 ? -2.613  3.036   1.193   1.00 18.84 ? 84  ILE A CA  1 
ATOM   621 C C   . ILE A 1 84 ? -1.838  1.713   1.158   1.00 15.13 ? 84  ILE A C   1 
ATOM   622 O O   . ILE A 1 84 ? -1.768  1.052   0.116   1.00 17.14 ? 84  ILE A O   1 
ATOM   623 C CB  . ILE A 1 84 ? -4.067  2.741   1.685   1.00 24.16 ? 84  ILE A CB  1 
ATOM   624 C CG1 . ILE A 1 84 ? -4.852  1.780   0.795   1.00 21.82 ? 84  ILE A CG1 1 
ATOM   625 C CG2 . ILE A 1 84 ? -4.796  4.097   1.719   1.00 30.09 ? 84  ILE A CG2 1 
ATOM   626 C CD1 . ILE A 1 84 ? -5.374  2.389   -0.518  1.00 26.20 ? 84  ILE A CD1 1 
ATOM   627 N N   . PHE A 1 85 ? -1.239  1.333   2.290   1.00 8.25  ? 85  PHE A N   1 
ATOM   628 C CA  . PHE A 1 85 ? -0.682  0.014   2.515   1.00 13.36 ? 85  PHE A CA  1 
ATOM   629 C C   . PHE A 1 85 ? -1.723  -0.760  3.329   1.00 17.42 ? 85  PHE A C   1 
ATOM   630 O O   . PHE A 1 85 ? -1.942  -0.451  4.499   1.00 17.87 ? 85  PHE A O   1 
ATOM   631 C CB  . PHE A 1 85 ? 0.653   0.025   3.321   1.00 8.56  ? 85  PHE A CB  1 
ATOM   632 C CG  . PHE A 1 85 ? 1.861   0.329   2.435   1.00 10.33 ? 85  PHE A CG  1 
ATOM   633 C CD1 . PHE A 1 85 ? 1.708   0.770   1.110   1.00 9.56  ? 85  PHE A CD1 1 
ATOM   634 C CD2 . PHE A 1 85 ? 3.126   0.194   2.956   1.00 11.60 ? 85  PHE A CD2 1 
ATOM   635 C CE1 . PHE A 1 85 ? 2.793   1.077   0.316   1.00 10.71 ? 85  PHE A CE1 1 
ATOM   636 C CE2 . PHE A 1 85 ? 4.219   0.503   2.147   1.00 14.40 ? 85  PHE A CE2 1 
ATOM   637 C CZ  . PHE A 1 85 ? 4.059   0.942   0.849   1.00 9.29  ? 85  PHE A CZ  1 
ATOM   638 N N   . GLY A 1 86 ? -2.385  -1.731  2.702   1.00 16.13 ? 86  GLY A N   1 
ATOM   639 C CA  . GLY A 1 86 ? -3.373  -2.559  3.321   1.00 7.49  ? 86  GLY A CA  1 
ATOM   640 C C   . GLY A 1 86 ? -2.693  -3.557  4.226   1.00 12.09 ? 86  GLY A C   1 
ATOM   641 O O   . GLY A 1 86 ? -1.476  -3.541  4.463   1.00 12.89 ? 86  GLY A O   1 
ATOM   642 N N   . ARG A 1 87 ? -3.517  -4.478  4.724   1.00 14.73 ? 87  ARG A N   1 
ATOM   643 C CA  . ARG A 1 87 ? -3.114  -5.528  5.646   1.00 19.26 ? 87  ARG A CA  1 
ATOM   644 C C   . ARG A 1 87 ? -2.163  -6.537  5.022   1.00 19.09 ? 87  ARG A C   1 
ATOM   645 O O   . ARG A 1 87 ? -1.411  -7.189  5.741   1.00 15.05 ? 87  ARG A O   1 
ATOM   646 C CB  . ARG A 1 87 ? -4.337  -6.283  6.162   1.00 19.85 ? 87  ARG A CB  1 
ATOM   647 C CG  . ARG A 1 87 ? -5.213  -5.650  7.256   1.00 15.99 ? 87  ARG A CG  1 
ATOM   648 C CD  . ARG A 1 87 ? -6.166  -6.707  7.871   1.00 6.37  ? 87  ARG A CD  1 
ATOM   649 N NE  . ARG A 1 87 ? -7.004  -7.218  6.809   1.00 13.70 ? 87  ARG A NE  1 
ATOM   650 C CZ  . ARG A 1 87 ? -7.028  -8.496  6.395   1.00 10.77 ? 87  ARG A CZ  1 
ATOM   651 N NH1 . ARG A 1 87 ? -6.314  -9.462  6.970   1.00 13.87 ? 87  ARG A NH1 1 
ATOM   652 N NH2 . ARG A 1 87 ? -7.837  -8.812  5.399   1.00 5.98  ? 87  ARG A NH2 1 
ATOM   653 N N   . ASN A 1 88 ? -2.172  -6.635  3.686   1.00 22.27 ? 88  ASN A N   1 
ATOM   654 C CA  . ASN A 1 88 ? -1.276  -7.539  2.967   1.00 20.43 ? 88  ASN A CA  1 
ATOM   655 C C   . ASN A 1 88 ? 0.108   -7.087  3.290   1.00 19.30 ? 88  ASN A C   1 
ATOM   656 O O   . ASN A 1 88 ? 0.866   -7.928  3.760   1.00 15.81 ? 88  ASN A O   1 
ATOM   657 C CB  . ASN A 1 88 ? -1.512  -7.510  1.446   1.00 17.17 ? 88  ASN A CB  1 
ATOM   658 C CG  . ASN A 1 88 ? -1.277  -6.221  0.701   1.00 20.30 ? 88  ASN A CG  1 
ATOM   659 O OD1 . ASN A 1 88 ? -1.694  -5.153  1.141   1.00 16.05 ? 88  ASN A OD1 1 
ATOM   660 N ND2 . ASN A 1 88 ? -0.601  -6.284  -0.434  1.00 18.96 ? 88  ASN A ND2 1 
ATOM   661 N N   . LEU A 1 89 ? 0.411   -5.783  3.199   1.00 15.83 ? 89  LEU A N   1 
ATOM   662 C CA  . LEU A 1 89 ? 1.722   -5.333  3.642   1.00 14.81 ? 89  LEU A CA  1 
ATOM   663 C C   . LEU A 1 89 ? 1.928   -5.130  5.149   1.00 15.37 ? 89  LEU A C   1 
ATOM   664 O O   . LEU A 1 89 ? 2.982   -5.500  5.700   1.00 17.44 ? 89  LEU A O   1 
ATOM   665 C CB  . LEU A 1 89 ? 2.105   -4.029  2.895   1.00 17.92 ? 89  LEU A CB  1 
ATOM   666 C CG  . LEU A 1 89 ? 2.186   -4.049  1.348   1.00 21.70 ? 89  LEU A CG  1 
ATOM   667 C CD1 . LEU A 1 89 ? 2.958   -2.853  0.938   1.00 19.94 ? 89  LEU A CD1 1 
ATOM   668 C CD2 . LEU A 1 89 ? 2.923   -5.281  0.781   1.00 17.17 ? 89  LEU A CD2 1 
ATOM   669 N N   . LEU A 1 90 ? 0.983   -4.585  5.918   1.00 15.74 ? 90  LEU A N   1 
ATOM   670 C CA  . LEU A 1 90 ? 1.169   -4.357  7.349   1.00 7.75  ? 90  LEU A CA  1 
ATOM   671 C C   . LEU A 1 90 ? 1.562   -5.607  8.068   1.00 8.62  ? 90  LEU A C   1 
ATOM   672 O O   . LEU A 1 90 ? 2.273   -5.535  9.061   1.00 12.21 ? 90  LEU A O   1 
ATOM   673 C CB  . LEU A 1 90 ? -0.106  -3.829  8.015   1.00 12.58 ? 90  LEU A CB  1 
ATOM   674 C CG  . LEU A 1 90 ? -0.791  -2.573  7.524   1.00 11.99 ? 90  LEU A CG  1 
ATOM   675 C CD1 . LEU A 1 90 ? -1.695  -2.083  8.618   1.00 13.63 ? 90  LEU A CD1 1 
ATOM   676 C CD2 . LEU A 1 90 ? 0.183   -1.464  7.253   1.00 12.15 ? 90  LEU A CD2 1 
ATOM   677 N N   . THR A 1 91 ? 1.106   -6.771  7.601   1.00 16.45 ? 91  THR A N   1 
ATOM   678 C CA  . THR A 1 91 ? 1.516   -8.050  8.183   1.00 21.10 ? 91  THR A CA  1 
ATOM   679 C C   . THR A 1 91 ? 2.962   -8.402  7.849   1.00 16.36 ? 91  THR A C   1 
ATOM   680 O O   . THR A 1 91 ? 3.701   -8.945  8.667   1.00 18.84 ? 91  THR A O   1 
ATOM   681 C CB  . THR A 1 91 ? 0.610   -9.154  7.679   1.00 20.60 ? 91  THR A CB  1 
ATOM   682 O OG1 . THR A 1 91 ? 0.740   -9.040  6.264   1.00 24.03 ? 91  THR A OG1 1 
ATOM   683 C CG2 . THR A 1 91 ? -0.852  -9.081  8.220   1.00 19.82 ? 91  THR A CG2 1 
ATOM   684 N N   . ALA A 1 92 ? 3.377   -8.051  6.642   1.00 19.37 ? 92  ALA A N   1 
ATOM   685 C CA  . ALA A 1 92 ? 4.757   -8.231  6.225   1.00 18.27 ? 92  ALA A CA  1 
ATOM   686 C C   . ALA A 1 92 ? 5.598   -7.396  7.136   1.00 19.25 ? 92  ALA A C   1 
ATOM   687 O O   . ALA A 1 92 ? 6.709   -7.825  7.397   1.00 30.67 ? 92  ALA A O   1 
ATOM   688 C CB  . ALA A 1 92 ? 5.018   -7.736  4.811   1.00 14.70 ? 92  ALA A CB  1 
ATOM   689 N N   . LEU A 1 93 ? 5.118   -6.249  7.650   1.00 20.51 ? 93  LEU A N   1 
ATOM   690 C CA  . LEU A 1 93 ? 5.907   -5.401  8.543   1.00 13.26 ? 93  LEU A CA  1 
ATOM   691 C C   . LEU A 1 93 ? 5.757   -5.691  10.020  1.00 14.31 ? 93  LEU A C   1 
ATOM   692 O O   . LEU A 1 93 ? 6.362   -5.017  10.861  1.00 18.60 ? 93  LEU A O   1 
ATOM   693 C CB  . LEU A 1 93 ? 5.569   -3.954  8.310   1.00 10.69 ? 93  LEU A CB  1 
ATOM   694 C CG  . LEU A 1 93 ? 5.607   -3.549  6.831   1.00 15.81 ? 93  LEU A CG  1 
ATOM   695 C CD1 . LEU A 1 93 ? 5.080   -2.120  6.601   1.00 13.89 ? 93  LEU A CD1 1 
ATOM   696 C CD2 . LEU A 1 93 ? 7.044   -3.655  6.381   1.00 18.28 ? 93  LEU A CD2 1 
ATOM   697 N N   . GLY A 1 94 ? 4.993   -6.705  10.409  1.00 18.17 ? 94  GLY A N   1 
ATOM   698 C CA  . GLY A 1 94 ? 4.847   -7.039  11.833  1.00 18.13 ? 94  GLY A CA  1 
ATOM   699 C C   . GLY A 1 94 ? 4.040   -5.996  12.614  1.00 22.19 ? 94  GLY A C   1 
ATOM   700 O O   . GLY A 1 94 ? 4.287   -5.728  13.796  1.00 23.73 ? 94  GLY A O   1 
ATOM   701 N N   . MET A 1 95 ? 3.057   -5.371  11.972  1.00 18.83 ? 95  MET A N   1 
ATOM   702 C CA  . MET A 1 95 ? 2.262   -4.393  12.678  1.00 23.43 ? 95  MET A CA  1 
ATOM   703 C C   . MET A 1 95 ? 1.043   -4.995  13.333  1.00 24.38 ? 95  MET A C   1 
ATOM   704 O O   . MET A 1 95 ? 0.366   -5.849  12.747  1.00 25.82 ? 95  MET A O   1 
ATOM   705 C CB  . MET A 1 95 ? 1.808   -3.304  11.742  1.00 26.92 ? 95  MET A CB  1 
ATOM   706 C CG  . MET A 1 95 ? 3.045   -2.684  11.179  1.00 26.32 ? 95  MET A CG  1 
ATOM   707 S SD  . MET A 1 95 ? 2.859   -0.984  10.655  1.00 33.14 ? 95  MET A SD  1 
ATOM   708 C CE  . MET A 1 95 ? 4.110   -0.428  11.785  1.00 27.85 ? 95  MET A CE  1 
ATOM   709 N N   . SER A 1 96 ? 0.811   -4.597  14.584  1.00 24.60 ? 96  SER A N   1 
ATOM   710 C CA  . SER A 1 96 ? -0.421  -4.950  15.262  1.00 21.45 ? 96  SER A CA  1 
ATOM   711 C C   . SER A 1 96 ? -1.128  -3.679  15.762  1.00 21.74 ? 96  SER A C   1 
ATOM   712 O O   . SER A 1 96 ? -0.593  -2.562  15.824  1.00 18.05 ? 96  SER A O   1 
ATOM   713 C CB  . SER A 1 96 ? -0.108  -5.899  16.402  1.00 11.74 ? 96  SER A CB  1 
ATOM   714 O OG  . SER A 1 96 ? 0.979   -5.462  17.188  1.00 18.45 ? 96  SER A OG  1 
ATOM   715 N N   . LEU A 1 97 ? -2.430  -3.847  15.931  1.00 20.49 ? 97  LEU A N   1 
ATOM   716 C CA  . LEU A 1 97 ? -3.284  -2.828  16.474  1.00 25.27 ? 97  LEU A CA  1 
ATOM   717 C C   . LEU A 1 97 ? -3.309  -3.205  17.962  1.00 27.46 ? 97  LEU A C   1 
ATOM   718 O O   . LEU A 1 97 ? -3.667  -4.324  18.341  1.00 32.39 ? 97  LEU A O   1 
ATOM   719 C CB  . LEU A 1 97 ? -4.608  -2.973  15.791  1.00 22.12 ? 97  LEU A CB  1 
ATOM   720 C CG  . LEU A 1 97 ? -5.610  -1.850  15.863  1.00 21.74 ? 97  LEU A CG  1 
ATOM   721 C CD1 . LEU A 1 97 ? -4.944  -0.552  15.447  1.00 19.50 ? 97  LEU A CD1 1 
ATOM   722 C CD2 . LEU A 1 97 ? -6.802  -2.160  14.929  1.00 20.81 ? 97  LEU A CD2 1 
ATOM   723 N N   . ASN A 1 98 ? -2.868  -2.294  18.819  1.00 27.72 ? 98  ASN A N   1 
ATOM   724 C CA  . ASN A 1 98 ? -2.758  -2.546  20.236  1.00 27.57 ? 98  ASN A CA  1 
ATOM   725 C C   . ASN A 1 98 ? -3.577  -1.590  21.086  1.00 28.96 ? 98  ASN A C   1 
ATOM   726 O O   . ASN A 1 98 ? -3.757  -0.418  20.742  1.00 29.05 ? 98  ASN A O   1 
ATOM   727 C CB  . ASN A 1 98 ? -1.286  -2.459  20.631  1.00 34.08 ? 98  ASN A CB  1 
ATOM   728 C CG  . ASN A 1 98 ? -0.530  -3.750  20.328  1.00 34.48 ? 98  ASN A CG  1 
ATOM   729 O OD1 . ASN A 1 98 ? -0.652  -4.364  19.267  1.00 38.54 ? 98  ASN A OD1 1 
ATOM   730 N ND2 . ASN A 1 98 ? 0.256   -4.267  21.261  1.00 35.35 ? 98  ASN A ND2 1 
ATOM   731 N N   . PHE A 1 99 ? -4.094  -2.106  22.190  1.00 27.08 ? 99  PHE A N   1 
ATOM   732 C CA  . PHE A 1 99 ? -4.883  -1.367  23.146  1.00 31.77 ? 99  PHE A CA  1 
ATOM   733 C C   . PHE A 1 99 ? -4.673  -2.038  24.512  1.00 37.66 ? 99  PHE A C   1 
ATOM   734 O O   . PHE A 1 99 ? -3.817  -2.927  24.662  1.00 47.35 ? 99  PHE A O   1 
ATOM   735 C CB  . PHE A 1 99 ? -6.374  -1.383  22.746  1.00 23.15 ? 99  PHE A CB  1 
ATOM   736 C CG  . PHE A 1 99 ? -7.024  -2.745  22.752  1.00 22.47 ? 99  PHE A CG  1 
ATOM   737 C CD1 . PHE A 1 99 ? -6.917  -3.562  21.649  1.00 24.26 ? 99  PHE A CD1 1 
ATOM   738 C CD2 . PHE A 1 99 ? -7.723  -3.162  23.852  1.00 23.80 ? 99  PHE A CD2 1 
ATOM   739 C CE1 . PHE A 1 99 ? -7.515  -4.797  21.649  1.00 24.89 ? 99  PHE A CE1 1 
ATOM   740 C CE2 . PHE A 1 99 ? -8.318  -4.405  23.844  1.00 28.51 ? 99  PHE A CE2 1 
ATOM   741 C CZ  . PHE A 1 99 ? -8.219  -5.226  22.744  1.00 25.77 ? 99  PHE A CZ  1 
ATOM   742 O OXT . PHE A 1 99 ? -5.349  -1.645  25.449  1.00 43.75 ? 99  PHE A OXT 1 
HETATM 743 C C1  . EPN B 2 .  ? -9.738  1.618   3.712   0.50 7.82  ? 101 EPN A C1  1 
HETATM 744 O O17 . EPN B 2 .  ? -10.487 1.346   2.511   0.50 13.35 ? 101 EPN A O17 1 
HETATM 745 C C2  . EPN B 2 .  ? -8.489  2.439   3.472   0.50 7.50  ? 101 EPN A C2  1 
HETATM 746 C C3  . EPN B 2 .  ? -8.688  3.778   2.759   0.50 9.92  ? 101 EPN A C3  1 
HETATM 747 O O18 . EPN B 2 .  ? -8.890  5.009   3.363   0.50 11.96 ? 101 EPN A O18 1 
HETATM 748 C C4  . EPN B 2 .  ? -9.675  7.628   0.812   0.50 17.34 ? 101 EPN A C4  1 
HETATM 749 C C5  . EPN B 2 .  ? -9.585  8.791   1.586   0.50 17.32 ? 101 EPN A C5  1 
HETATM 750 N N11 . EPN B 2 .  ? -9.810  10.186  1.017   0.50 16.98 ? 101 EPN A N11 1 
HETATM 751 O O14 . EPN B 2 .  ? -10.084 10.241  -0.150  0.50 16.03 ? 101 EPN A O14 1 
HETATM 752 O O16 . EPN B 2 .  ? -9.691  11.080  1.809   0.50 19.47 ? 101 EPN A O16 1 
HETATM 753 C C6  . EPN B 2 .  ? -9.259  8.629   2.925   0.50 14.67 ? 101 EPN A C6  1 
HETATM 754 C C7  . EPN B 2 .  ? -9.030  7.391   3.462   0.50 14.23 ? 101 EPN A C7  1 
HETATM 755 C C8  . EPN B 2 .  ? -9.134  6.260   2.693   0.50 13.30 ? 101 EPN A C8  1 
HETATM 756 C C9  . EPN B 2 .  ? -9.457  6.365   1.360   0.50 15.26 ? 101 EPN A C9  1 
HETATM 757 O O   . HOH C 3 .  ? -12.867 3.564   0.798   0.50 7.77  ? 301 HOH A O   1 
HETATM 758 O O   . HOH C 3 .  ? -9.159  -4.933  6.658   1.00 29.43 ? 302 HOH A O   1 
HETATM 759 O O   . HOH C 3 .  ? -3.648  6.268   19.939  1.00 35.50 ? 303 HOH A O   1 
HETATM 760 O O   . HOH C 3 .  ? -2.006  -5.534  -2.730  1.00 15.28 ? 304 HOH A O   1 
HETATM 761 O O   . HOH C 3 .  ? 1.532   -9.156  -0.402  1.00 29.27 ? 305 HOH A O   1 
HETATM 762 O O   . HOH C 3 .  ? -0.409  8.585   13.230  1.00 18.96 ? 306 HOH A O   1 
HETATM 763 O O   . HOH C 3 .  ? -1.941  -9.675  -1.867  1.00 44.39 ? 308 HOH A O   1 
HETATM 764 O O   . HOH C 3 .  ? 3.499   10.421  -2.673  1.00 72.61 ? 309 HOH A O   1 
HETATM 765 O O   . HOH C 3 .  ? 8.783   8.362   6.334   1.00 28.71 ? 310 HOH A O   1 
HETATM 766 O O   . HOH C 3 .  ? -1.183  15.244  2.830   1.00 54.30 ? 311 HOH A O   1 
HETATM 767 O O   . HOH C 3 .  ? 12.689  0.279   -3.400  1.00 32.11 ? 312 HOH A O   1 
HETATM 768 O O   . HOH C 3 .  ? -12.750 -5.118  -3.151  1.00 42.73 ? 313 HOH A O   1 
HETATM 769 O O   . HOH C 3 .  ? 11.258  -1.669  11.545  1.00 33.71 ? 314 HOH A O   1 
HETATM 770 O O   . HOH C 3 .  ? -2.568  2.058   -12.905 1.00 25.36 ? 315 HOH A O   1 
HETATM 771 O O   . HOH C 3 .  ? -0.494  10.884  16.368  1.00 41.92 ? 316 HOH A O   1 
HETATM 772 O O   . HOH C 3 .  ? -4.153  15.198  6.478   1.00 51.93 ? 317 HOH A O   1 
HETATM 773 O O   . HOH C 3 .  ? 16.426  -2.689  -0.182  1.00 44.82 ? 318 HOH A O   1 
HETATM 774 O O   . HOH C 3 .  ? -1.211  8.826   -11.610 1.00 71.58 ? 319 HOH A O   1 
HETATM 775 O O   . HOH C 3 .  ? -11.084 3.606   -12.348 1.00 38.88 ? 320 HOH A O   1 
HETATM 776 O O   . HOH C 3 .  ? -4.721  -9.052  3.017   1.00 28.21 ? 321 HOH A O   1 
HETATM 777 O O   . HOH C 3 .  ? 11.969  -6.867  13.593  1.00 53.01 ? 322 HOH A O   1 
HETATM 778 O O   . HOH C 3 .  ? -10.927 -10.861 2.571   1.00 60.77 ? 323 HOH A O   1 
HETATM 779 O O   . HOH C 3 .  ? 6.366   10.453  6.060   1.00 34.51 ? 324 HOH A O   1 
HETATM 780 O O   . HOH C 3 .  ? -3.268  -10.194 5.029   1.00 30.94 ? 325 HOH A O   1 
# 
